data_1LSX
# 
_entry.id   1LSX 
# 
_audit_conform.dict_name       mmcif_pdbx.dic 
_audit_conform.dict_version    5.386 
_audit_conform.dict_location   http://mmcif.pdb.org/dictionaries/ascii/mmcif_pdbx.dic 
# 
loop_
_database_2.database_id 
_database_2.database_code 
_database_2.pdbx_database_accession 
_database_2.pdbx_DOI 
PDB   1LSX         pdb_00001lsx 10.2210/pdb1lsx/pdb 
RCSB  RCSB016251   ?            ?                   
WWPDB D_1000016251 ?            ?                   
# 
loop_
_pdbx_audit_revision_history.ordinal 
_pdbx_audit_revision_history.data_content_type 
_pdbx_audit_revision_history.major_revision 
_pdbx_audit_revision_history.minor_revision 
_pdbx_audit_revision_history.revision_date 
1 'Structure model' 1 0 2002-11-20 
2 'Structure model' 1 1 2008-04-28 
3 'Structure model' 1 2 2011-07-13 
4 'Structure model' 1 3 2017-02-01 
5 'Structure model' 1 4 2024-02-14 
# 
_pdbx_audit_revision_details.ordinal             1 
_pdbx_audit_revision_details.revision_ordinal    1 
_pdbx_audit_revision_details.data_content_type   'Structure model' 
_pdbx_audit_revision_details.provider            repository 
_pdbx_audit_revision_details.type                'Initial release' 
_pdbx_audit_revision_details.description         ? 
_pdbx_audit_revision_details.details             ? 
# 
loop_
_pdbx_audit_revision_group.ordinal 
_pdbx_audit_revision_group.revision_ordinal 
_pdbx_audit_revision_group.data_content_type 
_pdbx_audit_revision_group.group 
1 2 'Structure model' 'Version format compliance' 
2 3 'Structure model' 'Version format compliance' 
3 4 'Structure model' 'Structure summary'         
4 5 'Structure model' 'Data collection'           
5 5 'Structure model' 'Database references'       
6 5 'Structure model' 'Derived calculations'      
7 5 'Structure model' 'Refinement description'    
# 
loop_
_pdbx_audit_revision_category.ordinal 
_pdbx_audit_revision_category.revision_ordinal 
_pdbx_audit_revision_category.data_content_type 
_pdbx_audit_revision_category.category 
1 5 'Structure model' chem_comp_atom                
2 5 'Structure model' chem_comp_bond                
3 5 'Structure model' database_2                    
4 5 'Structure model' pdbx_initial_refinement_model 
5 5 'Structure model' pdbx_struct_conn_angle        
6 5 'Structure model' struct_conn                   
7 5 'Structure model' struct_ref_seq_dif            
8 5 'Structure model' struct_site                   
# 
loop_
_pdbx_audit_revision_item.ordinal 
_pdbx_audit_revision_item.revision_ordinal 
_pdbx_audit_revision_item.data_content_type 
_pdbx_audit_revision_item.item 
1  5 'Structure model' '_database_2.pdbx_DOI'                        
2  5 'Structure model' '_database_2.pdbx_database_accession'         
3  5 'Structure model' '_pdbx_struct_conn_angle.ptnr1_auth_comp_id'  
4  5 'Structure model' '_pdbx_struct_conn_angle.ptnr1_auth_seq_id'   
5  5 'Structure model' '_pdbx_struct_conn_angle.ptnr1_label_asym_id' 
6  5 'Structure model' '_pdbx_struct_conn_angle.ptnr1_label_atom_id' 
7  5 'Structure model' '_pdbx_struct_conn_angle.ptnr1_label_comp_id' 
8  5 'Structure model' '_pdbx_struct_conn_angle.ptnr1_label_seq_id'  
9  5 'Structure model' '_pdbx_struct_conn_angle.ptnr3_auth_comp_id'  
10 5 'Structure model' '_pdbx_struct_conn_angle.ptnr3_auth_seq_id'   
11 5 'Structure model' '_pdbx_struct_conn_angle.ptnr3_label_asym_id' 
12 5 'Structure model' '_pdbx_struct_conn_angle.ptnr3_label_atom_id' 
13 5 'Structure model' '_pdbx_struct_conn_angle.ptnr3_label_comp_id' 
14 5 'Structure model' '_pdbx_struct_conn_angle.ptnr3_label_seq_id'  
15 5 'Structure model' '_pdbx_struct_conn_angle.value'               
16 5 'Structure model' '_struct_conn.pdbx_dist_value'                
17 5 'Structure model' '_struct_conn.ptnr1_auth_comp_id'             
18 5 'Structure model' '_struct_conn.ptnr1_auth_seq_id'              
19 5 'Structure model' '_struct_conn.ptnr1_label_asym_id'            
20 5 'Structure model' '_struct_conn.ptnr1_label_atom_id'            
21 5 'Structure model' '_struct_conn.ptnr1_label_comp_id'            
22 5 'Structure model' '_struct_conn.ptnr1_label_seq_id'             
23 5 'Structure model' '_struct_conn.ptnr2_auth_comp_id'             
24 5 'Structure model' '_struct_conn.ptnr2_auth_seq_id'              
25 5 'Structure model' '_struct_conn.ptnr2_label_asym_id'            
26 5 'Structure model' '_struct_conn.ptnr2_label_atom_id'            
27 5 'Structure model' '_struct_conn.ptnr2_label_comp_id'            
28 5 'Structure model' '_struct_conn.ptnr2_label_seq_id'             
29 5 'Structure model' '_struct_ref_seq_dif.details'                 
30 5 'Structure model' '_struct_site.pdbx_auth_asym_id'              
31 5 'Structure model' '_struct_site.pdbx_auth_comp_id'              
32 5 'Structure model' '_struct_site.pdbx_auth_seq_id'               
# 
_pdbx_database_status.status_code                     REL 
_pdbx_database_status.entry_id                        1LSX 
_pdbx_database_status.recvd_initial_deposition_date   2002-05-20 
_pdbx_database_status.deposit_site                    RCSB 
_pdbx_database_status.process_site                    RCSB 
_pdbx_database_status.SG_entry                        . 
_pdbx_database_status.status_code_sf                  ? 
_pdbx_database_status.status_code_mr                  ? 
_pdbx_database_status.status_code_cs                  ? 
_pdbx_database_status.methods_development_category    ? 
_pdbx_database_status.pdb_format_compatible           Y 
_pdbx_database_status.status_code_nmr_data            ? 
# 
loop_
_pdbx_database_related.db_name 
_pdbx_database_related.db_id 
_pdbx_database_related.details 
_pdbx_database_related.content_type 
PDB 1DP6 'Oxygen-Binding Complex Of Fixl Heme Domain'                   unspecified 
PDB 1DP8 'Crystal Structure Of The Nitric Oxide Bound Fixl Heme Domain' unspecified 
PDB 1DP9 'Crystal Structure Of Imidazole-Bound Fixl Heme Domain'        unspecified 
PDB 1DRM 'Crystal Structure Of The Ligand Free Bjfixl Heme Domain'      unspecified 
PDB 1LSV 'Crystal structure of the CO-bound BjFixL heme domain'         unspecified 
PDB 1LSW 'Crystal structure of the ferrous BjFixL heme domain'          unspecified 
PDB 1LT0 'Crystal structure of the CN-bound BjFixL heme domain'         unspecified 
# 
loop_
_audit_author.name 
_audit_author.pdbx_ordinal 
'Hao, B.'    1 
'Isaza, C.'  2 
'Arndt, J.'  3 
'Soltis, M.' 4 
'Chan, M.K.' 5 
# 
_citation.id                        primary 
_citation.title                     
;Structure-based mechanism of O2 sensing and ligand discrimination by
the FixL heme domain of Bradyrhizobium japonicum
;
_citation.journal_abbrev            Biochemistry 
_citation.journal_volume            41 
_citation.page_first                12952 
_citation.page_last                 12958 
_citation.year                      2002 
_citation.journal_id_ASTM           BICHAW 
_citation.country                   US 
_citation.journal_id_ISSN           0006-2960 
_citation.journal_id_CSD            0033 
_citation.book_publisher            ? 
_citation.pdbx_database_id_PubMed   12390021 
_citation.pdbx_database_id_DOI      10.1021/bi020144l 
# 
loop_
_citation_author.citation_id 
_citation_author.name 
_citation_author.ordinal 
_citation_author.identifier_ORCID 
primary 'Hao, B.'    1 ? 
primary 'Isaza, C.'  2 ? 
primary 'Arndt, J.'  3 ? 
primary 'Soltis, M.' 4 ? 
primary 'Chan, M.K.' 5 ? 
# 
loop_
_entity.id 
_entity.type 
_entity.src_method 
_entity.pdbx_description 
_entity.formula_weight 
_entity.pdbx_number_of_molecules 
_entity.pdbx_ec 
_entity.pdbx_mutation 
_entity.pdbx_fragment 
_entity.details 
1 polymer     man 'Sensor protein FixL'             14919.858 1  2.7.3.- ? 'Heme domain (residues 141-270)' ? 
2 non-polymer syn 'PROTOPORPHYRIN IX CONTAINING FE' 616.487   1  ?       ? ?                                ? 
3 non-polymer syn 1-METHYLIMIDAZOLE                 83.112    1  ?       ? ?                                ? 
4 water       nat water                             18.015    43 ?       ? ?                                ? 
# 
_entity_poly.entity_id                      1 
_entity_poly.type                           'polypeptide(L)' 
_entity_poly.nstd_linkage                   no 
_entity_poly.nstd_monomer                   no 
_entity_poly.pdbx_seq_one_letter_code       
;MRETHLRSILHTIPDAMIVIDGHGIIQLFSTAAERLFGWSELEAIGQNVNILMPEPDRSRHDSYISRYRTTSDPHIIGIG
RIVTGKRRDGTTFPMHLSIGEMQSGGEPYFTGFVRDLTEHQQTQARLQELQ
;
_entity_poly.pdbx_seq_one_letter_code_can   
;MRETHLRSILHTIPDAMIVIDGHGIIQLFSTAAERLFGWSELEAIGQNVNILMPEPDRSRHDSYISRYRTTSDPHIIGIG
RIVTGKRRDGTTFPMHLSIGEMQSGGEPYFTGFVRDLTEHQQTQARLQELQ
;
_entity_poly.pdbx_strand_id                 A 
_entity_poly.pdbx_target_identifier         ? 
# 
loop_
_pdbx_entity_nonpoly.entity_id 
_pdbx_entity_nonpoly.name 
_pdbx_entity_nonpoly.comp_id 
2 'PROTOPORPHYRIN IX CONTAINING FE' HEM 
3 1-METHYLIMIDAZOLE                 1MZ 
4 water                             HOH 
# 
loop_
_entity_poly_seq.entity_id 
_entity_poly_seq.num 
_entity_poly_seq.mon_id 
_entity_poly_seq.hetero 
1 1   MET n 
1 2   ARG n 
1 3   GLU n 
1 4   THR n 
1 5   HIS n 
1 6   LEU n 
1 7   ARG n 
1 8   SER n 
1 9   ILE n 
1 10  LEU n 
1 11  HIS n 
1 12  THR n 
1 13  ILE n 
1 14  PRO n 
1 15  ASP n 
1 16  ALA n 
1 17  MET n 
1 18  ILE n 
1 19  VAL n 
1 20  ILE n 
1 21  ASP n 
1 22  GLY n 
1 23  HIS n 
1 24  GLY n 
1 25  ILE n 
1 26  ILE n 
1 27  GLN n 
1 28  LEU n 
1 29  PHE n 
1 30  SER n 
1 31  THR n 
1 32  ALA n 
1 33  ALA n 
1 34  GLU n 
1 35  ARG n 
1 36  LEU n 
1 37  PHE n 
1 38  GLY n 
1 39  TRP n 
1 40  SER n 
1 41  GLU n 
1 42  LEU n 
1 43  GLU n 
1 44  ALA n 
1 45  ILE n 
1 46  GLY n 
1 47  GLN n 
1 48  ASN n 
1 49  VAL n 
1 50  ASN n 
1 51  ILE n 
1 52  LEU n 
1 53  MET n 
1 54  PRO n 
1 55  GLU n 
1 56  PRO n 
1 57  ASP n 
1 58  ARG n 
1 59  SER n 
1 60  ARG n 
1 61  HIS n 
1 62  ASP n 
1 63  SER n 
1 64  TYR n 
1 65  ILE n 
1 66  SER n 
1 67  ARG n 
1 68  TYR n 
1 69  ARG n 
1 70  THR n 
1 71  THR n 
1 72  SER n 
1 73  ASP n 
1 74  PRO n 
1 75  HIS n 
1 76  ILE n 
1 77  ILE n 
1 78  GLY n 
1 79  ILE n 
1 80  GLY n 
1 81  ARG n 
1 82  ILE n 
1 83  VAL n 
1 84  THR n 
1 85  GLY n 
1 86  LYS n 
1 87  ARG n 
1 88  ARG n 
1 89  ASP n 
1 90  GLY n 
1 91  THR n 
1 92  THR n 
1 93  PHE n 
1 94  PRO n 
1 95  MET n 
1 96  HIS n 
1 97  LEU n 
1 98  SER n 
1 99  ILE n 
1 100 GLY n 
1 101 GLU n 
1 102 MET n 
1 103 GLN n 
1 104 SER n 
1 105 GLY n 
1 106 GLY n 
1 107 GLU n 
1 108 PRO n 
1 109 TYR n 
1 110 PHE n 
1 111 THR n 
1 112 GLY n 
1 113 PHE n 
1 114 VAL n 
1 115 ARG n 
1 116 ASP n 
1 117 LEU n 
1 118 THR n 
1 119 GLU n 
1 120 HIS n 
1 121 GLN n 
1 122 GLN n 
1 123 THR n 
1 124 GLN n 
1 125 ALA n 
1 126 ARG n 
1 127 LEU n 
1 128 GLN n 
1 129 GLU n 
1 130 LEU n 
1 131 GLN n 
# 
_entity_src_gen.entity_id                          1 
_entity_src_gen.pdbx_src_id                        1 
_entity_src_gen.pdbx_alt_source_flag               sample 
_entity_src_gen.pdbx_seq_type                      ? 
_entity_src_gen.pdbx_beg_seq_num                   ? 
_entity_src_gen.pdbx_end_seq_num                   ? 
_entity_src_gen.gene_src_common_name               ? 
_entity_src_gen.gene_src_genus                     Bradyrhizobium 
_entity_src_gen.pdbx_gene_src_gene                 FixL 
_entity_src_gen.gene_src_species                   ? 
_entity_src_gen.gene_src_strain                    ? 
_entity_src_gen.gene_src_tissue                    ? 
_entity_src_gen.gene_src_tissue_fraction           ? 
_entity_src_gen.gene_src_details                   ? 
_entity_src_gen.pdbx_gene_src_fragment             ? 
_entity_src_gen.pdbx_gene_src_scientific_name      'Bradyrhizobium japonicum' 
_entity_src_gen.pdbx_gene_src_ncbi_taxonomy_id     375 
_entity_src_gen.pdbx_gene_src_variant              ? 
_entity_src_gen.pdbx_gene_src_cell_line            ? 
_entity_src_gen.pdbx_gene_src_atcc                 ? 
_entity_src_gen.pdbx_gene_src_organ                ? 
_entity_src_gen.pdbx_gene_src_organelle            ? 
_entity_src_gen.pdbx_gene_src_cell                 ? 
_entity_src_gen.pdbx_gene_src_cellular_location    ? 
_entity_src_gen.host_org_common_name               ? 
_entity_src_gen.pdbx_host_org_scientific_name      'Escherichia coli' 
_entity_src_gen.pdbx_host_org_ncbi_taxonomy_id     562 
_entity_src_gen.host_org_genus                     Escherichia 
_entity_src_gen.pdbx_host_org_gene                 ? 
_entity_src_gen.pdbx_host_org_organ                ? 
_entity_src_gen.host_org_species                   ? 
_entity_src_gen.pdbx_host_org_tissue               ? 
_entity_src_gen.pdbx_host_org_tissue_fraction      ? 
_entity_src_gen.pdbx_host_org_strain               TG1 
_entity_src_gen.pdbx_host_org_variant              ? 
_entity_src_gen.pdbx_host_org_cell_line            ? 
_entity_src_gen.pdbx_host_org_atcc                 ? 
_entity_src_gen.pdbx_host_org_culture_collection   ? 
_entity_src_gen.pdbx_host_org_cell                 ? 
_entity_src_gen.pdbx_host_org_organelle            ? 
_entity_src_gen.pdbx_host_org_cellular_location    ? 
_entity_src_gen.pdbx_host_org_vector_type          PLASMID 
_entity_src_gen.pdbx_host_org_vector               ? 
_entity_src_gen.host_org_details                   ? 
_entity_src_gen.expression_system_id               ? 
_entity_src_gen.plasmid_name                       pBH32 
_entity_src_gen.plasmid_details                    ? 
_entity_src_gen.pdbx_description                   ? 
# 
loop_
_chem_comp.id 
_chem_comp.type 
_chem_comp.mon_nstd_flag 
_chem_comp.name 
_chem_comp.pdbx_synonyms 
_chem_comp.formula 
_chem_comp.formula_weight 
1MZ non-polymer         . 1-METHYLIMIDAZOLE                 ?    'C4 H7 N2 1'       83.112  
ALA 'L-peptide linking' y ALANINE                           ?    'C3 H7 N O2'       89.093  
ARG 'L-peptide linking' y ARGININE                          ?    'C6 H15 N4 O2 1'   175.209 
ASN 'L-peptide linking' y ASPARAGINE                        ?    'C4 H8 N2 O3'      132.118 
ASP 'L-peptide linking' y 'ASPARTIC ACID'                   ?    'C4 H7 N O4'       133.103 
GLN 'L-peptide linking' y GLUTAMINE                         ?    'C5 H10 N2 O3'     146.144 
GLU 'L-peptide linking' y 'GLUTAMIC ACID'                   ?    'C5 H9 N O4'       147.129 
GLY 'peptide linking'   y GLYCINE                           ?    'C2 H5 N O2'       75.067  
HEM non-polymer         . 'PROTOPORPHYRIN IX CONTAINING FE' HEME 'C34 H32 Fe N4 O4' 616.487 
HIS 'L-peptide linking' y HISTIDINE                         ?    'C6 H10 N3 O2 1'   156.162 
HOH non-polymer         . WATER                             ?    'H2 O'             18.015  
ILE 'L-peptide linking' y ISOLEUCINE                        ?    'C6 H13 N O2'      131.173 
LEU 'L-peptide linking' y LEUCINE                           ?    'C6 H13 N O2'      131.173 
LYS 'L-peptide linking' y LYSINE                            ?    'C6 H15 N2 O2 1'   147.195 
MET 'L-peptide linking' y METHIONINE                        ?    'C5 H11 N O2 S'    149.211 
PHE 'L-peptide linking' y PHENYLALANINE                     ?    'C9 H11 N O2'      165.189 
PRO 'L-peptide linking' y PROLINE                           ?    'C5 H9 N O2'       115.130 
SER 'L-peptide linking' y SERINE                            ?    'C3 H7 N O3'       105.093 
THR 'L-peptide linking' y THREONINE                         ?    'C4 H9 N O3'       119.119 
TRP 'L-peptide linking' y TRYPTOPHAN                        ?    'C11 H12 N2 O2'    204.225 
TYR 'L-peptide linking' y TYROSINE                          ?    'C9 H11 N O3'      181.189 
VAL 'L-peptide linking' y VALINE                            ?    'C5 H11 N O2'      117.146 
# 
loop_
_pdbx_poly_seq_scheme.asym_id 
_pdbx_poly_seq_scheme.entity_id 
_pdbx_poly_seq_scheme.seq_id 
_pdbx_poly_seq_scheme.mon_id 
_pdbx_poly_seq_scheme.ndb_seq_num 
_pdbx_poly_seq_scheme.pdb_seq_num 
_pdbx_poly_seq_scheme.auth_seq_num 
_pdbx_poly_seq_scheme.pdb_mon_id 
_pdbx_poly_seq_scheme.auth_mon_id 
_pdbx_poly_seq_scheme.pdb_strand_id 
_pdbx_poly_seq_scheme.pdb_ins_code 
_pdbx_poly_seq_scheme.hetero 
A 1 1   MET 1   140 ?   ?   ?   A . n 
A 1 2   ARG 2   141 ?   ?   ?   A . n 
A 1 3   GLU 3   142 ?   ?   ?   A . n 
A 1 4   THR 4   143 ?   ?   ?   A . n 
A 1 5   HIS 5   144 ?   ?   ?   A . n 
A 1 6   LEU 6   145 ?   ?   ?   A . n 
A 1 7   ARG 7   146 ?   ?   ?   A . n 
A 1 8   SER 8   147 ?   ?   ?   A . n 
A 1 9   ILE 9   148 ?   ?   ?   A . n 
A 1 10  LEU 10  149 ?   ?   ?   A . n 
A 1 11  HIS 11  150 ?   ?   ?   A . n 
A 1 12  THR 12  151 ?   ?   ?   A . n 
A 1 13  ILE 13  152 ?   ?   ?   A . n 
A 1 14  PRO 14  153 ?   ?   ?   A . n 
A 1 15  ASP 15  154 154 ASP ASP A . n 
A 1 16  ALA 16  155 155 ALA ALA A . n 
A 1 17  MET 17  156 156 MET MET A . n 
A 1 18  ILE 18  157 157 ILE ILE A . n 
A 1 19  VAL 19  158 158 VAL VAL A . n 
A 1 20  ILE 20  159 159 ILE ILE A . n 
A 1 21  ASP 21  160 160 ASP ASP A . n 
A 1 22  GLY 22  161 161 GLY GLY A . n 
A 1 23  HIS 23  162 162 HIS HIS A . n 
A 1 24  GLY 24  163 163 GLY GLY A . n 
A 1 25  ILE 25  164 164 ILE ILE A . n 
A 1 26  ILE 26  165 165 ILE ILE A . n 
A 1 27  GLN 27  166 166 GLN GLN A . n 
A 1 28  LEU 28  167 167 LEU LEU A . n 
A 1 29  PHE 29  168 168 PHE PHE A . n 
A 1 30  SER 30  169 169 SER SER A . n 
A 1 31  THR 31  170 170 THR THR A . n 
A 1 32  ALA 32  171 171 ALA ALA A . n 
A 1 33  ALA 33  172 172 ALA ALA A . n 
A 1 34  GLU 34  173 173 GLU GLU A . n 
A 1 35  ARG 35  174 174 ARG ARG A . n 
A 1 36  LEU 36  175 175 LEU LEU A . n 
A 1 37  PHE 37  176 176 PHE PHE A . n 
A 1 38  GLY 38  177 177 GLY GLY A . n 
A 1 39  TRP 39  178 178 TRP TRP A . n 
A 1 40  SER 40  179 179 SER SER A . n 
A 1 41  GLU 41  180 180 GLU GLU A . n 
A 1 42  LEU 42  181 181 LEU LEU A . n 
A 1 43  GLU 43  182 182 GLU GLU A . n 
A 1 44  ALA 44  183 183 ALA ALA A . n 
A 1 45  ILE 45  184 184 ILE ILE A . n 
A 1 46  GLY 46  185 185 GLY GLY A . n 
A 1 47  GLN 47  186 186 GLN GLN A . n 
A 1 48  ASN 48  187 187 ASN ASN A . n 
A 1 49  VAL 49  188 188 VAL VAL A . n 
A 1 50  ASN 50  189 189 ASN ASN A . n 
A 1 51  ILE 51  190 190 ILE ILE A . n 
A 1 52  LEU 52  191 191 LEU LEU A . n 
A 1 53  MET 53  192 192 MET MET A . n 
A 1 54  PRO 54  193 193 PRO PRO A . n 
A 1 55  GLU 55  194 194 GLU GLU A . n 
A 1 56  PRO 56  195 195 PRO PRO A . n 
A 1 57  ASP 57  196 196 ASP ASP A . n 
A 1 58  ARG 58  197 197 ARG ARG A . n 
A 1 59  SER 59  198 198 SER SER A . n 
A 1 60  ARG 60  199 199 ARG ARG A . n 
A 1 61  HIS 61  200 200 HIS HIS A . n 
A 1 62  ASP 62  201 201 ASP ASP A . n 
A 1 63  SER 63  202 202 SER SER A . n 
A 1 64  TYR 64  203 203 TYR TYR A . n 
A 1 65  ILE 65  204 204 ILE ILE A . n 
A 1 66  SER 66  205 205 SER SER A . n 
A 1 67  ARG 67  206 206 ARG ARG A . n 
A 1 68  TYR 68  207 207 TYR TYR A . n 
A 1 69  ARG 69  208 208 ARG ARG A . n 
A 1 70  THR 70  209 209 THR THR A . n 
A 1 71  THR 71  210 210 THR THR A . n 
A 1 72  SER 72  211 211 SER SER A . n 
A 1 73  ASP 73  212 212 ASP ASP A . n 
A 1 74  PRO 74  213 213 PRO PRO A . n 
A 1 75  HIS 75  214 214 HIS HIS A . n 
A 1 76  ILE 76  215 215 ILE ILE A . n 
A 1 77  ILE 77  216 216 ILE ILE A . n 
A 1 78  GLY 78  217 217 GLY GLY A . n 
A 1 79  ILE 79  218 218 ILE ILE A . n 
A 1 80  GLY 80  219 219 GLY GLY A . n 
A 1 81  ARG 81  220 220 ARG ARG A . n 
A 1 82  ILE 82  221 221 ILE ILE A . n 
A 1 83  VAL 83  222 222 VAL VAL A . n 
A 1 84  THR 84  223 223 THR THR A . n 
A 1 85  GLY 85  224 224 GLY GLY A . n 
A 1 86  LYS 86  225 225 LYS LYS A . n 
A 1 87  ARG 87  226 226 ARG ARG A . n 
A 1 88  ARG 88  227 227 ARG ARG A . n 
A 1 89  ASP 89  228 228 ASP ASP A . n 
A 1 90  GLY 90  229 229 GLY GLY A . n 
A 1 91  THR 91  230 230 THR THR A . n 
A 1 92  THR 92  231 231 THR THR A . n 
A 1 93  PHE 93  232 232 PHE PHE A . n 
A 1 94  PRO 94  233 233 PRO PRO A . n 
A 1 95  MET 95  234 234 MET MET A . n 
A 1 96  HIS 96  235 235 HIS HIS A . n 
A 1 97  LEU 97  236 236 LEU LEU A . n 
A 1 98  SER 98  237 237 SER SER A . n 
A 1 99  ILE 99  238 238 ILE ILE A . n 
A 1 100 GLY 100 239 239 GLY GLY A . n 
A 1 101 GLU 101 240 240 GLU GLU A . n 
A 1 102 MET 102 241 241 MET MET A . n 
A 1 103 GLN 103 242 242 GLN GLN A . n 
A 1 104 SER 104 243 243 SER SER A . n 
A 1 105 GLY 105 244 244 GLY GLY A . n 
A 1 106 GLY 106 245 245 GLY GLY A . n 
A 1 107 GLU 107 246 246 GLU GLU A . n 
A 1 108 PRO 108 247 247 PRO PRO A . n 
A 1 109 TYR 109 248 248 TYR TYR A . n 
A 1 110 PHE 110 249 249 PHE PHE A . n 
A 1 111 THR 111 250 250 THR THR A . n 
A 1 112 GLY 112 251 251 GLY GLY A . n 
A 1 113 PHE 113 252 252 PHE PHE A . n 
A 1 114 VAL 114 253 253 VAL VAL A . n 
A 1 115 ARG 115 254 254 ARG ALA A . n 
A 1 116 ASP 116 255 255 ASP ASP A . n 
A 1 117 LEU 117 256 256 LEU LEU A . n 
A 1 118 THR 118 257 257 THR THR A . n 
A 1 119 GLU 119 258 258 GLU GLU A . n 
A 1 120 HIS 120 259 259 HIS HIS A . n 
A 1 121 GLN 121 260 260 GLN GLN A . n 
A 1 122 GLN 122 261 261 GLN GLN A . n 
A 1 123 THR 123 262 262 THR THR A . n 
A 1 124 GLN 124 263 263 GLN GLN A . n 
A 1 125 ALA 125 264 264 ALA ALA A . n 
A 1 126 ARG 126 265 265 ARG ARG A . n 
A 1 127 LEU 127 266 266 LEU LEU A . n 
A 1 128 GLN 128 267 267 GLN GLN A . n 
A 1 129 GLU 129 268 268 GLU GLU A . n 
A 1 130 LEU 130 269 269 LEU LEU A . n 
A 1 131 GLN 131 270 ?   ?   ?   A . n 
# 
loop_
_pdbx_nonpoly_scheme.asym_id 
_pdbx_nonpoly_scheme.entity_id 
_pdbx_nonpoly_scheme.mon_id 
_pdbx_nonpoly_scheme.ndb_seq_num 
_pdbx_nonpoly_scheme.pdb_seq_num 
_pdbx_nonpoly_scheme.auth_seq_num 
_pdbx_nonpoly_scheme.pdb_mon_id 
_pdbx_nonpoly_scheme.auth_mon_id 
_pdbx_nonpoly_scheme.pdb_strand_id 
_pdbx_nonpoly_scheme.pdb_ins_code 
B 2 HEM 1  719 719 HEM HEM A . 
C 3 1MZ 1  111 1   1MZ 1MZ A . 
D 4 HOH 1  1   1   HOH TIP A . 
D 4 HOH 2  2   2   HOH TIP A . 
D 4 HOH 3  3   3   HOH TIP A . 
D 4 HOH 4  4   4   HOH TIP A . 
D 4 HOH 5  5   5   HOH TIP A . 
D 4 HOH 6  6   6   HOH TIP A . 
D 4 HOH 7  7   7   HOH TIP A . 
D 4 HOH 8  9   9   HOH TIP A . 
D 4 HOH 9  10  10  HOH TIP A . 
D 4 HOH 10 11  11  HOH TIP A . 
D 4 HOH 11 12  12  HOH TIP A . 
D 4 HOH 12 13  13  HOH TIP A . 
D 4 HOH 13 14  14  HOH TIP A . 
D 4 HOH 14 15  15  HOH TIP A . 
D 4 HOH 15 16  16  HOH TIP A . 
D 4 HOH 16 17  17  HOH TIP A . 
D 4 HOH 17 18  18  HOH TIP A . 
D 4 HOH 18 19  19  HOH TIP A . 
D 4 HOH 19 20  20  HOH TIP A . 
D 4 HOH 20 21  21  HOH TIP A . 
D 4 HOH 21 22  22  HOH TIP A . 
D 4 HOH 22 24  24  HOH TIP A . 
D 4 HOH 23 25  25  HOH TIP A . 
D 4 HOH 24 26  26  HOH TIP A . 
D 4 HOH 25 27  27  HOH TIP A . 
D 4 HOH 26 28  28  HOH TIP A . 
D 4 HOH 27 29  29  HOH TIP A . 
D 4 HOH 28 30  30  HOH TIP A . 
D 4 HOH 29 31  31  HOH TIP A . 
D 4 HOH 30 32  32  HOH TIP A . 
D 4 HOH 31 33  33  HOH TIP A . 
D 4 HOH 32 34  34  HOH TIP A . 
D 4 HOH 33 35  35  HOH TIP A . 
D 4 HOH 34 37  37  HOH TIP A . 
D 4 HOH 35 41  41  HOH TIP A . 
D 4 HOH 36 42  42  HOH TIP A . 
D 4 HOH 37 45  45  HOH TIP A . 
D 4 HOH 38 47  47  HOH TIP A . 
D 4 HOH 39 49  49  HOH TIP A . 
D 4 HOH 40 51  51  HOH TIP A . 
D 4 HOH 41 52  52  HOH TIP A . 
D 4 HOH 42 53  53  HOH TIP A . 
D 4 HOH 43 54  54  HOH TIP A . 
# 
loop_
_pdbx_unobs_or_zero_occ_atoms.id 
_pdbx_unobs_or_zero_occ_atoms.PDB_model_num 
_pdbx_unobs_or_zero_occ_atoms.polymer_flag 
_pdbx_unobs_or_zero_occ_atoms.occupancy_flag 
_pdbx_unobs_or_zero_occ_atoms.auth_asym_id 
_pdbx_unobs_or_zero_occ_atoms.auth_comp_id 
_pdbx_unobs_or_zero_occ_atoms.auth_seq_id 
_pdbx_unobs_or_zero_occ_atoms.PDB_ins_code 
_pdbx_unobs_or_zero_occ_atoms.auth_atom_id 
_pdbx_unobs_or_zero_occ_atoms.label_alt_id 
_pdbx_unobs_or_zero_occ_atoms.label_asym_id 
_pdbx_unobs_or_zero_occ_atoms.label_comp_id 
_pdbx_unobs_or_zero_occ_atoms.label_seq_id 
_pdbx_unobs_or_zero_occ_atoms.label_atom_id 
1 1 Y 1 A ARG 254 ? CG  ? A ARG 115 CG  
2 1 Y 1 A ARG 254 ? CD  ? A ARG 115 CD  
3 1 Y 1 A ARG 254 ? NE  ? A ARG 115 NE  
4 1 Y 1 A ARG 254 ? CZ  ? A ARG 115 CZ  
5 1 Y 1 A ARG 254 ? NH1 ? A ARG 115 NH1 
6 1 Y 1 A ARG 254 ? NH2 ? A ARG 115 NH2 
# 
loop_
_software.name 
_software.classification 
_software.version 
_software.citation_id 
_software.pdbx_ordinal 
DENZO     'data reduction' .     ? 1 
SCALEPACK 'data scaling'   .     ? 2 
X-PLOR    'model building' .     ? 3 
X-PLOR    refinement       3.851 ? 4 
X-PLOR    phasing          .     ? 5 
# 
_cell.entry_id           1LSX 
_cell.length_a           127.02 
_cell.length_b           127.02 
_cell.length_c           58.62 
_cell.angle_alpha        90.0 
_cell.angle_beta         90.0 
_cell.angle_gamma        120.0 
_cell.Z_PDB              18 
_cell.pdbx_unique_axis   ? 
_cell.length_a_esd       ? 
_cell.length_b_esd       ? 
_cell.length_c_esd       ? 
_cell.angle_alpha_esd    ? 
_cell.angle_beta_esd     ? 
_cell.angle_gamma_esd    ? 
# 
_symmetry.entry_id                         1LSX 
_symmetry.space_group_name_H-M             'H 3 2' 
_symmetry.pdbx_full_space_group_name_H-M   ? 
_symmetry.cell_setting                     ? 
_symmetry.Int_Tables_number                155 
_symmetry.space_group_name_Hall            ? 
# 
_exptl.entry_id          1LSX 
_exptl.method            'X-RAY DIFFRACTION' 
_exptl.crystals_number   1 
# 
_exptl_crystal.id                    1 
_exptl_crystal.density_meas          ? 
_exptl_crystal.density_percent_sol   59.65 
_exptl_crystal.density_Matthews      3.05 
_exptl_crystal.description           ? 
_exptl_crystal.F_000                 ? 
_exptl_crystal.preparation           ? 
# 
_exptl_crystal_grow.crystal_id      1 
_exptl_crystal_grow.method          'VAPOR DIFFUSION, HANGING DROP' 
_exptl_crystal_grow.temp            277 
_exptl_crystal_grow.temp_details    ? 
_exptl_crystal_grow.pH              7.5 
_exptl_crystal_grow.pdbx_details    'SODIUM CHLORIDE, MPD, HEPS, pH 7.5, VAPOR DIFFUSION, HANGING DROP, temperature 277K' 
_exptl_crystal_grow.pdbx_pH_range   . 
# 
_diffrn.id                     1 
_diffrn.ambient_temp           100 
_diffrn.ambient_temp_details   ? 
_diffrn.crystal_id             1 
# 
_diffrn_detector.diffrn_id              1 
_diffrn_detector.detector               CCD 
_diffrn_detector.type                   'ADSC QUANTUM 4' 
_diffrn_detector.pdbx_collection_date   2000-09-12 
_diffrn_detector.details                mirrors 
# 
_diffrn_radiation.diffrn_id                        1 
_diffrn_radiation.wavelength_id                    1 
_diffrn_radiation.pdbx_monochromatic_or_laue_m_l   M 
_diffrn_radiation.monochromator                    GRAPHITE 
_diffrn_radiation.pdbx_diffrn_protocol             'SINGLE WAVELENGTH' 
_diffrn_radiation.pdbx_scattering_type             x-ray 
# 
_diffrn_radiation_wavelength.id           1 
_diffrn_radiation_wavelength.wavelength   0.9184 
_diffrn_radiation_wavelength.wt           1.0 
# 
_diffrn_source.diffrn_id                   1 
_diffrn_source.source                      SYNCHROTRON 
_diffrn_source.type                        'APS BEAMLINE 14-BM-D' 
_diffrn_source.pdbx_synchrotron_site       APS 
_diffrn_source.pdbx_synchrotron_beamline   14-BM-D 
_diffrn_source.pdbx_wavelength             ? 
_diffrn_source.pdbx_wavelength_list        0.9184 
# 
_reflns.entry_id                     1LSX 
_reflns.observed_criterion_sigma_F   ? 
_reflns.observed_criterion_sigma_I   -3.0 
_reflns.d_resolution_high            2.7 
_reflns.d_resolution_low             20.0 
_reflns.number_all                   5000 
_reflns.number_obs                   4999 
_reflns.percent_possible_obs         98.7 
_reflns.pdbx_Rmerge_I_obs            0.047 
_reflns.pdbx_Rsym_value              0.047 
_reflns.pdbx_netI_over_sigmaI        17.0 
_reflns.B_iso_Wilson_estimate        ? 
_reflns.pdbx_redundancy              5.0 
_reflns.R_free_details               ? 
_reflns.limit_h_max                  ? 
_reflns.limit_h_min                  ? 
_reflns.limit_k_max                  ? 
_reflns.limit_k_min                  ? 
_reflns.limit_l_max                  ? 
_reflns.limit_l_min                  ? 
_reflns.observed_criterion_F_max     ? 
_reflns.observed_criterion_F_min     ? 
_reflns.pdbx_chi_squared             ? 
_reflns.pdbx_scaling_rejects         ? 
_reflns.pdbx_ordinal                 1 
_reflns.pdbx_diffrn_id               1 
# 
_reflns_shell.d_res_high             2.7 
_reflns_shell.d_res_low              2.8 
_reflns_shell.percent_possible_all   90.7 
_reflns_shell.Rmerge_I_obs           0.217 
_reflns_shell.pdbx_Rsym_value        0.217 
_reflns_shell.meanI_over_sigI_obs    6.5 
_reflns_shell.pdbx_redundancy        ? 
_reflns_shell.percent_possible_obs   ? 
_reflns_shell.number_unique_all      456 
_reflns_shell.number_measured_all    ? 
_reflns_shell.number_measured_obs    ? 
_reflns_shell.number_unique_obs      ? 
_reflns_shell.pdbx_chi_squared       ? 
_reflns_shell.pdbx_ordinal           1 
_reflns_shell.pdbx_diffrn_id         1 
# 
_refine.entry_id                                 1LSX 
_refine.ls_d_res_high                            2.70 
_refine.ls_d_res_low                             20.0 
_refine.pdbx_ls_sigma_F                          0 
_refine.pdbx_ls_sigma_I                          ? 
_refine.ls_number_reflns_all                     5000 
_refine.ls_number_reflns_obs                     4999 
_refine.ls_number_reflns_R_free                  411 
_refine.ls_percent_reflns_obs                    98.7 
_refine.ls_R_factor_all                          ? 
_refine.ls_R_factor_obs                          ? 
_refine.ls_R_factor_R_work                       0.201 
_refine.ls_R_factor_R_free                       0.229 
_refine.ls_redundancy_reflns_obs                 ? 
_refine.pdbx_data_cutoff_high_absF               ? 
_refine.pdbx_data_cutoff_low_absF                ? 
_refine.ls_number_parameters                     ? 
_refine.ls_number_restraints                     ? 
_refine.ls_percent_reflns_R_free                 ? 
_refine.ls_R_factor_R_free_error                 ? 
_refine.ls_R_factor_R_free_error_details         ? 
_refine.pdbx_method_to_determine_struct          'FOURIER SYNTHESIS' 
_refine.pdbx_starting_model                      'PDB ENTRY 1DRM' 
_refine.pdbx_ls_cross_valid_method               THROUGHOUT 
_refine.pdbx_R_Free_selection_details            RANDOM 
_refine.pdbx_stereochem_target_val_spec_case     ? 
_refine.pdbx_stereochemistry_target_values       'Engh & Huber' 
_refine.solvent_model_details                    ? 
_refine.solvent_model_param_bsol                 ? 
_refine.solvent_model_param_ksol                 ? 
_refine.occupancy_max                            ? 
_refine.occupancy_min                            ? 
_refine.pdbx_isotropic_thermal_model             isotropic 
_refine.B_iso_mean                               26.2 
_refine.aniso_B[1][1]                            ? 
_refine.aniso_B[1][2]                            ? 
_refine.aniso_B[1][3]                            ? 
_refine.aniso_B[2][2]                            ? 
_refine.aniso_B[2][3]                            ? 
_refine.aniso_B[3][3]                            ? 
_refine.details                                  ? 
_refine.B_iso_min                                ? 
_refine.B_iso_max                                ? 
_refine.correlation_coeff_Fo_to_Fc               ? 
_refine.correlation_coeff_Fo_to_Fc_free          ? 
_refine.pdbx_solvent_vdw_probe_radii             ? 
_refine.pdbx_solvent_ion_probe_radii             ? 
_refine.pdbx_solvent_shrinkage_radii             ? 
_refine.overall_SU_R_Cruickshank_DPI             ? 
_refine.overall_SU_R_free                        ? 
_refine.overall_SU_B                             ? 
_refine.overall_SU_ML                            ? 
_refine.pdbx_overall_ESU_R                       ? 
_refine.pdbx_overall_ESU_R_Free                  ? 
_refine.pdbx_data_cutoff_high_rms_absF           ? 
_refine.pdbx_refine_id                           'X-RAY DIFFRACTION' 
_refine.pdbx_overall_phase_error                 ? 
_refine.ls_wR_factor_R_free                      ? 
_refine.ls_wR_factor_R_work                      ? 
_refine.overall_FOM_free_R_set                   ? 
_refine.overall_FOM_work_R_set                   ? 
_refine.pdbx_diffrn_id                           1 
_refine.pdbx_TLS_residual_ADP_flag               ? 
_refine.pdbx_overall_SU_R_free_Cruickshank_DPI   ? 
_refine.pdbx_overall_SU_R_Blow_DPI               ? 
_refine.pdbx_overall_SU_R_free_Blow_DPI          ? 
# 
_refine_hist.pdbx_refine_id                   'X-RAY DIFFRACTION' 
_refine_hist.cycle_id                         LAST 
_refine_hist.pdbx_number_atoms_protein        914 
_refine_hist.pdbx_number_atoms_nucleic_acid   0 
_refine_hist.pdbx_number_atoms_ligand         49 
_refine_hist.number_atoms_solvent             43 
_refine_hist.number_atoms_total               1006 
_refine_hist.d_res_high                       2.70 
_refine_hist.d_res_low                        20.0 
# 
loop_
_refine_ls_restr.type 
_refine_ls_restr.dev_ideal 
_refine_ls_restr.dev_ideal_target 
_refine_ls_restr.weight 
_refine_ls_restr.number 
_refine_ls_restr.pdbx_refine_id 
_refine_ls_restr.pdbx_restraint_function 
x_angle_deg 1.55  ? ? ? 'X-RAY DIFFRACTION' ? 
x_bond_d    0.014 ? ? ? 'X-RAY DIFFRACTION' ? 
# 
_refine_ls_shell.pdbx_total_number_of_bins_used   ? 
_refine_ls_shell.d_res_high                       2.70 
_refine_ls_shell.d_res_low                        2.82 
_refine_ls_shell.number_reflns_R_work             ? 
_refine_ls_shell.R_factor_R_work                  0.209 
_refine_ls_shell.percent_reflns_obs               90.7 
_refine_ls_shell.R_factor_R_free                  0.408 
_refine_ls_shell.R_factor_R_free_error            ? 
_refine_ls_shell.percent_reflns_R_free            ? 
_refine_ls_shell.number_reflns_R_free             48 
_refine_ls_shell.number_reflns_obs                572 
_refine_ls_shell.redundancy_reflns_obs            ? 
_refine_ls_shell.number_reflns_all                ? 
_refine_ls_shell.pdbx_refine_id                   'X-RAY DIFFRACTION' 
_refine_ls_shell.R_factor_all                     ? 
# 
_struct.entry_id                  1LSX 
_struct.title                     'Crystal structure of the methylimidazole-bound BjFixL heme domain' 
_struct.pdbx_model_details        ? 
_struct.pdbx_CASP_flag            ? 
_struct.pdbx_model_type_details   ? 
# 
_struct_keywords.entry_id        1LSX 
_struct_keywords.pdbx_keywords   TRANSFERASE 
_struct_keywords.text            'PAS fold, TRANSFERASE' 
# 
loop_
_struct_asym.id 
_struct_asym.pdbx_blank_PDB_chainid_flag 
_struct_asym.pdbx_modified 
_struct_asym.entity_id 
_struct_asym.details 
A N N 1 ? 
B N N 2 ? 
C N N 3 ? 
D N N 4 ? 
# 
_struct_ref.id                         1 
_struct_ref.db_name                    UNP 
_struct_ref.db_code                    FIXL_BRAJA 
_struct_ref.entity_id                  1 
_struct_ref.pdbx_seq_one_letter_code   
;RETHLRSILHTIPDAMIVIDGHGIIQLFSTAAERLFGWSELEAIGQNVNILMPEPDRSRHDSYISRYRTTSDPHIIGIGR
IVTGKRRDGTTFPMHLSIGEMQSGGEPYFTGFVRDLTEHQQTQARLQELQ
;
_struct_ref.pdbx_align_begin           141 
_struct_ref.pdbx_db_accession          P23222 
_struct_ref.pdbx_db_isoform            ? 
# 
_struct_ref_seq.align_id                      1 
_struct_ref_seq.ref_id                        1 
_struct_ref_seq.pdbx_PDB_id_code              1LSX 
_struct_ref_seq.pdbx_strand_id                A 
_struct_ref_seq.seq_align_beg                 2 
_struct_ref_seq.pdbx_seq_align_beg_ins_code   ? 
_struct_ref_seq.seq_align_end                 131 
_struct_ref_seq.pdbx_seq_align_end_ins_code   ? 
_struct_ref_seq.pdbx_db_accession             P23222 
_struct_ref_seq.db_align_beg                  141 
_struct_ref_seq.pdbx_db_align_beg_ins_code    ? 
_struct_ref_seq.db_align_end                  270 
_struct_ref_seq.pdbx_db_align_end_ins_code    ? 
_struct_ref_seq.pdbx_auth_seq_align_beg       141 
_struct_ref_seq.pdbx_auth_seq_align_end       270 
# 
_struct_ref_seq_dif.align_id                     1 
_struct_ref_seq_dif.pdbx_pdb_id_code             1LSX 
_struct_ref_seq_dif.mon_id                       MET 
_struct_ref_seq_dif.pdbx_pdb_strand_id           A 
_struct_ref_seq_dif.seq_num                      1 
_struct_ref_seq_dif.pdbx_pdb_ins_code            ? 
_struct_ref_seq_dif.pdbx_seq_db_name             UNP 
_struct_ref_seq_dif.pdbx_seq_db_accession_code   P23222 
_struct_ref_seq_dif.db_mon_id                    ? 
_struct_ref_seq_dif.pdbx_seq_db_seq_num          ? 
_struct_ref_seq_dif.details                      'initiating methionine' 
_struct_ref_seq_dif.pdbx_auth_seq_num            140 
_struct_ref_seq_dif.pdbx_ordinal                 1 
# 
_pdbx_struct_assembly.id                   1 
_pdbx_struct_assembly.details              author_defined_assembly 
_pdbx_struct_assembly.method_details       ? 
_pdbx_struct_assembly.oligomeric_details   monomeric 
_pdbx_struct_assembly.oligomeric_count     1 
# 
_pdbx_struct_assembly_gen.assembly_id       1 
_pdbx_struct_assembly_gen.oper_expression   1 
_pdbx_struct_assembly_gen.asym_id_list      A,B,C,D 
# 
_pdbx_struct_oper_list.id                   1 
_pdbx_struct_oper_list.type                 'identity operation' 
_pdbx_struct_oper_list.name                 1_555 
_pdbx_struct_oper_list.symmetry_operation   x,y,z 
_pdbx_struct_oper_list.matrix[1][1]         1.0000000000 
_pdbx_struct_oper_list.matrix[1][2]         0.0000000000 
_pdbx_struct_oper_list.matrix[1][3]         0.0000000000 
_pdbx_struct_oper_list.vector[1]            0.0000000000 
_pdbx_struct_oper_list.matrix[2][1]         0.0000000000 
_pdbx_struct_oper_list.matrix[2][2]         1.0000000000 
_pdbx_struct_oper_list.matrix[2][3]         0.0000000000 
_pdbx_struct_oper_list.vector[2]            0.0000000000 
_pdbx_struct_oper_list.matrix[3][1]         0.0000000000 
_pdbx_struct_oper_list.matrix[3][2]         0.0000000000 
_pdbx_struct_oper_list.matrix[3][3]         1.0000000000 
_pdbx_struct_oper_list.vector[3]            0.0000000000 
# 
_struct_biol.id   1 
# 
loop_
_struct_conf.conf_type_id 
_struct_conf.id 
_struct_conf.pdbx_PDB_helix_id 
_struct_conf.beg_label_comp_id 
_struct_conf.beg_label_asym_id 
_struct_conf.beg_label_seq_id 
_struct_conf.pdbx_beg_PDB_ins_code 
_struct_conf.end_label_comp_id 
_struct_conf.end_label_asym_id 
_struct_conf.end_label_seq_id 
_struct_conf.pdbx_end_PDB_ins_code 
_struct_conf.beg_auth_comp_id 
_struct_conf.beg_auth_asym_id 
_struct_conf.beg_auth_seq_id 
_struct_conf.end_auth_comp_id 
_struct_conf.end_auth_asym_id 
_struct_conf.end_auth_seq_id 
_struct_conf.pdbx_PDB_helix_class 
_struct_conf.details 
_struct_conf.pdbx_PDB_helix_length 
HELX_P HELX_P1 1 SER A 30  ? GLY A 38  ? SER A 169 GLY A 177 1 ? 9  
HELX_P HELX_P2 2 SER A 40  ? ILE A 45  ? SER A 179 ILE A 184 1 ? 6  
HELX_P HELX_P3 3 ASN A 48  ? MET A 53  ? ASN A 187 MET A 192 5 ? 6  
HELX_P HELX_P4 4 PRO A 56  ? SER A 72  ? PRO A 195 SER A 211 1 ? 17 
HELX_P HELX_P5 5 LEU A 117 ? LEU A 130 ? LEU A 256 LEU A 269 1 ? 14 
# 
_struct_conf_type.id          HELX_P 
_struct_conf_type.criteria    ? 
_struct_conf_type.reference   ? 
# 
loop_
_struct_conn.id 
_struct_conn.conn_type_id 
_struct_conn.pdbx_leaving_atom_flag 
_struct_conn.pdbx_PDB_id 
_struct_conn.ptnr1_label_asym_id 
_struct_conn.ptnr1_label_comp_id 
_struct_conn.ptnr1_label_seq_id 
_struct_conn.ptnr1_label_atom_id 
_struct_conn.pdbx_ptnr1_label_alt_id 
_struct_conn.pdbx_ptnr1_PDB_ins_code 
_struct_conn.pdbx_ptnr1_standard_comp_id 
_struct_conn.ptnr1_symmetry 
_struct_conn.ptnr2_label_asym_id 
_struct_conn.ptnr2_label_comp_id 
_struct_conn.ptnr2_label_seq_id 
_struct_conn.ptnr2_label_atom_id 
_struct_conn.pdbx_ptnr2_label_alt_id 
_struct_conn.pdbx_ptnr2_PDB_ins_code 
_struct_conn.ptnr1_auth_asym_id 
_struct_conn.ptnr1_auth_comp_id 
_struct_conn.ptnr1_auth_seq_id 
_struct_conn.ptnr2_auth_asym_id 
_struct_conn.ptnr2_auth_comp_id 
_struct_conn.ptnr2_auth_seq_id 
_struct_conn.ptnr2_symmetry 
_struct_conn.pdbx_ptnr3_label_atom_id 
_struct_conn.pdbx_ptnr3_label_seq_id 
_struct_conn.pdbx_ptnr3_label_comp_id 
_struct_conn.pdbx_ptnr3_label_asym_id 
_struct_conn.pdbx_ptnr3_label_alt_id 
_struct_conn.pdbx_ptnr3_PDB_ins_code 
_struct_conn.details 
_struct_conn.pdbx_dist_value 
_struct_conn.pdbx_value_order 
_struct_conn.pdbx_role 
metalc1 metalc ? ? C 1MZ .  N3  ? ? ? 1_555 B HEM . FE ? ? A 1MZ 111 A HEM 719 1_555 ? ? ? ? ? ? ? 2.035 ? ? 
metalc2 metalc ? ? A HIS 61 NE2 ? ? ? 1_555 B HEM . FE ? ? A HIS 200 A HEM 719 1_555 ? ? ? ? ? ? ? 2.042 ? ? 
# 
_struct_conn_type.id          metalc 
_struct_conn_type.criteria    ? 
_struct_conn_type.reference   ? 
# 
loop_
_pdbx_struct_conn_angle.id 
_pdbx_struct_conn_angle.ptnr1_label_atom_id 
_pdbx_struct_conn_angle.ptnr1_label_alt_id 
_pdbx_struct_conn_angle.ptnr1_label_asym_id 
_pdbx_struct_conn_angle.ptnr1_label_comp_id 
_pdbx_struct_conn_angle.ptnr1_label_seq_id 
_pdbx_struct_conn_angle.ptnr1_auth_atom_id 
_pdbx_struct_conn_angle.ptnr1_auth_asym_id 
_pdbx_struct_conn_angle.ptnr1_auth_comp_id 
_pdbx_struct_conn_angle.ptnr1_auth_seq_id 
_pdbx_struct_conn_angle.ptnr1_PDB_ins_code 
_pdbx_struct_conn_angle.ptnr1_symmetry 
_pdbx_struct_conn_angle.ptnr2_label_atom_id 
_pdbx_struct_conn_angle.ptnr2_label_alt_id 
_pdbx_struct_conn_angle.ptnr2_label_asym_id 
_pdbx_struct_conn_angle.ptnr2_label_comp_id 
_pdbx_struct_conn_angle.ptnr2_label_seq_id 
_pdbx_struct_conn_angle.ptnr2_auth_atom_id 
_pdbx_struct_conn_angle.ptnr2_auth_asym_id 
_pdbx_struct_conn_angle.ptnr2_auth_comp_id 
_pdbx_struct_conn_angle.ptnr2_auth_seq_id 
_pdbx_struct_conn_angle.ptnr2_PDB_ins_code 
_pdbx_struct_conn_angle.ptnr2_symmetry 
_pdbx_struct_conn_angle.ptnr3_label_atom_id 
_pdbx_struct_conn_angle.ptnr3_label_alt_id 
_pdbx_struct_conn_angle.ptnr3_label_asym_id 
_pdbx_struct_conn_angle.ptnr3_label_comp_id 
_pdbx_struct_conn_angle.ptnr3_label_seq_id 
_pdbx_struct_conn_angle.ptnr3_auth_atom_id 
_pdbx_struct_conn_angle.ptnr3_auth_asym_id 
_pdbx_struct_conn_angle.ptnr3_auth_comp_id 
_pdbx_struct_conn_angle.ptnr3_auth_seq_id 
_pdbx_struct_conn_angle.ptnr3_PDB_ins_code 
_pdbx_struct_conn_angle.ptnr3_symmetry 
_pdbx_struct_conn_angle.value 
_pdbx_struct_conn_angle.value_esd 
1  N3 ? C 1MZ . ? A 1MZ 111 ? 1_555 FE ? B HEM . ? A HEM 719 ? 1_555 NA  ? B HEM .  ? A HEM 719 ? 1_555 84.2  ? 
2  N3 ? C 1MZ . ? A 1MZ 111 ? 1_555 FE ? B HEM . ? A HEM 719 ? 1_555 NB  ? B HEM .  ? A HEM 719 ? 1_555 91.5  ? 
3  NA ? B HEM . ? A HEM 719 ? 1_555 FE ? B HEM . ? A HEM 719 ? 1_555 NB  ? B HEM .  ? A HEM 719 ? 1_555 91.0  ? 
4  N3 ? C 1MZ . ? A 1MZ 111 ? 1_555 FE ? B HEM . ? A HEM 719 ? 1_555 NC  ? B HEM .  ? A HEM 719 ? 1_555 92.1  ? 
5  NA ? B HEM . ? A HEM 719 ? 1_555 FE ? B HEM . ? A HEM 719 ? 1_555 NC  ? B HEM .  ? A HEM 719 ? 1_555 176.2 ? 
6  NB ? B HEM . ? A HEM 719 ? 1_555 FE ? B HEM . ? A HEM 719 ? 1_555 NC  ? B HEM .  ? A HEM 719 ? 1_555 89.3  ? 
7  N3 ? C 1MZ . ? A 1MZ 111 ? 1_555 FE ? B HEM . ? A HEM 719 ? 1_555 ND  ? B HEM .  ? A HEM 719 ? 1_555 87.3  ? 
8  NA ? B HEM . ? A HEM 719 ? 1_555 FE ? B HEM . ? A HEM 719 ? 1_555 ND  ? B HEM .  ? A HEM 719 ? 1_555 90.7  ? 
9  NB ? B HEM . ? A HEM 719 ? 1_555 FE ? B HEM . ? A HEM 719 ? 1_555 ND  ? B HEM .  ? A HEM 719 ? 1_555 177.8 ? 
10 NC ? B HEM . ? A HEM 719 ? 1_555 FE ? B HEM . ? A HEM 719 ? 1_555 ND  ? B HEM .  ? A HEM 719 ? 1_555 89.0  ? 
11 N3 ? C 1MZ . ? A 1MZ 111 ? 1_555 FE ? B HEM . ? A HEM 719 ? 1_555 NE2 ? A HIS 61 ? A HIS 200 ? 1_555 176.8 ? 
12 NA ? B HEM . ? A HEM 719 ? 1_555 FE ? B HEM . ? A HEM 719 ? 1_555 NE2 ? A HIS 61 ? A HIS 200 ? 1_555 94.7  ? 
13 NB ? B HEM . ? A HEM 719 ? 1_555 FE ? B HEM . ? A HEM 719 ? 1_555 NE2 ? A HIS 61 ? A HIS 200 ? 1_555 91.5  ? 
14 NC ? B HEM . ? A HEM 719 ? 1_555 FE ? B HEM . ? A HEM 719 ? 1_555 NE2 ? A HIS 61 ? A HIS 200 ? 1_555 89.1  ? 
15 ND ? B HEM . ? A HEM 719 ? 1_555 FE ? B HEM . ? A HEM 719 ? 1_555 NE2 ? A HIS 61 ? A HIS 200 ? 1_555 89.8  ? 
# 
_struct_mon_prot_cis.pdbx_id                1 
_struct_mon_prot_cis.label_comp_id          GLU 
_struct_mon_prot_cis.label_seq_id           55 
_struct_mon_prot_cis.label_asym_id          A 
_struct_mon_prot_cis.label_alt_id           . 
_struct_mon_prot_cis.pdbx_PDB_ins_code      ? 
_struct_mon_prot_cis.auth_comp_id           GLU 
_struct_mon_prot_cis.auth_seq_id            194 
_struct_mon_prot_cis.auth_asym_id           A 
_struct_mon_prot_cis.pdbx_label_comp_id_2   PRO 
_struct_mon_prot_cis.pdbx_label_seq_id_2    56 
_struct_mon_prot_cis.pdbx_label_asym_id_2   A 
_struct_mon_prot_cis.pdbx_PDB_ins_code_2    ? 
_struct_mon_prot_cis.pdbx_auth_comp_id_2    PRO 
_struct_mon_prot_cis.pdbx_auth_seq_id_2     195 
_struct_mon_prot_cis.pdbx_auth_asym_id_2    A 
_struct_mon_prot_cis.pdbx_PDB_model_num     1 
_struct_mon_prot_cis.pdbx_omega_angle       -0.05 
# 
_struct_sheet.id               A 
_struct_sheet.type             ? 
_struct_sheet.number_strands   5 
_struct_sheet.details          ? 
# 
loop_
_struct_sheet_order.sheet_id 
_struct_sheet_order.range_id_1 
_struct_sheet_order.range_id_2 
_struct_sheet_order.offset 
_struct_sheet_order.sense 
A 1 2 ? anti-parallel 
A 2 3 ? anti-parallel 
A 3 4 ? anti-parallel 
A 4 5 ? anti-parallel 
# 
loop_
_struct_sheet_range.sheet_id 
_struct_sheet_range.id 
_struct_sheet_range.beg_label_comp_id 
_struct_sheet_range.beg_label_asym_id 
_struct_sheet_range.beg_label_seq_id 
_struct_sheet_range.pdbx_beg_PDB_ins_code 
_struct_sheet_range.end_label_comp_id 
_struct_sheet_range.end_label_asym_id 
_struct_sheet_range.end_label_seq_id 
_struct_sheet_range.pdbx_end_PDB_ins_code 
_struct_sheet_range.beg_auth_comp_id 
_struct_sheet_range.beg_auth_asym_id 
_struct_sheet_range.beg_auth_seq_id 
_struct_sheet_range.end_auth_comp_id 
_struct_sheet_range.end_auth_asym_id 
_struct_sheet_range.end_auth_seq_id 
A 1 ILE A 26  ? PHE A 29  ? ILE A 165 PHE A 168 
A 2 ALA A 16  ? ASP A 21  ? ALA A 155 ASP A 160 
A 3 GLU A 107 ? ASP A 116 ? GLU A 246 ASP A 255 
A 4 THR A 92  ? SER A 104 ? THR A 231 SER A 243 
A 5 ARG A 81  ? LYS A 86  ? ARG A 220 LYS A 225 
# 
loop_
_pdbx_struct_sheet_hbond.sheet_id 
_pdbx_struct_sheet_hbond.range_id_1 
_pdbx_struct_sheet_hbond.range_id_2 
_pdbx_struct_sheet_hbond.range_1_label_atom_id 
_pdbx_struct_sheet_hbond.range_1_label_comp_id 
_pdbx_struct_sheet_hbond.range_1_label_asym_id 
_pdbx_struct_sheet_hbond.range_1_label_seq_id 
_pdbx_struct_sheet_hbond.range_1_PDB_ins_code 
_pdbx_struct_sheet_hbond.range_1_auth_atom_id 
_pdbx_struct_sheet_hbond.range_1_auth_comp_id 
_pdbx_struct_sheet_hbond.range_1_auth_asym_id 
_pdbx_struct_sheet_hbond.range_1_auth_seq_id 
_pdbx_struct_sheet_hbond.range_2_label_atom_id 
_pdbx_struct_sheet_hbond.range_2_label_comp_id 
_pdbx_struct_sheet_hbond.range_2_label_asym_id 
_pdbx_struct_sheet_hbond.range_2_label_seq_id 
_pdbx_struct_sheet_hbond.range_2_PDB_ins_code 
_pdbx_struct_sheet_hbond.range_2_auth_atom_id 
_pdbx_struct_sheet_hbond.range_2_auth_comp_id 
_pdbx_struct_sheet_hbond.range_2_auth_asym_id 
_pdbx_struct_sheet_hbond.range_2_auth_seq_id 
A 1 2 O GLN A 27  ? O GLN A 166 N VAL A 19  ? N VAL A 158 
A 2 3 N ILE A 18  ? N ILE A 157 O GLY A 112 ? O GLY A 251 
A 3 4 O ARG A 115 ? O ARG A 254 N HIS A 96  ? N HIS A 235 
A 4 5 O PHE A 93  ? O PHE A 232 N GLY A 85  ? N GLY A 224 
# 
loop_
_struct_site.id 
_struct_site.pdbx_evidence_code 
_struct_site.pdbx_auth_asym_id 
_struct_site.pdbx_auth_comp_id 
_struct_site.pdbx_auth_seq_id 
_struct_site.pdbx_auth_ins_code 
_struct_site.pdbx_num_residues 
_struct_site.details 
AC1 Software A HEM 719 ? 18 'BINDING SITE FOR RESIDUE HEM A 719' 
AC2 Software A 1MZ 111 ? 5  'BINDING SITE FOR RESIDUE 1MZ A 111' 
# 
loop_
_struct_site_gen.id 
_struct_site_gen.site_id 
_struct_site_gen.pdbx_num_res 
_struct_site_gen.label_comp_id 
_struct_site_gen.label_asym_id 
_struct_site_gen.label_seq_id 
_struct_site_gen.pdbx_auth_ins_code 
_struct_site_gen.auth_comp_id 
_struct_site_gen.auth_asym_id 
_struct_site_gen.auth_seq_id 
_struct_site_gen.label_atom_id 
_struct_site_gen.label_alt_id 
_struct_site_gen.symmetry 
_struct_site_gen.details 
1  AC1 18 1MZ C .   ? 1MZ A 111 . ? 1_555 ? 
2  AC1 18 ILE A 18  ? ILE A 157 . ? 1_555 ? 
3  AC1 18 ILE A 20  ? ILE A 159 . ? 1_555 ? 
4  AC1 18 VAL A 49  ? VAL A 188 . ? 1_555 ? 
5  AC1 18 LEU A 52  ? LEU A 191 . ? 1_555 ? 
6  AC1 18 MET A 53  ? MET A 192 . ? 1_555 ? 
7  AC1 18 ASP A 57  ? ASP A 196 . ? 1_555 ? 
8  AC1 18 HIS A 61  ? HIS A 200 . ? 1_555 ? 
9  AC1 18 TYR A 64  ? TYR A 203 . ? 1_555 ? 
10 AC1 18 ARG A 67  ? ARG A 206 . ? 1_555 ? 
11 AC1 18 TYR A 68  ? TYR A 207 . ? 1_555 ? 
12 AC1 18 HIS A 75  ? HIS A 214 . ? 1_555 ? 
13 AC1 18 ILE A 76  ? ILE A 215 . ? 1_555 ? 
14 AC1 18 THR A 84  ? THR A 223 . ? 1_555 ? 
15 AC1 18 MET A 95  ? MET A 234 . ? 1_555 ? 
16 AC1 18 LEU A 97  ? LEU A 236 . ? 1_555 ? 
17 AC1 18 ILE A 99  ? ILE A 238 . ? 1_555 ? 
18 AC1 18 PHE A 110 ? PHE A 249 . ? 1_555 ? 
19 AC2 5  ILE A 76  ? ILE A 215 . ? 1_555 ? 
20 AC2 5  ARG A 81  ? ARG A 220 . ? 1_555 ? 
21 AC2 5  LEU A 97  ? LEU A 236 . ? 1_555 ? 
22 AC2 5  ILE A 99  ? ILE A 238 . ? 1_555 ? 
23 AC2 5  HEM B .   ? HEM A 719 . ? 1_555 ? 
# 
_pdbx_validate_torsion.id              1 
_pdbx_validate_torsion.PDB_model_num   1 
_pdbx_validate_torsion.auth_comp_id    HIS 
_pdbx_validate_torsion.auth_asym_id    A 
_pdbx_validate_torsion.auth_seq_id     214 
_pdbx_validate_torsion.PDB_ins_code    ? 
_pdbx_validate_torsion.label_alt_id    ? 
_pdbx_validate_torsion.phi             -130.54 
_pdbx_validate_torsion.psi             -52.38 
# 
loop_
_pdbx_unobs_or_zero_occ_residues.id 
_pdbx_unobs_or_zero_occ_residues.PDB_model_num 
_pdbx_unobs_or_zero_occ_residues.polymer_flag 
_pdbx_unobs_or_zero_occ_residues.occupancy_flag 
_pdbx_unobs_or_zero_occ_residues.auth_asym_id 
_pdbx_unobs_or_zero_occ_residues.auth_comp_id 
_pdbx_unobs_or_zero_occ_residues.auth_seq_id 
_pdbx_unobs_or_zero_occ_residues.PDB_ins_code 
_pdbx_unobs_or_zero_occ_residues.label_asym_id 
_pdbx_unobs_or_zero_occ_residues.label_comp_id 
_pdbx_unobs_or_zero_occ_residues.label_seq_id 
1  1 Y 1 A MET 140 ? A MET 1   
2  1 Y 1 A ARG 141 ? A ARG 2   
3  1 Y 1 A GLU 142 ? A GLU 3   
4  1 Y 1 A THR 143 ? A THR 4   
5  1 Y 1 A HIS 144 ? A HIS 5   
6  1 Y 1 A LEU 145 ? A LEU 6   
7  1 Y 1 A ARG 146 ? A ARG 7   
8  1 Y 1 A SER 147 ? A SER 8   
9  1 Y 1 A ILE 148 ? A ILE 9   
10 1 Y 1 A LEU 149 ? A LEU 10  
11 1 Y 1 A HIS 150 ? A HIS 11  
12 1 Y 1 A THR 151 ? A THR 12  
13 1 Y 1 A ILE 152 ? A ILE 13  
14 1 Y 1 A PRO 153 ? A PRO 14  
15 1 Y 1 A GLN 270 ? A GLN 131 
# 
loop_
_chem_comp_atom.comp_id 
_chem_comp_atom.atom_id 
_chem_comp_atom.type_symbol 
_chem_comp_atom.pdbx_aromatic_flag 
_chem_comp_atom.pdbx_stereo_config 
_chem_comp_atom.pdbx_ordinal 
1MZ N1   N  Y N 1   
1MZ C2   C  Y N 2   
1MZ N3   N  Y N 3   
1MZ C4   C  Y N 4   
1MZ C5   C  Y N 5   
1MZ CM1  C  N N 6   
1MZ H2   H  N N 7   
1MZ HN3  H  N N 8   
1MZ H4   H  N N 9   
1MZ H5   H  N N 10  
1MZ HM11 H  N N 11  
1MZ HM12 H  N N 12  
1MZ HM13 H  N N 13  
ALA N    N  N N 14  
ALA CA   C  N S 15  
ALA C    C  N N 16  
ALA O    O  N N 17  
ALA CB   C  N N 18  
ALA OXT  O  N N 19  
ALA H    H  N N 20  
ALA H2   H  N N 21  
ALA HA   H  N N 22  
ALA HB1  H  N N 23  
ALA HB2  H  N N 24  
ALA HB3  H  N N 25  
ALA HXT  H  N N 26  
ARG N    N  N N 27  
ARG CA   C  N S 28  
ARG C    C  N N 29  
ARG O    O  N N 30  
ARG CB   C  N N 31  
ARG CG   C  N N 32  
ARG CD   C  N N 33  
ARG NE   N  N N 34  
ARG CZ   C  N N 35  
ARG NH1  N  N N 36  
ARG NH2  N  N N 37  
ARG OXT  O  N N 38  
ARG H    H  N N 39  
ARG H2   H  N N 40  
ARG HA   H  N N 41  
ARG HB2  H  N N 42  
ARG HB3  H  N N 43  
ARG HG2  H  N N 44  
ARG HG3  H  N N 45  
ARG HD2  H  N N 46  
ARG HD3  H  N N 47  
ARG HE   H  N N 48  
ARG HH11 H  N N 49  
ARG HH12 H  N N 50  
ARG HH21 H  N N 51  
ARG HH22 H  N N 52  
ARG HXT  H  N N 53  
ASN N    N  N N 54  
ASN CA   C  N S 55  
ASN C    C  N N 56  
ASN O    O  N N 57  
ASN CB   C  N N 58  
ASN CG   C  N N 59  
ASN OD1  O  N N 60  
ASN ND2  N  N N 61  
ASN OXT  O  N N 62  
ASN H    H  N N 63  
ASN H2   H  N N 64  
ASN HA   H  N N 65  
ASN HB2  H  N N 66  
ASN HB3  H  N N 67  
ASN HD21 H  N N 68  
ASN HD22 H  N N 69  
ASN HXT  H  N N 70  
ASP N    N  N N 71  
ASP CA   C  N S 72  
ASP C    C  N N 73  
ASP O    O  N N 74  
ASP CB   C  N N 75  
ASP CG   C  N N 76  
ASP OD1  O  N N 77  
ASP OD2  O  N N 78  
ASP OXT  O  N N 79  
ASP H    H  N N 80  
ASP H2   H  N N 81  
ASP HA   H  N N 82  
ASP HB2  H  N N 83  
ASP HB3  H  N N 84  
ASP HD2  H  N N 85  
ASP HXT  H  N N 86  
GLN N    N  N N 87  
GLN CA   C  N S 88  
GLN C    C  N N 89  
GLN O    O  N N 90  
GLN CB   C  N N 91  
GLN CG   C  N N 92  
GLN CD   C  N N 93  
GLN OE1  O  N N 94  
GLN NE2  N  N N 95  
GLN OXT  O  N N 96  
GLN H    H  N N 97  
GLN H2   H  N N 98  
GLN HA   H  N N 99  
GLN HB2  H  N N 100 
GLN HB3  H  N N 101 
GLN HG2  H  N N 102 
GLN HG3  H  N N 103 
GLN HE21 H  N N 104 
GLN HE22 H  N N 105 
GLN HXT  H  N N 106 
GLU N    N  N N 107 
GLU CA   C  N S 108 
GLU C    C  N N 109 
GLU O    O  N N 110 
GLU CB   C  N N 111 
GLU CG   C  N N 112 
GLU CD   C  N N 113 
GLU OE1  O  N N 114 
GLU OE2  O  N N 115 
GLU OXT  O  N N 116 
GLU H    H  N N 117 
GLU H2   H  N N 118 
GLU HA   H  N N 119 
GLU HB2  H  N N 120 
GLU HB3  H  N N 121 
GLU HG2  H  N N 122 
GLU HG3  H  N N 123 
GLU HE2  H  N N 124 
GLU HXT  H  N N 125 
GLY N    N  N N 126 
GLY CA   C  N N 127 
GLY C    C  N N 128 
GLY O    O  N N 129 
GLY OXT  O  N N 130 
GLY H    H  N N 131 
GLY H2   H  N N 132 
GLY HA2  H  N N 133 
GLY HA3  H  N N 134 
GLY HXT  H  N N 135 
HEM CHA  C  N N 136 
HEM CHB  C  N N 137 
HEM CHC  C  N N 138 
HEM CHD  C  N N 139 
HEM C1A  C  Y N 140 
HEM C2A  C  Y N 141 
HEM C3A  C  Y N 142 
HEM C4A  C  Y N 143 
HEM CMA  C  N N 144 
HEM CAA  C  N N 145 
HEM CBA  C  N N 146 
HEM CGA  C  N N 147 
HEM O1A  O  N N 148 
HEM O2A  O  N N 149 
HEM C1B  C  N N 150 
HEM C2B  C  N N 151 
HEM C3B  C  N N 152 
HEM C4B  C  N N 153 
HEM CMB  C  N N 154 
HEM CAB  C  N N 155 
HEM CBB  C  N N 156 
HEM C1C  C  Y N 157 
HEM C2C  C  Y N 158 
HEM C3C  C  Y N 159 
HEM C4C  C  Y N 160 
HEM CMC  C  N N 161 
HEM CAC  C  N N 162 
HEM CBC  C  N N 163 
HEM C1D  C  N N 164 
HEM C2D  C  N N 165 
HEM C3D  C  N N 166 
HEM C4D  C  N N 167 
HEM CMD  C  N N 168 
HEM CAD  C  N N 169 
HEM CBD  C  N N 170 
HEM CGD  C  N N 171 
HEM O1D  O  N N 172 
HEM O2D  O  N N 173 
HEM NA   N  Y N 174 
HEM NB   N  N N 175 
HEM NC   N  Y N 176 
HEM ND   N  N N 177 
HEM FE   FE N N 178 
HEM HHB  H  N N 179 
HEM HHC  H  N N 180 
HEM HHD  H  N N 181 
HEM HMA  H  N N 182 
HEM HMAA H  N N 183 
HEM HMAB H  N N 184 
HEM HAA  H  N N 185 
HEM HAAA H  N N 186 
HEM HBA  H  N N 187 
HEM HBAA H  N N 188 
HEM HMB  H  N N 189 
HEM HMBA H  N N 190 
HEM HMBB H  N N 191 
HEM HAB  H  N N 192 
HEM HBB  H  N N 193 
HEM HBBA H  N N 194 
HEM HMC  H  N N 195 
HEM HMCA H  N N 196 
HEM HMCB H  N N 197 
HEM HAC  H  N N 198 
HEM HBC  H  N N 199 
HEM HBCA H  N N 200 
HEM HMD  H  N N 201 
HEM HMDA H  N N 202 
HEM HMDB H  N N 203 
HEM HAD  H  N N 204 
HEM HADA H  N N 205 
HEM HBD  H  N N 206 
HEM HBDA H  N N 207 
HEM H2A  H  N N 208 
HEM H2D  H  N N 209 
HEM HHA  H  N N 210 
HIS N    N  N N 211 
HIS CA   C  N S 212 
HIS C    C  N N 213 
HIS O    O  N N 214 
HIS CB   C  N N 215 
HIS CG   C  Y N 216 
HIS ND1  N  Y N 217 
HIS CD2  C  Y N 218 
HIS CE1  C  Y N 219 
HIS NE2  N  Y N 220 
HIS OXT  O  N N 221 
HIS H    H  N N 222 
HIS H2   H  N N 223 
HIS HA   H  N N 224 
HIS HB2  H  N N 225 
HIS HB3  H  N N 226 
HIS HD1  H  N N 227 
HIS HD2  H  N N 228 
HIS HE1  H  N N 229 
HIS HE2  H  N N 230 
HIS HXT  H  N N 231 
HOH O    O  N N 232 
HOH H1   H  N N 233 
HOH H2   H  N N 234 
ILE N    N  N N 235 
ILE CA   C  N S 236 
ILE C    C  N N 237 
ILE O    O  N N 238 
ILE CB   C  N S 239 
ILE CG1  C  N N 240 
ILE CG2  C  N N 241 
ILE CD1  C  N N 242 
ILE OXT  O  N N 243 
ILE H    H  N N 244 
ILE H2   H  N N 245 
ILE HA   H  N N 246 
ILE HB   H  N N 247 
ILE HG12 H  N N 248 
ILE HG13 H  N N 249 
ILE HG21 H  N N 250 
ILE HG22 H  N N 251 
ILE HG23 H  N N 252 
ILE HD11 H  N N 253 
ILE HD12 H  N N 254 
ILE HD13 H  N N 255 
ILE HXT  H  N N 256 
LEU N    N  N N 257 
LEU CA   C  N S 258 
LEU C    C  N N 259 
LEU O    O  N N 260 
LEU CB   C  N N 261 
LEU CG   C  N N 262 
LEU CD1  C  N N 263 
LEU CD2  C  N N 264 
LEU OXT  O  N N 265 
LEU H    H  N N 266 
LEU H2   H  N N 267 
LEU HA   H  N N 268 
LEU HB2  H  N N 269 
LEU HB3  H  N N 270 
LEU HG   H  N N 271 
LEU HD11 H  N N 272 
LEU HD12 H  N N 273 
LEU HD13 H  N N 274 
LEU HD21 H  N N 275 
LEU HD22 H  N N 276 
LEU HD23 H  N N 277 
LEU HXT  H  N N 278 
LYS N    N  N N 279 
LYS CA   C  N S 280 
LYS C    C  N N 281 
LYS O    O  N N 282 
LYS CB   C  N N 283 
LYS CG   C  N N 284 
LYS CD   C  N N 285 
LYS CE   C  N N 286 
LYS NZ   N  N N 287 
LYS OXT  O  N N 288 
LYS H    H  N N 289 
LYS H2   H  N N 290 
LYS HA   H  N N 291 
LYS HB2  H  N N 292 
LYS HB3  H  N N 293 
LYS HG2  H  N N 294 
LYS HG3  H  N N 295 
LYS HD2  H  N N 296 
LYS HD3  H  N N 297 
LYS HE2  H  N N 298 
LYS HE3  H  N N 299 
LYS HZ1  H  N N 300 
LYS HZ2  H  N N 301 
LYS HZ3  H  N N 302 
LYS HXT  H  N N 303 
MET N    N  N N 304 
MET CA   C  N S 305 
MET C    C  N N 306 
MET O    O  N N 307 
MET CB   C  N N 308 
MET CG   C  N N 309 
MET SD   S  N N 310 
MET CE   C  N N 311 
MET OXT  O  N N 312 
MET H    H  N N 313 
MET H2   H  N N 314 
MET HA   H  N N 315 
MET HB2  H  N N 316 
MET HB3  H  N N 317 
MET HG2  H  N N 318 
MET HG3  H  N N 319 
MET HE1  H  N N 320 
MET HE2  H  N N 321 
MET HE3  H  N N 322 
MET HXT  H  N N 323 
PHE N    N  N N 324 
PHE CA   C  N S 325 
PHE C    C  N N 326 
PHE O    O  N N 327 
PHE CB   C  N N 328 
PHE CG   C  Y N 329 
PHE CD1  C  Y N 330 
PHE CD2  C  Y N 331 
PHE CE1  C  Y N 332 
PHE CE2  C  Y N 333 
PHE CZ   C  Y N 334 
PHE OXT  O  N N 335 
PHE H    H  N N 336 
PHE H2   H  N N 337 
PHE HA   H  N N 338 
PHE HB2  H  N N 339 
PHE HB3  H  N N 340 
PHE HD1  H  N N 341 
PHE HD2  H  N N 342 
PHE HE1  H  N N 343 
PHE HE2  H  N N 344 
PHE HZ   H  N N 345 
PHE HXT  H  N N 346 
PRO N    N  N N 347 
PRO CA   C  N S 348 
PRO C    C  N N 349 
PRO O    O  N N 350 
PRO CB   C  N N 351 
PRO CG   C  N N 352 
PRO CD   C  N N 353 
PRO OXT  O  N N 354 
PRO H    H  N N 355 
PRO HA   H  N N 356 
PRO HB2  H  N N 357 
PRO HB3  H  N N 358 
PRO HG2  H  N N 359 
PRO HG3  H  N N 360 
PRO HD2  H  N N 361 
PRO HD3  H  N N 362 
PRO HXT  H  N N 363 
SER N    N  N N 364 
SER CA   C  N S 365 
SER C    C  N N 366 
SER O    O  N N 367 
SER CB   C  N N 368 
SER OG   O  N N 369 
SER OXT  O  N N 370 
SER H    H  N N 371 
SER H2   H  N N 372 
SER HA   H  N N 373 
SER HB2  H  N N 374 
SER HB3  H  N N 375 
SER HG   H  N N 376 
SER HXT  H  N N 377 
THR N    N  N N 378 
THR CA   C  N S 379 
THR C    C  N N 380 
THR O    O  N N 381 
THR CB   C  N R 382 
THR OG1  O  N N 383 
THR CG2  C  N N 384 
THR OXT  O  N N 385 
THR H    H  N N 386 
THR H2   H  N N 387 
THR HA   H  N N 388 
THR HB   H  N N 389 
THR HG1  H  N N 390 
THR HG21 H  N N 391 
THR HG22 H  N N 392 
THR HG23 H  N N 393 
THR HXT  H  N N 394 
TRP N    N  N N 395 
TRP CA   C  N S 396 
TRP C    C  N N 397 
TRP O    O  N N 398 
TRP CB   C  N N 399 
TRP CG   C  Y N 400 
TRP CD1  C  Y N 401 
TRP CD2  C  Y N 402 
TRP NE1  N  Y N 403 
TRP CE2  C  Y N 404 
TRP CE3  C  Y N 405 
TRP CZ2  C  Y N 406 
TRP CZ3  C  Y N 407 
TRP CH2  C  Y N 408 
TRP OXT  O  N N 409 
TRP H    H  N N 410 
TRP H2   H  N N 411 
TRP HA   H  N N 412 
TRP HB2  H  N N 413 
TRP HB3  H  N N 414 
TRP HD1  H  N N 415 
TRP HE1  H  N N 416 
TRP HE3  H  N N 417 
TRP HZ2  H  N N 418 
TRP HZ3  H  N N 419 
TRP HH2  H  N N 420 
TRP HXT  H  N N 421 
TYR N    N  N N 422 
TYR CA   C  N S 423 
TYR C    C  N N 424 
TYR O    O  N N 425 
TYR CB   C  N N 426 
TYR CG   C  Y N 427 
TYR CD1  C  Y N 428 
TYR CD2  C  Y N 429 
TYR CE1  C  Y N 430 
TYR CE2  C  Y N 431 
TYR CZ   C  Y N 432 
TYR OH   O  N N 433 
TYR OXT  O  N N 434 
TYR H    H  N N 435 
TYR H2   H  N N 436 
TYR HA   H  N N 437 
TYR HB2  H  N N 438 
TYR HB3  H  N N 439 
TYR HD1  H  N N 440 
TYR HD2  H  N N 441 
TYR HE1  H  N N 442 
TYR HE2  H  N N 443 
TYR HH   H  N N 444 
TYR HXT  H  N N 445 
VAL N    N  N N 446 
VAL CA   C  N S 447 
VAL C    C  N N 448 
VAL O    O  N N 449 
VAL CB   C  N N 450 
VAL CG1  C  N N 451 
VAL CG2  C  N N 452 
VAL OXT  O  N N 453 
VAL H    H  N N 454 
VAL H2   H  N N 455 
VAL HA   H  N N 456 
VAL HB   H  N N 457 
VAL HG11 H  N N 458 
VAL HG12 H  N N 459 
VAL HG13 H  N N 460 
VAL HG21 H  N N 461 
VAL HG22 H  N N 462 
VAL HG23 H  N N 463 
VAL HXT  H  N N 464 
# 
loop_
_chem_comp_bond.comp_id 
_chem_comp_bond.atom_id_1 
_chem_comp_bond.atom_id_2 
_chem_comp_bond.value_order 
_chem_comp_bond.pdbx_aromatic_flag 
_chem_comp_bond.pdbx_stereo_config 
_chem_comp_bond.pdbx_ordinal 
1MZ N1  C2   sing Y N 1   
1MZ N1  C5   sing Y N 2   
1MZ N1  CM1  sing N N 3   
1MZ C2  N3   doub Y N 4   
1MZ C2  H2   sing N N 5   
1MZ N3  C4   sing Y N 6   
1MZ N3  HN3  sing N N 7   
1MZ C4  C5   doub Y N 8   
1MZ C4  H4   sing N N 9   
1MZ C5  H5   sing N N 10  
1MZ CM1 HM11 sing N N 11  
1MZ CM1 HM12 sing N N 12  
1MZ CM1 HM13 sing N N 13  
ALA N   CA   sing N N 14  
ALA N   H    sing N N 15  
ALA N   H2   sing N N 16  
ALA CA  C    sing N N 17  
ALA CA  CB   sing N N 18  
ALA CA  HA   sing N N 19  
ALA C   O    doub N N 20  
ALA C   OXT  sing N N 21  
ALA CB  HB1  sing N N 22  
ALA CB  HB2  sing N N 23  
ALA CB  HB3  sing N N 24  
ALA OXT HXT  sing N N 25  
ARG N   CA   sing N N 26  
ARG N   H    sing N N 27  
ARG N   H2   sing N N 28  
ARG CA  C    sing N N 29  
ARG CA  CB   sing N N 30  
ARG CA  HA   sing N N 31  
ARG C   O    doub N N 32  
ARG C   OXT  sing N N 33  
ARG CB  CG   sing N N 34  
ARG CB  HB2  sing N N 35  
ARG CB  HB3  sing N N 36  
ARG CG  CD   sing N N 37  
ARG CG  HG2  sing N N 38  
ARG CG  HG3  sing N N 39  
ARG CD  NE   sing N N 40  
ARG CD  HD2  sing N N 41  
ARG CD  HD3  sing N N 42  
ARG NE  CZ   sing N N 43  
ARG NE  HE   sing N N 44  
ARG CZ  NH1  sing N N 45  
ARG CZ  NH2  doub N N 46  
ARG NH1 HH11 sing N N 47  
ARG NH1 HH12 sing N N 48  
ARG NH2 HH21 sing N N 49  
ARG NH2 HH22 sing N N 50  
ARG OXT HXT  sing N N 51  
ASN N   CA   sing N N 52  
ASN N   H    sing N N 53  
ASN N   H2   sing N N 54  
ASN CA  C    sing N N 55  
ASN CA  CB   sing N N 56  
ASN CA  HA   sing N N 57  
ASN C   O    doub N N 58  
ASN C   OXT  sing N N 59  
ASN CB  CG   sing N N 60  
ASN CB  HB2  sing N N 61  
ASN CB  HB3  sing N N 62  
ASN CG  OD1  doub N N 63  
ASN CG  ND2  sing N N 64  
ASN ND2 HD21 sing N N 65  
ASN ND2 HD22 sing N N 66  
ASN OXT HXT  sing N N 67  
ASP N   CA   sing N N 68  
ASP N   H    sing N N 69  
ASP N   H2   sing N N 70  
ASP CA  C    sing N N 71  
ASP CA  CB   sing N N 72  
ASP CA  HA   sing N N 73  
ASP C   O    doub N N 74  
ASP C   OXT  sing N N 75  
ASP CB  CG   sing N N 76  
ASP CB  HB2  sing N N 77  
ASP CB  HB3  sing N N 78  
ASP CG  OD1  doub N N 79  
ASP CG  OD2  sing N N 80  
ASP OD2 HD2  sing N N 81  
ASP OXT HXT  sing N N 82  
GLN N   CA   sing N N 83  
GLN N   H    sing N N 84  
GLN N   H2   sing N N 85  
GLN CA  C    sing N N 86  
GLN CA  CB   sing N N 87  
GLN CA  HA   sing N N 88  
GLN C   O    doub N N 89  
GLN C   OXT  sing N N 90  
GLN CB  CG   sing N N 91  
GLN CB  HB2  sing N N 92  
GLN CB  HB3  sing N N 93  
GLN CG  CD   sing N N 94  
GLN CG  HG2  sing N N 95  
GLN CG  HG3  sing N N 96  
GLN CD  OE1  doub N N 97  
GLN CD  NE2  sing N N 98  
GLN NE2 HE21 sing N N 99  
GLN NE2 HE22 sing N N 100 
GLN OXT HXT  sing N N 101 
GLU N   CA   sing N N 102 
GLU N   H    sing N N 103 
GLU N   H2   sing N N 104 
GLU CA  C    sing N N 105 
GLU CA  CB   sing N N 106 
GLU CA  HA   sing N N 107 
GLU C   O    doub N N 108 
GLU C   OXT  sing N N 109 
GLU CB  CG   sing N N 110 
GLU CB  HB2  sing N N 111 
GLU CB  HB3  sing N N 112 
GLU CG  CD   sing N N 113 
GLU CG  HG2  sing N N 114 
GLU CG  HG3  sing N N 115 
GLU CD  OE1  doub N N 116 
GLU CD  OE2  sing N N 117 
GLU OE2 HE2  sing N N 118 
GLU OXT HXT  sing N N 119 
GLY N   CA   sing N N 120 
GLY N   H    sing N N 121 
GLY N   H2   sing N N 122 
GLY CA  C    sing N N 123 
GLY CA  HA2  sing N N 124 
GLY CA  HA3  sing N N 125 
GLY C   O    doub N N 126 
GLY C   OXT  sing N N 127 
GLY OXT HXT  sing N N 128 
HEM CHA C1A  sing N N 129 
HEM CHA C4D  doub N N 130 
HEM CHA HHA  sing N N 131 
HEM CHB C4A  sing N N 132 
HEM CHB C1B  doub N N 133 
HEM CHB HHB  sing N N 134 
HEM CHC C4B  sing N N 135 
HEM CHC C1C  doub N N 136 
HEM CHC HHC  sing N N 137 
HEM CHD C4C  doub N N 138 
HEM CHD C1D  sing N N 139 
HEM CHD HHD  sing N N 140 
HEM C1A C2A  doub Y N 141 
HEM C1A NA   sing Y N 142 
HEM C2A C3A  sing Y N 143 
HEM C2A CAA  sing N N 144 
HEM C3A C4A  doub Y N 145 
HEM C3A CMA  sing N N 146 
HEM C4A NA   sing Y N 147 
HEM CMA HMA  sing N N 148 
HEM CMA HMAA sing N N 149 
HEM CMA HMAB sing N N 150 
HEM CAA CBA  sing N N 151 
HEM CAA HAA  sing N N 152 
HEM CAA HAAA sing N N 153 
HEM CBA CGA  sing N N 154 
HEM CBA HBA  sing N N 155 
HEM CBA HBAA sing N N 156 
HEM CGA O1A  doub N N 157 
HEM CGA O2A  sing N N 158 
HEM C1B C2B  sing N N 159 
HEM C1B NB   sing N N 160 
HEM C2B C3B  doub N N 161 
HEM C2B CMB  sing N N 162 
HEM C3B C4B  sing N N 163 
HEM C3B CAB  sing N N 164 
HEM C4B NB   doub N N 165 
HEM CMB HMB  sing N N 166 
HEM CMB HMBA sing N N 167 
HEM CMB HMBB sing N N 168 
HEM CAB CBB  doub N N 169 
HEM CAB HAB  sing N N 170 
HEM CBB HBB  sing N N 171 
HEM CBB HBBA sing N N 172 
HEM C1C C2C  sing Y N 173 
HEM C1C NC   sing Y N 174 
HEM C2C C3C  doub Y N 175 
HEM C2C CMC  sing N N 176 
HEM C3C C4C  sing Y N 177 
HEM C3C CAC  sing N N 178 
HEM C4C NC   sing Y N 179 
HEM CMC HMC  sing N N 180 
HEM CMC HMCA sing N N 181 
HEM CMC HMCB sing N N 182 
HEM CAC CBC  doub N N 183 
HEM CAC HAC  sing N N 184 
HEM CBC HBC  sing N N 185 
HEM CBC HBCA sing N N 186 
HEM C1D C2D  sing N N 187 
HEM C1D ND   doub N N 188 
HEM C2D C3D  doub N N 189 
HEM C2D CMD  sing N N 190 
HEM C3D C4D  sing N N 191 
HEM C3D CAD  sing N N 192 
HEM C4D ND   sing N N 193 
HEM CMD HMD  sing N N 194 
HEM CMD HMDA sing N N 195 
HEM CMD HMDB sing N N 196 
HEM CAD CBD  sing N N 197 
HEM CAD HAD  sing N N 198 
HEM CAD HADA sing N N 199 
HEM CBD CGD  sing N N 200 
HEM CBD HBD  sing N N 201 
HEM CBD HBDA sing N N 202 
HEM CGD O1D  doub N N 203 
HEM CGD O2D  sing N N 204 
HEM O2A H2A  sing N N 205 
HEM O2D H2D  sing N N 206 
HEM FE  NA   sing N N 207 
HEM FE  NB   sing N N 208 
HEM FE  NC   sing N N 209 
HEM FE  ND   sing N N 210 
HIS N   CA   sing N N 211 
HIS N   H    sing N N 212 
HIS N   H2   sing N N 213 
HIS CA  C    sing N N 214 
HIS CA  CB   sing N N 215 
HIS CA  HA   sing N N 216 
HIS C   O    doub N N 217 
HIS C   OXT  sing N N 218 
HIS CB  CG   sing N N 219 
HIS CB  HB2  sing N N 220 
HIS CB  HB3  sing N N 221 
HIS CG  ND1  sing Y N 222 
HIS CG  CD2  doub Y N 223 
HIS ND1 CE1  doub Y N 224 
HIS ND1 HD1  sing N N 225 
HIS CD2 NE2  sing Y N 226 
HIS CD2 HD2  sing N N 227 
HIS CE1 NE2  sing Y N 228 
HIS CE1 HE1  sing N N 229 
HIS NE2 HE2  sing N N 230 
HIS OXT HXT  sing N N 231 
HOH O   H1   sing N N 232 
HOH O   H2   sing N N 233 
ILE N   CA   sing N N 234 
ILE N   H    sing N N 235 
ILE N   H2   sing N N 236 
ILE CA  C    sing N N 237 
ILE CA  CB   sing N N 238 
ILE CA  HA   sing N N 239 
ILE C   O    doub N N 240 
ILE C   OXT  sing N N 241 
ILE CB  CG1  sing N N 242 
ILE CB  CG2  sing N N 243 
ILE CB  HB   sing N N 244 
ILE CG1 CD1  sing N N 245 
ILE CG1 HG12 sing N N 246 
ILE CG1 HG13 sing N N 247 
ILE CG2 HG21 sing N N 248 
ILE CG2 HG22 sing N N 249 
ILE CG2 HG23 sing N N 250 
ILE CD1 HD11 sing N N 251 
ILE CD1 HD12 sing N N 252 
ILE CD1 HD13 sing N N 253 
ILE OXT HXT  sing N N 254 
LEU N   CA   sing N N 255 
LEU N   H    sing N N 256 
LEU N   H2   sing N N 257 
LEU CA  C    sing N N 258 
LEU CA  CB   sing N N 259 
LEU CA  HA   sing N N 260 
LEU C   O    doub N N 261 
LEU C   OXT  sing N N 262 
LEU CB  CG   sing N N 263 
LEU CB  HB2  sing N N 264 
LEU CB  HB3  sing N N 265 
LEU CG  CD1  sing N N 266 
LEU CG  CD2  sing N N 267 
LEU CG  HG   sing N N 268 
LEU CD1 HD11 sing N N 269 
LEU CD1 HD12 sing N N 270 
LEU CD1 HD13 sing N N 271 
LEU CD2 HD21 sing N N 272 
LEU CD2 HD22 sing N N 273 
LEU CD2 HD23 sing N N 274 
LEU OXT HXT  sing N N 275 
LYS N   CA   sing N N 276 
LYS N   H    sing N N 277 
LYS N   H2   sing N N 278 
LYS CA  C    sing N N 279 
LYS CA  CB   sing N N 280 
LYS CA  HA   sing N N 281 
LYS C   O    doub N N 282 
LYS C   OXT  sing N N 283 
LYS CB  CG   sing N N 284 
LYS CB  HB2  sing N N 285 
LYS CB  HB3  sing N N 286 
LYS CG  CD   sing N N 287 
LYS CG  HG2  sing N N 288 
LYS CG  HG3  sing N N 289 
LYS CD  CE   sing N N 290 
LYS CD  HD2  sing N N 291 
LYS CD  HD3  sing N N 292 
LYS CE  NZ   sing N N 293 
LYS CE  HE2  sing N N 294 
LYS CE  HE3  sing N N 295 
LYS NZ  HZ1  sing N N 296 
LYS NZ  HZ2  sing N N 297 
LYS NZ  HZ3  sing N N 298 
LYS OXT HXT  sing N N 299 
MET N   CA   sing N N 300 
MET N   H    sing N N 301 
MET N   H2   sing N N 302 
MET CA  C    sing N N 303 
MET CA  CB   sing N N 304 
MET CA  HA   sing N N 305 
MET C   O    doub N N 306 
MET C   OXT  sing N N 307 
MET CB  CG   sing N N 308 
MET CB  HB2  sing N N 309 
MET CB  HB3  sing N N 310 
MET CG  SD   sing N N 311 
MET CG  HG2  sing N N 312 
MET CG  HG3  sing N N 313 
MET SD  CE   sing N N 314 
MET CE  HE1  sing N N 315 
MET CE  HE2  sing N N 316 
MET CE  HE3  sing N N 317 
MET OXT HXT  sing N N 318 
PHE N   CA   sing N N 319 
PHE N   H    sing N N 320 
PHE N   H2   sing N N 321 
PHE CA  C    sing N N 322 
PHE CA  CB   sing N N 323 
PHE CA  HA   sing N N 324 
PHE C   O    doub N N 325 
PHE C   OXT  sing N N 326 
PHE CB  CG   sing N N 327 
PHE CB  HB2  sing N N 328 
PHE CB  HB3  sing N N 329 
PHE CG  CD1  doub Y N 330 
PHE CG  CD2  sing Y N 331 
PHE CD1 CE1  sing Y N 332 
PHE CD1 HD1  sing N N 333 
PHE CD2 CE2  doub Y N 334 
PHE CD2 HD2  sing N N 335 
PHE CE1 CZ   doub Y N 336 
PHE CE1 HE1  sing N N 337 
PHE CE2 CZ   sing Y N 338 
PHE CE2 HE2  sing N N 339 
PHE CZ  HZ   sing N N 340 
PHE OXT HXT  sing N N 341 
PRO N   CA   sing N N 342 
PRO N   CD   sing N N 343 
PRO N   H    sing N N 344 
PRO CA  C    sing N N 345 
PRO CA  CB   sing N N 346 
PRO CA  HA   sing N N 347 
PRO C   O    doub N N 348 
PRO C   OXT  sing N N 349 
PRO CB  CG   sing N N 350 
PRO CB  HB2  sing N N 351 
PRO CB  HB3  sing N N 352 
PRO CG  CD   sing N N 353 
PRO CG  HG2  sing N N 354 
PRO CG  HG3  sing N N 355 
PRO CD  HD2  sing N N 356 
PRO CD  HD3  sing N N 357 
PRO OXT HXT  sing N N 358 
SER N   CA   sing N N 359 
SER N   H    sing N N 360 
SER N   H2   sing N N 361 
SER CA  C    sing N N 362 
SER CA  CB   sing N N 363 
SER CA  HA   sing N N 364 
SER C   O    doub N N 365 
SER C   OXT  sing N N 366 
SER CB  OG   sing N N 367 
SER CB  HB2  sing N N 368 
SER CB  HB3  sing N N 369 
SER OG  HG   sing N N 370 
SER OXT HXT  sing N N 371 
THR N   CA   sing N N 372 
THR N   H    sing N N 373 
THR N   H2   sing N N 374 
THR CA  C    sing N N 375 
THR CA  CB   sing N N 376 
THR CA  HA   sing N N 377 
THR C   O    doub N N 378 
THR C   OXT  sing N N 379 
THR CB  OG1  sing N N 380 
THR CB  CG2  sing N N 381 
THR CB  HB   sing N N 382 
THR OG1 HG1  sing N N 383 
THR CG2 HG21 sing N N 384 
THR CG2 HG22 sing N N 385 
THR CG2 HG23 sing N N 386 
THR OXT HXT  sing N N 387 
TRP N   CA   sing N N 388 
TRP N   H    sing N N 389 
TRP N   H2   sing N N 390 
TRP CA  C    sing N N 391 
TRP CA  CB   sing N N 392 
TRP CA  HA   sing N N 393 
TRP C   O    doub N N 394 
TRP C   OXT  sing N N 395 
TRP CB  CG   sing N N 396 
TRP CB  HB2  sing N N 397 
TRP CB  HB3  sing N N 398 
TRP CG  CD1  doub Y N 399 
TRP CG  CD2  sing Y N 400 
TRP CD1 NE1  sing Y N 401 
TRP CD1 HD1  sing N N 402 
TRP CD2 CE2  doub Y N 403 
TRP CD2 CE3  sing Y N 404 
TRP NE1 CE2  sing Y N 405 
TRP NE1 HE1  sing N N 406 
TRP CE2 CZ2  sing Y N 407 
TRP CE3 CZ3  doub Y N 408 
TRP CE3 HE3  sing N N 409 
TRP CZ2 CH2  doub Y N 410 
TRP CZ2 HZ2  sing N N 411 
TRP CZ3 CH2  sing Y N 412 
TRP CZ3 HZ3  sing N N 413 
TRP CH2 HH2  sing N N 414 
TRP OXT HXT  sing N N 415 
TYR N   CA   sing N N 416 
TYR N   H    sing N N 417 
TYR N   H2   sing N N 418 
TYR CA  C    sing N N 419 
TYR CA  CB   sing N N 420 
TYR CA  HA   sing N N 421 
TYR C   O    doub N N 422 
TYR C   OXT  sing N N 423 
TYR CB  CG   sing N N 424 
TYR CB  HB2  sing N N 425 
TYR CB  HB3  sing N N 426 
TYR CG  CD1  doub Y N 427 
TYR CG  CD2  sing Y N 428 
TYR CD1 CE1  sing Y N 429 
TYR CD1 HD1  sing N N 430 
TYR CD2 CE2  doub Y N 431 
TYR CD2 HD2  sing N N 432 
TYR CE1 CZ   doub Y N 433 
TYR CE1 HE1  sing N N 434 
TYR CE2 CZ   sing Y N 435 
TYR CE2 HE2  sing N N 436 
TYR CZ  OH   sing N N 437 
TYR OH  HH   sing N N 438 
TYR OXT HXT  sing N N 439 
VAL N   CA   sing N N 440 
VAL N   H    sing N N 441 
VAL N   H2   sing N N 442 
VAL CA  C    sing N N 443 
VAL CA  CB   sing N N 444 
VAL CA  HA   sing N N 445 
VAL C   O    doub N N 446 
VAL C   OXT  sing N N 447 
VAL CB  CG1  sing N N 448 
VAL CB  CG2  sing N N 449 
VAL CB  HB   sing N N 450 
VAL CG1 HG11 sing N N 451 
VAL CG1 HG12 sing N N 452 
VAL CG1 HG13 sing N N 453 
VAL CG2 HG21 sing N N 454 
VAL CG2 HG22 sing N N 455 
VAL CG2 HG23 sing N N 456 
VAL OXT HXT  sing N N 457 
# 
_pdbx_initial_refinement_model.id               1 
_pdbx_initial_refinement_model.entity_id_list   ? 
_pdbx_initial_refinement_model.type             'experimental model' 
_pdbx_initial_refinement_model.source_name      PDB 
_pdbx_initial_refinement_model.accession_code   1DRM 
_pdbx_initial_refinement_model.details          'PDB ENTRY 1DRM' 
# 
_atom_sites.entry_id                    1LSX 
_atom_sites.fract_transf_matrix[1][1]   -0.00751082 
_atom_sites.fract_transf_matrix[1][2]   -0.00505253 
_atom_sites.fract_transf_matrix[1][3]   0.00083706 
_atom_sites.fract_transf_matrix[2][1]   0.00035429 
_atom_sites.fract_transf_matrix[2][2]   -0.00798772 
_atom_sites.fract_transf_matrix[2][3]   0.00432633 
_atom_sites.fract_transf_matrix[3][1]   -0.00361631 
_atom_sites.fract_transf_matrix[3][2]   0.00781545 
_atom_sites.fract_transf_matrix[3][3]   0.01472585 
_atom_sites.fract_transf_vector[1]      0.673117 
_atom_sites.fract_transf_vector[2]      0.515619 
_atom_sites.fract_transf_vector[3]      0.619354 
# 
loop_
_atom_type.symbol 
C  
FE 
N  
O  
S  
# 
loop_
_atom_site.group_PDB 
_atom_site.id 
_atom_site.type_symbol 
_atom_site.label_atom_id 
_atom_site.label_alt_id 
_atom_site.label_comp_id 
_atom_site.label_asym_id 
_atom_site.label_entity_id 
_atom_site.label_seq_id 
_atom_site.pdbx_PDB_ins_code 
_atom_site.Cartn_x 
_atom_site.Cartn_y 
_atom_site.Cartn_z 
_atom_site.occupancy 
_atom_site.B_iso_or_equiv 
_atom_site.pdbx_formal_charge 
_atom_site.auth_seq_id 
_atom_site.auth_comp_id 
_atom_site.auth_asym_id 
_atom_site.auth_atom_id 
_atom_site.pdbx_PDB_model_num 
ATOM   1    N  N   . ASP A 1 15  ? -8.518  7.220   6.330   1.00 52.25 ? 154 ASP A N   1 
ATOM   2    C  CA  . ASP A 1 15  ? -8.582  6.719   4.942   1.00 52.02 ? 154 ASP A CA  1 
ATOM   3    C  C   . ASP A 1 15  ? -8.228  5.287   5.285   1.00 50.43 ? 154 ASP A C   1 
ATOM   4    O  O   . ASP A 1 15  ? -8.671  4.804   6.329   1.00 55.35 ? 154 ASP A O   1 
ATOM   5    C  CB  . ASP A 1 15  ? -7.509  7.391   4.093   1.00 52.83 ? 154 ASP A CB  1 
ATOM   6    C  CG  . ASP A 1 15  ? -7.065  8.738   4.664   1.00 58.92 ? 154 ASP A CG  1 
ATOM   7    O  OD1 . ASP A 1 15  ? -6.283  8.748   5.656   1.00 57.32 ? 154 ASP A OD1 1 
ATOM   8    O  OD2 . ASP A 1 15  ? -7.533  9.799   4.164   1.00 58.60 ? 154 ASP A OD2 1 
ATOM   9    N  N   . ALA A 1 16  ? -7.493  4.565   4.469   1.00 44.15 ? 155 ALA A N   1 
ATOM   10   C  CA  . ALA A 1 16  ? -7.111  3.233   4.888   1.00 36.34 ? 155 ALA A CA  1 
ATOM   11   C  C   . ALA A 1 16  ? -5.691  3.414   5.427   1.00 29.09 ? 155 ALA A C   1 
ATOM   12   O  O   . ALA A 1 16  ? -4.956  4.269   4.937   1.00 27.11 ? 155 ALA A O   1 
ATOM   13   C  CB  . ALA A 1 16  ? -7.136  2.280   3.704   1.00 36.46 ? 155 ALA A CB  1 
ATOM   14   N  N   . MET A 1 17  ? -5.328  2.667   6.462   1.00 22.99 ? 156 MET A N   1 
ATOM   15   C  CA  . MET A 1 17  ? -3.989  2.765   7.033   1.00 16.95 ? 156 MET A CA  1 
ATOM   16   C  C   . MET A 1 17  ? -3.339  1.396   7.212   1.00 14.06 ? 156 MET A C   1 
ATOM   17   O  O   . MET A 1 17  ? -3.973  0.475   7.719   1.00 12.24 ? 156 MET A O   1 
ATOM   18   C  CB  . MET A 1 17  ? -4.003  3.481   8.388   1.00 11.23 ? 156 MET A CB  1 
ATOM   19   C  CG  . MET A 1 17  ? -2.718  3.213   9.140   1.00 17.91 ? 156 MET A CG  1 
ATOM   20   S  SD  . MET A 1 17  ? -2.571  3.913   10.738  1.00 23.84 ? 156 MET A SD  1 
ATOM   21   C  CE  . MET A 1 17  ? -2.533  2.450   11.728  1.00 19.21 ? 156 MET A CE  1 
ATOM   22   N  N   . ILE A 1 18  ? -2.069  1.292   6.822   1.00 11.37 ? 157 ILE A N   1 
ATOM   23   C  CA  . ILE A 1 18  ? -1.298  0.049   6.916   1.00 11.67 ? 157 ILE A CA  1 
ATOM   24   C  C   . ILE A 1 18  ? 0.092   0.375   7.479   1.00 11.08 ? 157 ILE A C   1 
ATOM   25   O  O   . ILE A 1 18  ? 0.743   1.340   7.048   1.00 7.48  ? 157 ILE A O   1 
ATOM   26   C  CB  . ILE A 1 18  ? -1.076  -0.591  5.493   1.00 9.84  ? 157 ILE A CB  1 
ATOM   27   C  CG1 . ILE A 1 18  ? -2.412  -0.919  4.829   1.00 10.49 ? 157 ILE A CG1 1 
ATOM   28   C  CG2 . ILE A 1 18  ? -0.194  -1.825  5.583   1.00 7.70  ? 157 ILE A CG2 1 
ATOM   29   C  CD1 . ILE A 1 18  ? -2.526  -0.355  3.426   1.00 7.87  ? 157 ILE A CD1 1 
ATOM   30   N  N   . VAL A 1 19  ? 0.550   -0.438  8.421   1.00 7.80  ? 158 VAL A N   1 
ATOM   31   C  CA  . VAL A 1 19  ? 1.876   -0.239  8.972   1.00 11.84 ? 158 VAL A CA  1 
ATOM   32   C  C   . VAL A 1 19  ? 2.685   -1.512  8.687   1.00 13.90 ? 158 VAL A C   1 
ATOM   33   O  O   . VAL A 1 19  ? 2.174   -2.612  8.894   1.00 15.49 ? 158 VAL A O   1 
ATOM   34   C  CB  . VAL A 1 19  ? 1.814   0.024   10.484  1.00 12.24 ? 158 VAL A CB  1 
ATOM   35   C  CG1 . VAL A 1 19  ? 3.224   0.173   11.052  1.00 6.77  ? 158 VAL A CG1 1 
ATOM   36   C  CG2 . VAL A 1 19  ? 0.961   1.280   10.759  1.00 7.70  ? 158 VAL A CG2 1 
ATOM   37   N  N   . ILE A 1 20  ? 3.892   -1.381  8.133   1.00 12.94 ? 159 ILE A N   1 
ATOM   38   C  CA  . ILE A 1 20  ? 4.732   -2.560  7.875   1.00 13.45 ? 159 ILE A CA  1 
ATOM   39   C  C   . ILE A 1 20  ? 6.070   -2.413  8.583   1.00 12.36 ? 159 ILE A C   1 
ATOM   40   O  O   . ILE A 1 20  ? 6.409   -1.337  9.062   1.00 16.25 ? 159 ILE A O   1 
ATOM   41   C  CB  . ILE A 1 20  ? 5.012   -2.800  6.361   1.00 8.84  ? 159 ILE A CB  1 
ATOM   42   C  CG1 . ILE A 1 20  ? 5.932   -1.710  5.796   1.00 9.02  ? 159 ILE A CG1 1 
ATOM   43   C  CG2 . ILE A 1 20  ? 3.729   -2.888  5.614   1.00 2.94  ? 159 ILE A CG2 1 
ATOM   44   C  CD1 . ILE A 1 20  ? 6.045   -1.725  4.302   1.00 11.91 ? 159 ILE A CD1 1 
ATOM   45   N  N   . ASP A 1 21  ? 6.824   -3.494  8.667   1.00 15.04 ? 160 ASP A N   1 
ATOM   46   C  CA  . ASP A 1 21  ? 8.147   -3.425  9.280   1.00 15.64 ? 160 ASP A CA  1 
ATOM   47   C  C   . ASP A 1 21  ? 9.160   -3.345  8.133   1.00 16.69 ? 160 ASP A C   1 
ATOM   48   O  O   . ASP A 1 21  ? 8.774   -3.420  6.943   1.00 17.58 ? 160 ASP A O   1 
ATOM   49   C  CB  . ASP A 1 21  ? 8.410   -4.651  10.165  1.00 12.62 ? 160 ASP A CB  1 
ATOM   50   C  CG  . ASP A 1 21  ? 8.372   -5.987  9.396   1.00 17.16 ? 160 ASP A CG  1 
ATOM   51   O  OD1 . ASP A 1 21  ? 8.472   -6.007  8.140   1.00 5.59  ? 160 ASP A OD1 1 
ATOM   52   O  OD2 . ASP A 1 21  ? 8.254   -7.037  10.091  1.00 15.08 ? 160 ASP A OD2 1 
ATOM   53   N  N   . GLY A 1 22  ? 10.442  -3.296  8.474   1.00 13.60 ? 161 GLY A N   1 
ATOM   54   C  CA  . GLY A 1 22  ? 11.474  -3.224  7.447   1.00 18.72 ? 161 GLY A CA  1 
ATOM   55   C  C   . GLY A 1 22  ? 11.578  -4.361  6.437   1.00 17.98 ? 161 GLY A C   1 
ATOM   56   O  O   . GLY A 1 22  ? 12.456  -4.346  5.587   1.00 21.45 ? 161 GLY A O   1 
ATOM   57   N  N   . HIS A 1 23  ? 10.720  -5.370  6.529   1.00 20.89 ? 162 HIS A N   1 
ATOM   58   C  CA  . HIS A 1 23  ? 10.755  -6.467  5.570   1.00 22.05 ? 162 HIS A CA  1 
ATOM   59   C  C   . HIS A 1 23  ? 9.449   -6.573  4.804   1.00 21.62 ? 162 HIS A C   1 
ATOM   60   O  O   . HIS A 1 23  ? 9.216   -7.560  4.096   1.00 24.17 ? 162 HIS A O   1 
ATOM   61   C  CB  . HIS A 1 23  ? 11.088  -7.808  6.235   1.00 25.64 ? 162 HIS A CB  1 
ATOM   62   C  CG  . HIS A 1 23  ? 12.432  -7.840  6.899   1.00 32.61 ? 162 HIS A CG  1 
ATOM   63   N  ND1 . HIS A 1 23  ? 13.609  -7.648  6.212   1.00 33.86 ? 162 HIS A ND1 1 
ATOM   64   C  CD2 . HIS A 1 23  ? 12.776  -8.055  8.193   1.00 33.05 ? 162 HIS A CD2 1 
ATOM   65   C  CE1 . HIS A 1 23  ? 14.628  -7.745  7.051   1.00 33.36 ? 162 HIS A CE1 1 
ATOM   66   N  NE2 . HIS A 1 23  ? 14.150  -7.993  8.257   1.00 34.20 ? 162 HIS A NE2 1 
ATOM   67   N  N   . GLY A 1 24  ? 8.605   -5.549  4.938   1.00 20.88 ? 163 GLY A N   1 
ATOM   68   C  CA  . GLY A 1 24  ? 7.337   -5.514  4.225   1.00 11.34 ? 163 GLY A CA  1 
ATOM   69   C  C   . GLY A 1 24  ? 6.251   -6.332  4.866   1.00 16.69 ? 163 GLY A C   1 
ATOM   70   O  O   . GLY A 1 24  ? 5.253   -6.636  4.224   1.00 24.89 ? 163 GLY A O   1 
ATOM   71   N  N   . ILE A 1 25  ? 6.396   -6.651  6.143   1.00 14.05 ? 164 ILE A N   1 
ATOM   72   C  CA  . ILE A 1 25  ? 5.394   -7.453  6.827   1.00 13.68 ? 164 ILE A CA  1 
ATOM   73   C  C   . ILE A 1 25  ? 4.390   -6.547  7.480   1.00 13.53 ? 164 ILE A C   1 
ATOM   74   O  O   . ILE A 1 25  ? 4.784   -5.590  8.157   1.00 12.65 ? 164 ILE A O   1 
ATOM   75   C  CB  . ILE A 1 25  ? 6.037   -8.409  7.888   1.00 10.25 ? 164 ILE A CB  1 
ATOM   76   C  CG1 . ILE A 1 25  ? 7.046   -9.315  7.193   1.00 6.53  ? 164 ILE A CG1 1 
ATOM   77   C  CG2 . ILE A 1 25  ? 4.970   -9.322  8.483   1.00 8.87  ? 164 ILE A CG2 1 
ATOM   78   C  CD1 . ILE A 1 25  ? 6.432   -10.195 6.095   1.00 2.00  ? 164 ILE A CD1 1 
ATOM   79   N  N   . ILE A 1 26  ? 3.106   -6.859  7.288   1.00 9.54  ? 165 ILE A N   1 
ATOM   80   C  CA  . ILE A 1 26  ? 2.049   -6.045  7.845   1.00 8.71  ? 165 ILE A CA  1 
ATOM   81   C  C   . ILE A 1 26  ? 2.039   -6.164  9.349   1.00 9.86  ? 165 ILE A C   1 
ATOM   82   O  O   . ILE A 1 26  ? 1.996   -7.258  9.907   1.00 12.05 ? 165 ILE A O   1 
ATOM   83   C  CB  . ILE A 1 26  ? 0.642   -6.378  7.236   1.00 9.10  ? 165 ILE A CB  1 
ATOM   84   C  CG1 . ILE A 1 26  ? 0.632   -6.066  5.733   1.00 7.14  ? 165 ILE A CG1 1 
ATOM   85   C  CG2 . ILE A 1 26  ? -0.501  -5.577  7.943   1.00 2.00  ? 165 ILE A CG2 1 
ATOM   86   C  CD1 . ILE A 1 26  ? -0.747  -6.322  5.057   1.00 4.25  ? 165 ILE A CD1 1 
ATOM   87   N  N   . GLN A 1 27  ? 2.099   -5.016  10.001  1.00 10.10 ? 166 GLN A N   1 
ATOM   88   C  CA  . GLN A 1 27  ? 2.085   -4.956  11.442  1.00 12.53 ? 166 GLN A CA  1 
ATOM   89   C  C   . GLN A 1 27  ? 0.713   -4.560  11.961  1.00 14.83 ? 166 GLN A C   1 
ATOM   90   O  O   . GLN A 1 27  ? 0.170   -5.226  12.835  1.00 18.86 ? 166 GLN A O   1 
ATOM   91   C  CB  . GLN A 1 27  ? 3.137   -3.958  11.909  1.00 15.02 ? 166 GLN A CB  1 
ATOM   92   C  CG  . GLN A 1 27  ? 4.535   -4.419  11.587  1.00 12.39 ? 166 GLN A CG  1 
ATOM   93   C  CD  . GLN A 1 27  ? 4.778   -5.834  12.077  1.00 15.15 ? 166 GLN A CD  1 
ATOM   94   O  OE1 . GLN A 1 27  ? 4.464   -6.168  13.213  1.00 13.65 ? 166 GLN A OE1 1 
ATOM   95   N  NE2 . GLN A 1 27  ? 5.314   -6.679  11.208  1.00 17.74 ? 166 GLN A NE2 1 
ATOM   96   N  N   . LEU A 1 28  ? 0.144   -3.504  11.382  1.00 12.49 ? 167 LEU A N   1 
ATOM   97   C  CA  . LEU A 1 28  ? -1.147  -2.974  11.790  1.00 10.16 ? 167 LEU A CA  1 
ATOM   98   C  C   . LEU A 1 28  ? -1.916  -2.782  10.496  1.00 13.05 ? 167 LEU A C   1 
ATOM   99   O  O   . LEU A 1 28  ? -1.318  -2.454  9.473   1.00 16.81 ? 167 LEU A O   1 
ATOM   100  C  CB  . LEU A 1 28  ? -0.962  -1.638  12.529  1.00 10.50 ? 167 LEU A CB  1 
ATOM   101  C  CG  . LEU A 1 28  ? -0.224  -1.725  13.880  1.00 11.80 ? 167 LEU A CG  1 
ATOM   102  C  CD1 . LEU A 1 28  ? 0.210   -0.351  14.360  1.00 6.63  ? 167 LEU A CD1 1 
ATOM   103  C  CD2 . LEU A 1 28  ? -1.132  -2.389  14.922  1.00 6.40  ? 167 LEU A CD2 1 
ATOM   104  N  N   . PHE A 1 29  ? -3.229  -2.974  10.558  1.00 8.57  ? 168 PHE A N   1 
ATOM   105  C  CA  . PHE A 1 29  ? -4.107  -2.915  9.416   1.00 7.99  ? 168 PHE A CA  1 
ATOM   106  C  C   . PHE A 1 29  ? -5.458  -2.375  9.903   1.00 14.13 ? 168 PHE A C   1 
ATOM   107  O  O   . PHE A 1 29  ? -6.228  -3.104  10.549  1.00 18.50 ? 168 PHE A O   1 
ATOM   108  C  CB  . PHE A 1 29  ? -4.275  -4.345  8.902   1.00 6.83  ? 168 PHE A CB  1 
ATOM   109  C  CG  . PHE A 1 29  ? -4.816  -4.447  7.501   1.00 5.03  ? 168 PHE A CG  1 
ATOM   110  C  CD1 . PHE A 1 29  ? -4.084  -3.975  6.429   1.00 2.00  ? 168 PHE A CD1 1 
ATOM   111  C  CD2 . PHE A 1 29  ? -6.040  -5.062  7.261   1.00 6.26  ? 168 PHE A CD2 1 
ATOM   112  C  CE1 . PHE A 1 29  ? -4.549  -4.116  5.136   1.00 2.00  ? 168 PHE A CE1 1 
ATOM   113  C  CE2 . PHE A 1 29  ? -6.516  -5.211  5.962   1.00 10.86 ? 168 PHE A CE2 1 
ATOM   114  C  CZ  . PHE A 1 29  ? -5.762  -4.735  4.889   1.00 4.82  ? 168 PHE A CZ  1 
ATOM   115  N  N   . SER A 1 30  ? -5.750  -1.114  9.587   1.00 9.81  ? 169 SER A N   1 
ATOM   116  C  CA  . SER A 1 30  ? -6.986  -0.490  10.037  1.00 14.46 ? 169 SER A CA  1 
ATOM   117  C  C   . SER A 1 30  ? -8.297  -1.083  9.483   1.00 16.81 ? 169 SER A C   1 
ATOM   118  O  O   . SER A 1 30  ? -8.308  -1.799  8.468   1.00 20.05 ? 169 SER A O   1 
ATOM   119  C  CB  . SER A 1 30  ? -6.948  1.013   9.737   1.00 11.00 ? 169 SER A CB  1 
ATOM   120  O  OG  . SER A 1 30  ? -7.224  1.271   8.366   1.00 14.19 ? 169 SER A OG  1 
ATOM   121  N  N   . THR A 1 31  ? -9.400  -0.720  10.138  1.00 16.29 ? 170 THR A N   1 
ATOM   122  C  CA  . THR A 1 31  ? -10.749 -1.139  9.758   1.00 14.54 ? 170 THR A CA  1 
ATOM   123  C  C   . THR A 1 31  ? -11.040 -0.774  8.312   1.00 17.00 ? 170 THR A C   1 
ATOM   124  O  O   . THR A 1 31  ? -11.402 -1.631  7.497   1.00 23.00 ? 170 THR A O   1 
ATOM   125  C  CB  . THR A 1 31  ? -11.793 -0.447  10.631  1.00 9.45  ? 170 THR A CB  1 
ATOM   126  O  OG1 . THR A 1 31  ? -11.559 -0.774  12.005  1.00 17.65 ? 170 THR A OG1 1 
ATOM   127  C  CG2 . THR A 1 31  ? -13.178 -0.859  10.244  1.00 14.67 ? 170 THR A CG2 1 
ATOM   128  N  N   . ALA A 1 32  ? -10.874 0.503   8.002   1.00 15.48 ? 171 ALA A N   1 
ATOM   129  C  CA  . ALA A 1 32  ? -11.087 1.018   6.661   1.00 18.01 ? 171 ALA A CA  1 
ATOM   130  C  C   . ALA A 1 32  ? -10.217 0.267   5.644   1.00 18.93 ? 171 ALA A C   1 
ATOM   131  O  O   . ALA A 1 32  ? -10.579 0.195   4.465   1.00 20.23 ? 171 ALA A O   1 
ATOM   132  C  CB  . ALA A 1 32  ? -10.783 2.545   6.612   1.00 13.76 ? 171 ALA A CB  1 
ATOM   133  N  N   . ALA A 1 33  ? -9.061  -0.248  6.080   1.00 18.08 ? 172 ALA A N   1 
ATOM   134  C  CA  . ALA A 1 33  ? -8.190  -0.996  5.165   1.00 18.64 ? 172 ALA A CA  1 
ATOM   135  C  C   . ALA A 1 33  ? -8.836  -2.332  4.836   1.00 18.46 ? 172 ALA A C   1 
ATOM   136  O  O   . ALA A 1 33  ? -8.777  -2.791  3.688   1.00 18.16 ? 172 ALA A O   1 
ATOM   137  C  CB  . ALA A 1 33  ? -6.817  -1.214  5.751   1.00 11.18 ? 172 ALA A CB  1 
ATOM   138  N  N   . GLU A 1 34  ? -9.442  -2.949  5.849   1.00 17.72 ? 173 GLU A N   1 
ATOM   139  C  CA  . GLU A 1 34  ? -10.127 -4.237  5.702   1.00 18.42 ? 173 GLU A CA  1 
ATOM   140  C  C   . GLU A 1 34  ? -11.225 -4.077  4.664   1.00 19.73 ? 173 GLU A C   1 
ATOM   141  O  O   . GLU A 1 34  ? -11.342 -4.897  3.759   1.00 15.75 ? 173 GLU A O   1 
ATOM   142  C  CB  . GLU A 1 34  ? -10.781 -4.656  7.027   1.00 17.63 ? 173 GLU A CB  1 
ATOM   143  C  CG  . GLU A 1 34  ? -9.849  -4.771  8.202   1.00 21.16 ? 173 GLU A CG  1 
ATOM   144  C  CD  . GLU A 1 34  ? -10.564 -5.175  9.461   1.00 24.06 ? 173 GLU A CD  1 
ATOM   145  O  OE1 . GLU A 1 34  ? -11.655 -4.646  9.741   1.00 33.98 ? 173 GLU A OE1 1 
ATOM   146  O  OE2 . GLU A 1 34  ? -10.031 -6.022  10.180  1.00 26.85 ? 173 GLU A OE2 1 
ATOM   147  N  N   . ARG A 1 35  ? -12.052 -3.035  4.833   1.00 21.15 ? 174 ARG A N   1 
ATOM   148  C  CA  . ARG A 1 35  ? -13.145 -2.748  3.903   1.00 20.41 ? 174 ARG A CA  1 
ATOM   149  C  C   . ARG A 1 35  ? -12.595 -2.494  2.505   1.00 21.48 ? 174 ARG A C   1 
ATOM   150  O  O   . ARG A 1 35  ? -13.081 -3.035  1.520   1.00 25.27 ? 174 ARG A O   1 
ATOM   151  C  CB  . ARG A 1 35  ? -13.926 -1.522  4.347   1.00 25.00 ? 174 ARG A CB  1 
ATOM   152  C  CG  . ARG A 1 35  ? -14.542 -1.610  5.730   1.00 30.88 ? 174 ARG A CG  1 
ATOM   153  C  CD  . ARG A 1 35  ? -15.563 -0.488  5.930   1.00 35.39 ? 174 ARG A CD  1 
ATOM   154  N  NE  . ARG A 1 35  ? -15.655 -0.076  7.329   1.00 42.25 ? 174 ARG A NE  1 
ATOM   155  C  CZ  . ARG A 1 35  ? -15.137 1.053   7.821   1.00 44.52 ? 174 ARG A CZ  1 
ATOM   156  N  NH1 . ARG A 1 35  ? -14.493 1.905   7.025   1.00 44.13 ? 174 ARG A NH1 1 
ATOM   157  N  NH2 . ARG A 1 35  ? -15.226 1.314   9.119   1.00 42.43 ? 174 ARG A NH2 1 
ATOM   158  N  N   . LEU A 1 36  ? -11.528 -1.721  2.427   1.00 19.59 ? 175 LEU A N   1 
ATOM   159  C  CA  . LEU A 1 36  ? -10.939 -1.407  1.149   1.00 17.96 ? 175 LEU A CA  1 
ATOM   160  C  C   . LEU A 1 36  ? -10.297 -2.600  0.443   1.00 18.02 ? 175 LEU A C   1 
ATOM   161  O  O   . LEU A 1 36  ? -10.503 -2.806  -0.746  1.00 22.86 ? 175 LEU A O   1 
ATOM   162  C  CB  . LEU A 1 36  ? -9.931  -0.270  1.331   1.00 17.93 ? 175 LEU A CB  1 
ATOM   163  C  CG  . LEU A 1 36  ? -9.287  0.261   0.054   1.00 21.92 ? 175 LEU A CG  1 
ATOM   164  C  CD1 . LEU A 1 36  ? -10.401 0.630   -0.909  1.00 19.98 ? 175 LEU A CD1 1 
ATOM   165  C  CD2 . LEU A 1 36  ? -8.412  1.470   0.368   1.00 19.14 ? 175 LEU A CD2 1 
ATOM   166  N  N   . PHE A 1 37  ? -9.538  -3.410  1.166   1.00 15.13 ? 176 PHE A N   1 
ATOM   167  C  CA  . PHE A 1 37  ? -8.864  -4.525  0.530   1.00 10.76 ? 176 PHE A CA  1 
ATOM   168  C  C   . PHE A 1 37  ? -9.590  -5.870  0.640   1.00 11.46 ? 176 PHE A C   1 
ATOM   169  O  O   . PHE A 1 37  ? -9.396  -6.774  -0.182  1.00 6.36  ? 176 PHE A O   1 
ATOM   170  C  CB  . PHE A 1 37  ? -7.414  -4.603  1.035   1.00 12.91 ? 176 PHE A CB  1 
ATOM   171  C  CG  . PHE A 1 37  ? -6.565  -3.399  0.662   1.00 4.94  ? 176 PHE A CG  1 
ATOM   172  C  CD1 . PHE A 1 37  ? -6.402  -2.342  1.542   1.00 9.31  ? 176 PHE A CD1 1 
ATOM   173  C  CD2 . PHE A 1 37  ? -5.919  -3.342  -0.564  1.00 7.27  ? 176 PHE A CD2 1 
ATOM   174  C  CE1 . PHE A 1 37  ? -5.605  -1.230  1.202   1.00 10.08 ? 176 PHE A CE1 1 
ATOM   175  C  CE2 . PHE A 1 37  ? -5.129  -2.248  -0.915  1.00 8.49  ? 176 PHE A CE2 1 
ATOM   176  C  CZ  . PHE A 1 37  ? -4.968  -1.185  -0.021  1.00 8.90  ? 176 PHE A CZ  1 
ATOM   177  N  N   . GLY A 1 38  ? -10.449 -5.995  1.640   1.00 10.50 ? 177 GLY A N   1 
ATOM   178  C  CA  . GLY A 1 38  ? -11.191 -7.224  1.804   1.00 18.32 ? 177 GLY A CA  1 
ATOM   179  C  C   . GLY A 1 38  ? -10.527 -8.261  2.684   1.00 23.86 ? 177 GLY A C   1 
ATOM   180  O  O   . GLY A 1 38  ? -10.948 -9.427  2.695   1.00 30.87 ? 177 GLY A O   1 
ATOM   181  N  N   . TRP A 1 39  ? -9.448  -7.887  3.368   1.00 21.37 ? 178 TRP A N   1 
ATOM   182  C  CA  . TRP A 1 39  ? -8.790  -8.840  4.263   1.00 18.19 ? 178 TRP A CA  1 
ATOM   183  C  C   . TRP A 1 39  ? -9.103  -8.374  5.667   1.00 16.44 ? 178 TRP A C   1 
ATOM   184  O  O   . TRP A 1 39  ? -9.252  -7.177  5.903   1.00 19.26 ? 178 TRP A O   1 
ATOM   185  C  CB  . TRP A 1 39  ? -7.283  -8.855  4.048   1.00 15.42 ? 178 TRP A CB  1 
ATOM   186  C  CG  . TRP A 1 39  ? -6.856  -9.194  2.668   1.00 13.75 ? 178 TRP A CG  1 
ATOM   187  C  CD1 . TRP A 1 39  ? -6.571  -8.317  1.672   1.00 21.58 ? 178 TRP A CD1 1 
ATOM   188  C  CD2 . TRP A 1 39  ? -6.529  -10.489 2.167   1.00 19.98 ? 178 TRP A CD2 1 
ATOM   189  N  NE1 . TRP A 1 39  ? -6.067  -8.983  0.577   1.00 23.40 ? 178 TRP A NE1 1 
ATOM   190  C  CE2 . TRP A 1 39  ? -6.032  -10.320 0.853   1.00 23.10 ? 178 TRP A CE2 1 
ATOM   191  C  CE3 . TRP A 1 39  ? -6.602  -11.787 2.703   1.00 24.43 ? 178 TRP A CE3 1 
ATOM   192  C  CZ2 . TRP A 1 39  ? -5.584  -11.397 0.065   1.00 22.13 ? 178 TRP A CZ2 1 
ATOM   193  C  CZ3 . TRP A 1 39  ? -6.166  -12.854 1.921   1.00 25.97 ? 178 TRP A CZ3 1 
ATOM   194  C  CH2 . TRP A 1 39  ? -5.663  -12.648 0.606   1.00 22.82 ? 178 TRP A CH2 1 
ATOM   195  N  N   . SER A 1 40  ? -9.298  -9.299  6.589   1.00 14.99 ? 179 SER A N   1 
ATOM   196  C  CA  . SER A 1 40  ? -9.570  -8.875  7.951   1.00 16.08 ? 179 SER A CA  1 
ATOM   197  C  C   . SER A 1 40  ? -8.210  -8.530  8.531   1.00 14.19 ? 179 SER A C   1 
ATOM   198  O  O   . SER A 1 40  ? -7.159  -8.812  7.926   1.00 16.03 ? 179 SER A O   1 
ATOM   199  C  CB  . SER A 1 40  ? -10.232 -9.978  8.776   1.00 14.30 ? 179 SER A CB  1 
ATOM   200  O  OG  . SER A 1 40  ? -9.287  -10.935 9.228   1.00 21.63 ? 179 SER A OG  1 
ATOM   201  N  N   . GLU A 1 41  ? -8.230  -7.908  9.692   1.00 10.44 ? 180 GLU A N   1 
ATOM   202  C  CA  . GLU A 1 41  ? -7.017  -7.532  10.392  1.00 9.89  ? 180 GLU A CA  1 
ATOM   203  C  C   . GLU A 1 41  ? -6.145  -8.760  10.650  1.00 12.66 ? 180 GLU A C   1 
ATOM   204  O  O   . GLU A 1 41  ? -4.996  -8.775  10.234  1.00 18.31 ? 180 GLU A O   1 
ATOM   205  C  CB  . GLU A 1 41  ? -7.440  -6.882  11.674  1.00 12.38 ? 180 GLU A CB  1 
ATOM   206  C  CG  . GLU A 1 41  ? -6.355  -6.529  12.584  1.00 22.40 ? 180 GLU A CG  1 
ATOM   207  C  CD  . GLU A 1 41  ? -6.890  -5.699  13.694  1.00 23.93 ? 180 GLU A CD  1 
ATOM   208  O  OE1 . GLU A 1 41  ? -7.843  -6.167  14.378  1.00 17.94 ? 180 GLU A OE1 1 
ATOM   209  O  OE2 . GLU A 1 41  ? -6.384  -4.570  13.831  1.00 20.64 ? 180 GLU A OE2 1 
ATOM   210  N  N   . LEU A 1 42  ? -6.687  -9.816  11.272  1.00 11.29 ? 181 LEU A N   1 
ATOM   211  C  CA  . LEU A 1 42  ? -5.887  -11.036 11.510  1.00 13.08 ? 181 LEU A CA  1 
ATOM   212  C  C   . LEU A 1 42  ? -5.324  -11.675 10.250  1.00 10.81 ? 181 LEU A C   1 
ATOM   213  O  O   . LEU A 1 42  ? -4.246  -12.228 10.257  1.00 15.51 ? 181 LEU A O   1 
ATOM   214  C  CB  . LEU A 1 42  ? -6.683  -12.119 12.239  1.00 13.48 ? 181 LEU A CB  1 
ATOM   215  C  CG  . LEU A 1 42  ? -7.050  -11.899 13.692  1.00 11.53 ? 181 LEU A CG  1 
ATOM   216  C  CD1 . LEU A 1 42  ? -8.017  -12.945 14.146  1.00 11.39 ? 181 LEU A CD1 1 
ATOM   217  C  CD2 . LEU A 1 42  ? -5.811  -11.911 14.500  1.00 15.23 ? 181 LEU A CD2 1 
ATOM   218  N  N   . GLU A 1 43  ? -6.092  -11.675 9.179   1.00 13.92 ? 182 GLU A N   1 
ATOM   219  C  CA  . GLU A 1 43  ? -5.615  -12.297 7.955   1.00 12.65 ? 182 GLU A CA  1 
ATOM   220  C  C   . GLU A 1 43  ? -4.482  -11.491 7.393   1.00 9.06  ? 182 GLU A C   1 
ATOM   221  O  O   . GLU A 1 43  ? -3.465  -12.053 6.986   1.00 14.18 ? 182 GLU A O   1 
ATOM   222  C  CB  . GLU A 1 43  ? -6.730  -12.383 6.924   1.00 15.59 ? 182 GLU A CB  1 
ATOM   223  C  CG  . GLU A 1 43  ? -7.933  -13.155 7.379   1.00 17.51 ? 182 GLU A CG  1 
ATOM   224  C  CD  . GLU A 1 43  ? -9.072  -13.069 6.376   1.00 21.49 ? 182 GLU A CD  1 
ATOM   225  O  OE1 . GLU A 1 43  ? -9.304  -11.960 5.868   1.00 24.04 ? 182 GLU A OE1 1 
ATOM   226  O  OE2 . GLU A 1 43  ? -9.731  -14.101 6.088   1.00 20.76 ? 182 GLU A OE2 1 
ATOM   227  N  N   . ALA A 1 44  ? -4.663  -10.172 7.369   1.00 5.08  ? 183 ALA A N   1 
ATOM   228  C  CA  . ALA A 1 44  ? -3.658  -9.256  6.837   1.00 3.74  ? 183 ALA A CA  1 
ATOM   229  C  C   . ALA A 1 44  ? -2.340  -9.272  7.610   1.00 3.04  ? 183 ALA A C   1 
ATOM   230  O  O   . ALA A 1 44  ? -1.251  -9.388  7.025   1.00 2.00  ? 183 ALA A O   1 
ATOM   231  C  CB  . ALA A 1 44  ? -4.217  -7.837  6.795   1.00 3.00  ? 183 ALA A CB  1 
ATOM   232  N  N   . ILE A 1 45  ? -2.437  -9.123  8.923   1.00 3.91  ? 184 ILE A N   1 
ATOM   233  C  CA  . ILE A 1 45  ? -1.250  -9.087  9.766   1.00 13.64 ? 184 ILE A CA  1 
ATOM   234  C  C   . ILE A 1 45  ? -0.345  -10.301 9.624   1.00 12.70 ? 184 ILE A C   1 
ATOM   235  O  O   . ILE A 1 45  ? -0.794  -11.443 9.761   1.00 12.93 ? 184 ILE A O   1 
ATOM   236  C  CB  . ILE A 1 45  ? -1.628  -8.904  11.245  1.00 16.01 ? 184 ILE A CB  1 
ATOM   237  C  CG1 . ILE A 1 45  ? -2.296  -7.537  11.417  1.00 17.01 ? 184 ILE A CG1 1 
ATOM   238  C  CG2 . ILE A 1 45  ? -0.363  -9.034  12.131  1.00 9.57  ? 184 ILE A CG2 1 
ATOM   239  C  CD1 . ILE A 1 45  ? -2.735  -7.259  12.810  1.00 16.58 ? 184 ILE A CD1 1 
ATOM   240  N  N   . GLY A 1 46  ? 0.936   -10.040 9.396   1.00 13.14 ? 185 GLY A N   1 
ATOM   241  C  CA  . GLY A 1 46  ? 1.893   -11.124 9.242   1.00 15.76 ? 185 GLY A CA  1 
ATOM   242  C  C   . GLY A 1 46  ? 2.077   -11.513 7.799   1.00 15.32 ? 185 GLY A C   1 
ATOM   243  O  O   . GLY A 1 46  ? 2.949   -12.322 7.487   1.00 19.18 ? 185 GLY A O   1 
ATOM   244  N  N   . GLN A 1 47  ? 1.208   -11.001 6.928   1.00 13.96 ? 186 GLN A N   1 
ATOM   245  C  CA  . GLN A 1 47  ? 1.332   -11.247 5.500   1.00 9.66  ? 186 GLN A CA  1 
ATOM   246  C  C   . GLN A 1 47  ? 2.203   -10.107 4.987   1.00 9.98  ? 186 GLN A C   1 
ATOM   247  O  O   . GLN A 1 47  ? 2.295   -9.056  5.618   1.00 11.76 ? 186 GLN A O   1 
ATOM   248  C  CB  . GLN A 1 47  ? -0.032  -11.198 4.813   1.00 16.06 ? 186 GLN A CB  1 
ATOM   249  C  CG  . GLN A 1 47  ? -0.940  -12.369 5.135   1.00 18.36 ? 186 GLN A CG  1 
ATOM   250  C  CD  . GLN A 1 47  ? -0.183  -13.681 5.012   1.00 27.60 ? 186 GLN A CD  1 
ATOM   251  O  OE1 . GLN A 1 47  ? 0.374   -13.992 3.931   1.00 26.12 ? 186 GLN A OE1 1 
ATOM   252  N  NE2 . GLN A 1 47  ? -0.092  -14.433 6.129   1.00 20.36 ? 186 GLN A NE2 1 
ATOM   253  N  N   . ASN A 1 48  ? 2.881   -10.331 3.875   1.00 8.39  ? 187 ASN A N   1 
ATOM   254  C  CA  . ASN A 1 48  ? 3.721   -9.314  3.258   1.00 10.09 ? 187 ASN A CA  1 
ATOM   255  C  C   . ASN A 1 48  ? 2.786   -8.305  2.532   1.00 13.66 ? 187 ASN A C   1 
ATOM   256  O  O   . ASN A 1 48  ? 1.798   -8.692  1.877   1.00 12.25 ? 187 ASN A O   1 
ATOM   257  C  CB  . ASN A 1 48  ? 4.651   -10.007 2.252   1.00 11.86 ? 187 ASN A CB  1 
ATOM   258  C  CG  . ASN A 1 48  ? 5.694   -9.091  1.676   1.00 14.24 ? 187 ASN A CG  1 
ATOM   259  O  OD1 . ASN A 1 48  ? 6.874   -9.429  1.662   1.00 12.59 ? 187 ASN A OD1 1 
ATOM   260  N  ND2 . ASN A 1 48  ? 5.262   -7.977  1.099   1.00 15.86 ? 187 ASN A ND2 1 
ATOM   261  N  N   . VAL A 1 49  ? 3.127   -7.015  2.607   1.00 11.09 ? 188 VAL A N   1 
ATOM   262  C  CA  . VAL A 1 49  ? 2.336   -5.950  1.982   1.00 8.29  ? 188 VAL A CA  1 
ATOM   263  C  C   . VAL A 1 49  ? 2.072   -6.158  0.469   1.00 9.55  ? 188 VAL A C   1 
ATOM   264  O  O   . VAL A 1 49  ? 1.071   -5.692  -0.060  1.00 13.25 ? 188 VAL A O   1 
ATOM   265  C  CB  . VAL A 1 49  ? 2.996   -4.548  2.277   1.00 8.20  ? 188 VAL A CB  1 
ATOM   266  C  CG1 . VAL A 1 49  ? 4.312   -4.374  1.519   1.00 2.70  ? 188 VAL A CG1 1 
ATOM   267  C  CG2 . VAL A 1 49  ? 2.012   -3.389  2.014   1.00 2.42  ? 188 VAL A CG2 1 
ATOM   268  N  N   . ASN A 1 50  ? 2.941   -6.898  -0.215  1.00 12.92 ? 189 ASN A N   1 
ATOM   269  C  CA  . ASN A 1 50  ? 2.789   -7.165  -1.645  1.00 12.85 ? 189 ASN A CA  1 
ATOM   270  C  C   . ASN A 1 50  ? 1.528   -7.948  -2.012  1.00 15.92 ? 189 ASN A C   1 
ATOM   271  O  O   . ASN A 1 50  ? 1.160   -8.006  -3.191  1.00 16.58 ? 189 ASN A O   1 
ATOM   272  C  CB  . ASN A 1 50  ? 4.051   -7.837  -2.239  1.00 14.50 ? 189 ASN A CB  1 
ATOM   273  C  CG  . ASN A 1 50  ? 4.316   -9.271  -1.685  1.00 18.94 ? 189 ASN A CG  1 
ATOM   274  O  OD1 . ASN A 1 50  ? 3.454   -9.894  -1.072  1.00 18.44 ? 189 ASN A OD1 1 
ATOM   275  N  ND2 . ASN A 1 50  ? 5.530   -9.767  -1.892  1.00 10.38 ? 189 ASN A ND2 1 
ATOM   276  N  N   . ILE A 1 51  ? 0.858   -8.546  -1.025  1.00 15.98 ? 190 ILE A N   1 
ATOM   277  C  CA  . ILE A 1 51  ? -0.379  -9.283  -1.326  1.00 19.98 ? 190 ILE A CA  1 
ATOM   278  C  C   . ILE A 1 51  ? -1.453  -8.277  -1.700  1.00 20.32 ? 190 ILE A C   1 
ATOM   279  O  O   . ILE A 1 51  ? -2.566  -8.654  -2.032  1.00 20.67 ? 190 ILE A O   1 
ATOM   280  C  CB  . ILE A 1 51  ? -0.968  -10.081 -0.103  1.00 16.92 ? 190 ILE A CB  1 
ATOM   281  C  CG1 . ILE A 1 51  ? -1.300  -9.116  1.039   1.00 17.90 ? 190 ILE A CG1 1 
ATOM   282  C  CG2 . ILE A 1 51  ? -0.017  -11.205 0.333   1.00 18.00 ? 190 ILE A CG2 1 
ATOM   283  C  CD1 . ILE A 1 51  ? -2.012  -9.718  2.199   1.00 16.29 ? 190 ILE A CD1 1 
ATOM   284  N  N   . LEU A 1 52  ? -1.139  -6.995  -1.527  1.00 21.41 ? 191 LEU A N   1 
ATOM   285  C  CA  . LEU A 1 52  ? -2.077  -5.905  -1.787  1.00 21.06 ? 191 LEU A CA  1 
ATOM   286  C  C   . LEU A 1 52  ? -1.914  -5.261  -3.167  1.00 17.21 ? 191 LEU A C   1 
ATOM   287  O  O   . LEU A 1 52  ? -2.646  -4.334  -3.516  1.00 14.60 ? 191 LEU A O   1 
ATOM   288  C  CB  . LEU A 1 52  ? -1.904  -4.832  -0.690  1.00 19.55 ? 191 LEU A CB  1 
ATOM   289  C  CG  . LEU A 1 52  ? -2.167  -5.209  0.771   1.00 16.25 ? 191 LEU A CG  1 
ATOM   290  C  CD1 . LEU A 1 52  ? -1.814  -4.023  1.687   1.00 17.65 ? 191 LEU A CD1 1 
ATOM   291  C  CD2 . LEU A 1 52  ? -3.633  -5.601  0.960   1.00 17.56 ? 191 LEU A CD2 1 
ATOM   292  N  N   . MET A 1 53  ? -0.981  -5.767  -3.954  1.00 17.33 ? 192 MET A N   1 
ATOM   293  C  CA  . MET A 1 53  ? -0.701  -5.211  -5.276  1.00 20.78 ? 192 MET A CA  1 
ATOM   294  C  C   . MET A 1 53  ? -0.523  -6.318  -6.301  1.00 22.62 ? 192 MET A C   1 
ATOM   295  O  O   . MET A 1 53  ? -0.086  -7.401  -5.961  1.00 31.04 ? 192 MET A O   1 
ATOM   296  C  CB  . MET A 1 53  ? 0.586   -4.386  -5.220  1.00 17.65 ? 192 MET A CB  1 
ATOM   297  C  CG  . MET A 1 53  ? 1.801   -5.212  -4.914  1.00 13.63 ? 192 MET A CG  1 
ATOM   298  S  SD  . MET A 1 53  ? 3.178   -4.223  -4.283  1.00 21.22 ? 192 MET A SD  1 
ATOM   299  C  CE  . MET A 1 53  ? 2.517   -3.716  -2.665  1.00 13.39 ? 192 MET A CE  1 
ATOM   300  N  N   . PRO A 1 54  ? -0.799  -6.035  -7.579  1.00 25.40 ? 193 PRO A N   1 
ATOM   301  C  CA  . PRO A 1 54  ? -0.647  -7.048  -8.626  1.00 21.99 ? 193 PRO A CA  1 
ATOM   302  C  C   . PRO A 1 54  ? 0.800   -7.107  -9.094  1.00 27.42 ? 193 PRO A C   1 
ATOM   303  O  O   . PRO A 1 54  ? 1.678   -6.361  -8.613  1.00 29.47 ? 193 PRO A O   1 
ATOM   304  C  CB  . PRO A 1 54  ? -1.518  -6.490  -9.743  1.00 27.50 ? 193 PRO A CB  1 
ATOM   305  C  CG  . PRO A 1 54  ? -1.272  -5.006  -9.640  1.00 21.65 ? 193 PRO A CG  1 
ATOM   306  C  CD  . PRO A 1 54  ? -1.244  -4.739  -8.145  1.00 23.73 ? 193 PRO A CD  1 
ATOM   307  N  N   . GLU A 1 55  ? 1.062   -8.014  -10.027 1.00 29.07 ? 194 GLU A N   1 
ATOM   308  C  CA  . GLU A 1 55  ? 2.395   -8.128  -10.598 1.00 22.53 ? 194 GLU A CA  1 
ATOM   309  C  C   . GLU A 1 55  ? 2.356   -7.092  -11.704 1.00 20.81 ? 194 GLU A C   1 
ATOM   310  O  O   . GLU A 1 55  ? 1.281   -6.710  -12.160 1.00 17.59 ? 194 GLU A O   1 
ATOM   311  C  CB  . GLU A 1 55  ? 2.589   -9.523  -11.176 1.00 26.30 ? 194 GLU A CB  1 
ATOM   312  C  CG  . GLU A 1 55  ? 2.514   -10.627 -10.138 1.00 24.31 ? 194 GLU A CG  1 
ATOM   313  C  CD  . GLU A 1 55  ? 3.778   -10.752 -9.316  1.00 28.39 ? 194 GLU A CD  1 
ATOM   314  O  OE1 . GLU A 1 55  ? 4.662   -9.865  -9.385  1.00 29.36 ? 194 GLU A OE1 1 
ATOM   315  O  OE2 . GLU A 1 55  ? 3.879   -11.747 -8.572  1.00 33.78 ? 194 GLU A OE2 1 
ATOM   316  N  N   . PRO A 1 56  ? 3.518   -6.653  -12.181 1.00 21.03 ? 195 PRO A N   1 
ATOM   317  C  CA  . PRO A 1 56  ? 4.851   -7.070  -11.745 1.00 22.52 ? 195 PRO A CA  1 
ATOM   318  C  C   . PRO A 1 56  ? 5.373   -6.462  -10.439 1.00 27.01 ? 195 PRO A C   1 
ATOM   319  O  O   . PRO A 1 56  ? 6.472   -6.827  -9.983  1.00 30.86 ? 195 PRO A O   1 
ATOM   320  C  CB  . PRO A 1 56  ? 5.726   -6.662  -12.939 1.00 21.18 ? 195 PRO A CB  1 
ATOM   321  C  CG  . PRO A 1 56  ? 5.088   -5.383  -13.381 1.00 19.87 ? 195 PRO A CG  1 
ATOM   322  C  CD  . PRO A 1 56  ? 3.598   -5.712  -13.315 1.00 19.13 ? 195 PRO A CD  1 
ATOM   323  N  N   . ASP A 1 57  ? 4.608   -5.541  -9.838  1.00 29.88 ? 196 ASP A N   1 
ATOM   324  C  CA  . ASP A 1 57  ? 5.039   -4.890  -8.598  1.00 26.92 ? 196 ASP A CA  1 
ATOM   325  C  C   . ASP A 1 57  ? 5.178   -5.830  -7.422  1.00 26.32 ? 196 ASP A C   1 
ATOM   326  O  O   . ASP A 1 57  ? 6.149   -5.742  -6.666  1.00 27.31 ? 196 ASP A O   1 
ATOM   327  C  CB  . ASP A 1 57  ? 4.124   -3.719  -8.233  1.00 28.21 ? 196 ASP A CB  1 
ATOM   328  C  CG  . ASP A 1 57  ? 4.606   -2.399  -8.817  1.00 29.13 ? 196 ASP A CG  1 
ATOM   329  O  OD1 . ASP A 1 57  ? 5.825   -2.217  -9.003  1.00 33.76 ? 196 ASP A OD1 1 
ATOM   330  O  OD2 . ASP A 1 57  ? 3.764   -1.529  -9.093  1.00 33.27 ? 196 ASP A OD2 1 
ATOM   331  N  N   . ARG A 1 58  ? 4.220   -6.736  -7.281  1.00 22.37 ? 197 ARG A N   1 
ATOM   332  C  CA  . ARG A 1 58  ? 4.231   -7.698  -6.195  1.00 22.92 ? 197 ARG A CA  1 
ATOM   333  C  C   . ARG A 1 58  ? 5.546   -8.435  -5.974  1.00 25.43 ? 197 ARG A C   1 
ATOM   334  O  O   . ARG A 1 58  ? 6.017   -8.579  -4.831  1.00 20.17 ? 197 ARG A O   1 
ATOM   335  C  CB  . ARG A 1 58  ? 3.118   -8.711  -6.405  1.00 27.83 ? 197 ARG A CB  1 
ATOM   336  C  CG  . ARG A 1 58  ? 3.233   -9.907  -5.505  1.00 29.38 ? 197 ARG A CG  1 
ATOM   337  C  CD  . ARG A 1 58  ? 2.198   -10.916 -5.869  1.00 32.31 ? 197 ARG A CD  1 
ATOM   338  N  NE  . ARG A 1 58  ? 0.853   -10.455 -5.583  1.00 27.95 ? 197 ARG A NE  1 
ATOM   339  C  CZ  . ARG A 1 58  ? 0.081   -11.025 -4.669  1.00 33.93 ? 197 ARG A CZ  1 
ATOM   340  N  NH1 . ARG A 1 58  ? 0.546   -12.063 -3.976  1.00 24.34 ? 197 ARG A NH1 1 
ATOM   341  N  NH2 . ARG A 1 58  ? -1.153  -10.578 -4.467  1.00 36.95 ? 197 ARG A NH2 1 
ATOM   342  N  N   . SER A 1 59  ? 6.136   -8.926  -7.059  1.00 29.40 ? 198 SER A N   1 
ATOM   343  C  CA  . SER A 1 59  ? 7.388   -9.667  -6.952  1.00 29.66 ? 198 SER A CA  1 
ATOM   344  C  C   . SER A 1 59  ? 8.582   -8.776  -6.728  1.00 30.52 ? 198 SER A C   1 
ATOM   345  O  O   . SER A 1 59  ? 9.638   -9.238  -6.229  1.00 31.10 ? 198 SER A O   1 
ATOM   346  C  CB  . SER A 1 59  ? 7.588   -10.526 -8.186  1.00 32.06 ? 198 SER A CB  1 
ATOM   347  O  OG  . SER A 1 59  ? 6.599   -11.534 -8.246  1.00 36.00 ? 198 SER A OG  1 
ATOM   348  N  N   . ARG A 1 60  ? 8.431   -7.501  -7.042  1.00 28.96 ? 199 ARG A N   1 
ATOM   349  C  CA  . ARG A 1 60  ? 9.510   -6.549  -6.863  1.00 27.83 ? 199 ARG A CA  1 
ATOM   350  C  C   . ARG A 1 60  ? 9.461   -5.747  -5.589  1.00 24.97 ? 199 ARG A C   1 
ATOM   351  O  O   . ARG A 1 60  ? 10.498  -5.237  -5.167  1.00 24.74 ? 199 ARG A O   1 
ATOM   352  C  CB  . ARG A 1 60  ? 9.526   -5.551  -7.994  1.00 33.13 ? 199 ARG A CB  1 
ATOM   353  C  CG  . ARG A 1 60  ? 9.503   -6.168  -9.359  1.00 36.92 ? 199 ARG A CG  1 
ATOM   354  C  CD  . ARG A 1 60  ? 9.740   -5.116  -10.406 1.00 34.01 ? 199 ARG A CD  1 
ATOM   355  N  NE  . ARG A 1 60  ? 9.917   -5.764  -11.700 1.00 42.42 ? 199 ARG A NE  1 
ATOM   356  C  CZ  . ARG A 1 60  ? 10.057  -5.117  -12.847 1.00 41.26 ? 199 ARG A CZ  1 
ATOM   357  N  NH1 . ARG A 1 60  ? 10.044  -3.789  -12.865 1.00 47.59 ? 199 ARG A NH1 1 
ATOM   358  N  NH2 . ARG A 1 60  ? 10.191  -5.799  -13.970 1.00 39.80 ? 199 ARG A NH2 1 
ATOM   359  N  N   . HIS A 1 61  ? 8.294   -5.625  -4.961  1.00 18.45 ? 200 HIS A N   1 
ATOM   360  C  CA  . HIS A 1 61  ? 8.186   -4.806  -3.755  1.00 17.83 ? 200 HIS A CA  1 
ATOM   361  C  C   . HIS A 1 61  ? 9.305   -4.981  -2.729  1.00 19.36 ? 200 HIS A C   1 
ATOM   362  O  O   . HIS A 1 61  ? 9.885   -4.006  -2.252  1.00 17.19 ? 200 HIS A O   1 
ATOM   363  C  CB  . HIS A 1 61  ? 6.826   -4.939  -3.091  1.00 19.13 ? 200 HIS A CB  1 
ATOM   364  C  CG  . HIS A 1 61  ? 6.390   -3.691  -2.382  1.00 20.34 ? 200 HIS A CG  1 
ATOM   365  N  ND1 . HIS A 1 61  ? 6.299   -3.563  -1.015  1.00 22.63 ? 200 HIS A ND1 1 
ATOM   366  C  CD2 . HIS A 1 61  ? 6.079   -2.472  -2.887  1.00 20.76 ? 200 HIS A CD2 1 
ATOM   367  C  CE1 . HIS A 1 61  ? 5.959   -2.291  -0.737  1.00 21.27 ? 200 HIS A CE1 1 
ATOM   368  N  NE2 . HIS A 1 61  ? 5.812   -1.586  -1.837  1.00 19.51 ? 200 HIS A NE2 1 
ATOM   369  N  N   . ASP A 1 62  ? 9.629   -6.250  -2.434  1.00 19.34 ? 201 ASP A N   1 
ATOM   370  C  CA  . ASP A 1 62  ? 10.701  -6.541  -1.491  1.00 20.71 ? 201 ASP A CA  1 
ATOM   371  C  C   . ASP A 1 62  ? 12.012  -5.911  -1.917  1.00 23.77 ? 201 ASP A C   1 
ATOM   372  O  O   . ASP A 1 62  ? 12.755  -5.425  -1.057  1.00 25.84 ? 201 ASP A O   1 
ATOM   373  C  CB  . ASP A 1 62  ? 10.860  -8.044  -1.245  1.00 21.97 ? 201 ASP A CB  1 
ATOM   374  C  CG  . ASP A 1 62  ? 9.746   -8.607  -0.369  1.00 26.04 ? 201 ASP A CG  1 
ATOM   375  O  OD1 . ASP A 1 62  ? 9.338   -7.951  0.624   1.00 27.92 ? 201 ASP A OD1 1 
ATOM   376  O  OD2 . ASP A 1 62  ? 9.261   -9.698  -0.690  1.00 28.85 ? 201 ASP A OD2 1 
ATOM   377  N  N   . SER A 1 63  ? 12.282  -5.859  -3.227  1.00 23.41 ? 202 SER A N   1 
ATOM   378  C  CA  . SER A 1 63  ? 13.526  -5.253  -3.711  1.00 27.40 ? 202 SER A CA  1 
ATOM   379  C  C   . SER A 1 63  ? 13.483  -3.744  -3.530  1.00 25.83 ? 202 SER A C   1 
ATOM   380  O  O   . SER A 1 63  ? 14.497  -3.130  -3.262  1.00 31.12 ? 202 SER A O   1 
ATOM   381  C  CB  . SER A 1 63  ? 13.843  -5.621  -5.172  1.00 29.15 ? 202 SER A CB  1 
ATOM   382  O  OG  . SER A 1 63  ? 12.939  -5.031  -6.100  1.00 32.78 ? 202 SER A OG  1 
ATOM   383  N  N   . TYR A 1 64  ? 12.303  -3.155  -3.685  1.00 27.03 ? 203 TYR A N   1 
ATOM   384  C  CA  . TYR A 1 64  ? 12.088  -1.717  -3.493  1.00 24.15 ? 203 TYR A CA  1 
ATOM   385  C  C   . TYR A 1 64  ? 12.362  -1.361  -2.041  1.00 24.38 ? 203 TYR A C   1 
ATOM   386  O  O   . TYR A 1 64  ? 13.093  -0.419  -1.748  1.00 30.75 ? 203 TYR A O   1 
ATOM   387  C  CB  . TYR A 1 64  ? 10.635  -1.352  -3.793  1.00 22.84 ? 203 TYR A CB  1 
ATOM   388  C  CG  . TYR A 1 64  ? 10.189  -1.634  -5.204  1.00 17.30 ? 203 TYR A CG  1 
ATOM   389  C  CD1 . TYR A 1 64  ? 8.872   -1.986  -5.467  1.00 23.60 ? 203 TYR A CD1 1 
ATOM   390  C  CD2 . TYR A 1 64  ? 11.065  -1.487  -6.279  1.00 14.85 ? 203 TYR A CD2 1 
ATOM   391  C  CE1 . TYR A 1 64  ? 8.424   -2.189  -6.778  1.00 26.23 ? 203 TYR A CE1 1 
ATOM   392  C  CE2 . TYR A 1 64  ? 10.634  -1.679  -7.592  1.00 20.73 ? 203 TYR A CE2 1 
ATOM   393  C  CZ  . TYR A 1 64  ? 9.307   -2.031  -7.831  1.00 22.68 ? 203 TYR A CZ  1 
ATOM   394  O  OH  . TYR A 1 64  ? 8.856   -2.217  -9.114  1.00 26.37 ? 203 TYR A OH  1 
ATOM   395  N  N   . ILE A 1 65  ? 11.760  -2.104  -1.120  1.00 28.67 ? 204 ILE A N   1 
ATOM   396  C  CA  . ILE A 1 65  ? 11.981  -1.840  0.300   1.00 30.02 ? 204 ILE A CA  1 
ATOM   397  C  C   . ILE A 1 65  ? 13.453  -2.132  0.607   1.00 33.01 ? 204 ILE A C   1 
ATOM   398  O  O   . ILE A 1 65  ? 14.098  -1.416  1.368   1.00 33.73 ? 204 ILE A O   1 
ATOM   399  C  CB  . ILE A 1 65  ? 11.072  -2.713  1.197   1.00 26.78 ? 204 ILE A CB  1 
ATOM   400  C  CG1 . ILE A 1 65  ? 9.597   -2.502  0.847   1.00 27.00 ? 204 ILE A CG1 1 
ATOM   401  C  CG2 . ILE A 1 65  ? 11.281  -2.359  2.643   1.00 22.24 ? 204 ILE A CG2 1 
ATOM   402  C  CD1 . ILE A 1 65  ? 8.653   -3.450  1.601   1.00 26.09 ? 204 ILE A CD1 1 
ATOM   403  N  N   . SER A 1 66  ? 13.996  -3.145  -0.056  1.00 37.11 ? 205 SER A N   1 
ATOM   404  C  CA  . SER A 1 66  ? 15.390  -3.536  0.133   1.00 39.14 ? 205 SER A CA  1 
ATOM   405  C  C   . SER A 1 66  ? 16.352  -2.477  -0.402  1.00 38.44 ? 205 SER A C   1 
ATOM   406  O  O   . SER A 1 66  ? 17.369  -2.164  0.221   1.00 36.42 ? 205 SER A O   1 
ATOM   407  C  CB  . SER A 1 66  ? 15.652  -4.866  -0.565  1.00 42.25 ? 205 SER A CB  1 
ATOM   408  O  OG  . SER A 1 66  ? 16.710  -5.557  0.070   1.00 47.47 ? 205 SER A OG  1 
ATOM   409  N  N   . ARG A 1 67  ? 16.000  -1.879  -1.528  1.00 38.78 ? 206 ARG A N   1 
ATOM   410  C  CA  . ARG A 1 67  ? 16.852  -0.877  -2.124  1.00 41.41 ? 206 ARG A CA  1 
ATOM   411  C  C   . ARG A 1 67  ? 16.985  0.290   -1.171  1.00 45.33 ? 206 ARG A C   1 
ATOM   412  O  O   . ARG A 1 67  ? 18.100  0.692   -0.826  1.00 48.32 ? 206 ARG A O   1 
ATOM   413  C  CB  . ARG A 1 67  ? 16.282  -0.396  -3.454  1.00 39.54 ? 206 ARG A CB  1 
ATOM   414  C  CG  . ARG A 1 67  ? 17.205  0.587   -4.183  1.00 39.55 ? 206 ARG A CG  1 
ATOM   415  C  CD  . ARG A 1 67  ? 16.468  1.344   -5.282  1.00 43.09 ? 206 ARG A CD  1 
ATOM   416  N  NE  . ARG A 1 67  ? 15.389  2.157   -4.725  1.00 50.24 ? 206 ARG A NE  1 
ATOM   417  C  CZ  . ARG A 1 67  ? 15.559  3.146   -3.849  1.00 51.74 ? 206 ARG A CZ  1 
ATOM   418  N  NH1 . ARG A 1 67  ? 16.770  3.469   -3.416  1.00 52.97 ? 206 ARG A NH1 1 
ATOM   419  N  NH2 . ARG A 1 67  ? 14.506  3.785   -3.367  1.00 53.83 ? 206 ARG A NH2 1 
ATOM   420  N  N   . TYR A 1 68  ? 15.843  0.803   -0.715  1.00 46.11 ? 207 TYR A N   1 
ATOM   421  C  CA  . TYR A 1 68  ? 15.829  1.938   0.190   1.00 45.20 ? 207 TYR A CA  1 
ATOM   422  C  C   . TYR A 1 68  ? 16.541  1.652   1.497   1.00 43.27 ? 207 TYR A C   1 
ATOM   423  O  O   . TYR A 1 68  ? 17.353  2.461   1.950   1.00 41.04 ? 207 TYR A O   1 
ATOM   424  C  CB  . TYR A 1 68  ? 14.400  2.404   0.468   1.00 48.11 ? 207 TYR A CB  1 
ATOM   425  C  CG  . TYR A 1 68  ? 14.347  3.543   1.457   1.00 50.91 ? 207 TYR A CG  1 
ATOM   426  C  CD1 . TYR A 1 68  ? 14.982  4.750   1.184   1.00 54.40 ? 207 TYR A CD1 1 
ATOM   427  C  CD2 . TYR A 1 68  ? 13.703  3.397   2.691   1.00 51.65 ? 207 TYR A CD2 1 
ATOM   428  C  CE1 . TYR A 1 68  ? 14.984  5.785   2.107   1.00 55.36 ? 207 TYR A CE1 1 
ATOM   429  C  CE2 . TYR A 1 68  ? 13.699  4.430   3.622   1.00 53.68 ? 207 TYR A CE2 1 
ATOM   430  C  CZ  . TYR A 1 68  ? 14.346  5.621   3.316   1.00 57.20 ? 207 TYR A CZ  1 
ATOM   431  O  OH  . TYR A 1 68  ? 14.384  6.661   4.204   1.00 58.66 ? 207 TYR A OH  1 
ATOM   432  N  N   . ARG A 1 69  ? 16.218  0.516   2.107   1.00 42.37 ? 208 ARG A N   1 
ATOM   433  C  CA  . ARG A 1 69  ? 16.841  0.131   3.367   1.00 45.32 ? 208 ARG A CA  1 
ATOM   434  C  C   . ARG A 1 69  ? 18.353  0.222   3.226   1.00 47.50 ? 208 ARG A C   1 
ATOM   435  O  O   . ARG A 1 69  ? 19.030  0.853   4.037   1.00 47.03 ? 208 ARG A O   1 
ATOM   436  C  CB  . ARG A 1 69  ? 16.434  -1.288  3.770   1.00 47.10 ? 208 ARG A CB  1 
ATOM   437  C  CG  . ARG A 1 69  ? 14.982  -1.403  4.239   1.00 52.68 ? 208 ARG A CG  1 
ATOM   438  C  CD  . ARG A 1 69  ? 14.864  -2.253  5.503   1.00 55.00 ? 208 ARG A CD  1 
ATOM   439  N  NE  . ARG A 1 69  ? 15.569  -1.651  6.637   1.00 55.71 ? 208 ARG A NE  1 
ATOM   440  C  CZ  . ARG A 1 69  ? 15.896  -2.293  7.757   1.00 51.20 ? 208 ARG A CZ  1 
ATOM   441  N  NH1 . ARG A 1 69  ? 15.581  -3.573  7.910   1.00 47.40 ? 208 ARG A NH1 1 
ATOM   442  N  NH2 . ARG A 1 69  ? 16.571  -1.660  8.706   1.00 47.67 ? 208 ARG A NH2 1 
ATOM   443  N  N   . THR A 1 70  ? 18.867  -0.353  2.150   1.00 49.72 ? 209 THR A N   1 
ATOM   444  C  CA  . THR A 1 70  ? 20.290  -0.372  1.926   1.00 52.75 ? 209 THR A CA  1 
ATOM   445  C  C   . THR A 1 70  ? 20.995  0.910   1.497   1.00 52.44 ? 209 THR A C   1 
ATOM   446  O  O   . THR A 1 70  ? 22.133  1.193   1.901   1.00 53.02 ? 209 THR A O   1 
ATOM   447  C  CB  . THR A 1 70  ? 20.708  -1.612  1.024   1.00 55.11 ? 209 THR A CB  1 
ATOM   448  O  OG1 . THR A 1 70  ? 20.145  -2.831  1.555   1.00 59.93 ? 209 THR A OG1 1 
ATOM   449  C  CG2 . THR A 1 70  ? 22.184  -1.789  1.028   1.00 60.47 ? 209 THR A CG2 1 
ATOM   450  N  N   . THR A 1 71  ? 20.336  1.725   0.710   1.00 55.25 ? 210 THR A N   1 
ATOM   451  C  CA  . THR A 1 71  ? 20.933  2.976   0.208   1.00 57.76 ? 210 THR A CA  1 
ATOM   452  C  C   . THR A 1 71  ? 20.696  4.193   1.080   1.00 60.04 ? 210 THR A C   1 
ATOM   453  O  O   . THR A 1 71  ? 21.398  5.161   0.956   1.00 63.89 ? 210 THR A O   1 
ATOM   454  C  CB  . THR A 1 71  ? 20.315  3.420   -1.154  1.00 56.61 ? 210 THR A CB  1 
ATOM   455  O  OG1 . THR A 1 71  ? 18.976  3.944   -1.029  1.00 60.16 ? 210 THR A OG1 1 
ATOM   456  C  CG2 . THR A 1 71  ? 20.273  2.229   -2.128  1.00 57.38 ? 210 THR A CG2 1 
ATOM   457  N  N   . SER A 1 72  ? 19.649  4.115   1.883   1.00 63.19 ? 211 SER A N   1 
ATOM   458  C  CA  . SER A 1 72  ? 19.256  5.267   2.724   1.00 62.28 ? 211 SER A CA  1 
ATOM   459  C  C   . SER A 1 72  ? 18.923  6.454   1.837   1.00 61.77 ? 211 SER A C   1 
ATOM   460  O  O   . SER A 1 72  ? 18.843  7.586   2.322   1.00 60.99 ? 211 SER A O   1 
ATOM   461  C  CB  . SER A 1 72  ? 20.342  5.606   3.735   1.00 64.20 ? 211 SER A CB  1 
ATOM   462  O  OG  . SER A 1 72  ? 20.725  4.452   4.479   1.00 67.30 ? 211 SER A OG  1 
ATOM   463  N  N   . ASP A 1 73  ? 18.630  6.159   0.574   1.00 59.75 ? 212 ASP A N   1 
ATOM   464  C  CA  . ASP A 1 73  ? 18.327  7.198   -0.398  1.00 62.06 ? 212 ASP A CA  1 
ATOM   465  C  C   . ASP A 1 73  ? 16.826  7.110   -0.762  1.00 61.73 ? 212 ASP A C   1 
ATOM   466  O  O   . ASP A 1 73  ? 16.392  6.241   -1.537  1.00 63.63 ? 212 ASP A O   1 
ATOM   467  C  CB  . ASP A 1 73  ? 19.192  7.030   -1.657  1.00 61.50 ? 212 ASP A CB  1 
ATOM   468  C  CG  . ASP A 1 73  ? 19.253  8.290   -2.485  1.00 60.64 ? 212 ASP A CG  1 
ATOM   469  O  OD1 . ASP A 1 73  ? 19.743  9.330   -1.973  1.00 58.96 ? 212 ASP A OD1 1 
ATOM   470  O  OD2 . ASP A 1 73  ? 18.843  8.224   -3.656  1.00 61.09 ? 212 ASP A OD2 1 
ATOM   471  N  N   . PRO A 1 74  ? 16.006  8.002   -0.193  1.00 61.20 ? 213 PRO A N   1 
ATOM   472  C  CA  . PRO A 1 74  ? 14.563  8.035   -0.442  1.00 60.03 ? 213 PRO A CA  1 
ATOM   473  C  C   . PRO A 1 74  ? 14.188  8.178   -1.908  1.00 59.52 ? 213 PRO A C   1 
ATOM   474  O  O   . PRO A 1 74  ? 14.933  8.741   -2.703  1.00 62.93 ? 213 PRO A O   1 
ATOM   475  C  CB  . PRO A 1 74  ? 14.085  9.235   0.400   1.00 60.73 ? 213 PRO A CB  1 
ATOM   476  C  CG  . PRO A 1 74  ? 15.320  10.091  0.534   1.00 62.76 ? 213 PRO A CG  1 
ATOM   477  C  CD  . PRO A 1 74  ? 16.398  9.061   0.751   1.00 62.34 ? 213 PRO A CD  1 
ATOM   478  N  N   . HIS A 1 75  ? 13.039  7.614   -2.252  1.00 59.53 ? 214 HIS A N   1 
ATOM   479  C  CA  . HIS A 1 75  ? 12.495  7.654   -3.603  1.00 58.74 ? 214 HIS A CA  1 
ATOM   480  C  C   . HIS A 1 75  ? 11.056  8.102   -3.479  1.00 58.63 ? 214 HIS A C   1 
ATOM   481  O  O   . HIS A 1 75  ? 10.633  9.038   -4.157  1.00 59.27 ? 214 HIS A O   1 
ATOM   482  C  CB  . HIS A 1 75  ? 12.483  6.260   -4.239  1.00 62.11 ? 214 HIS A CB  1 
ATOM   483  C  CG  . HIS A 1 75  ? 13.641  5.983   -5.151  1.00 64.14 ? 214 HIS A CG  1 
ATOM   484  N  ND1 . HIS A 1 75  ? 13.510  5.253   -6.307  1.00 62.77 ? 214 HIS A ND1 1 
ATOM   485  C  CD2 . HIS A 1 75  ? 14.956  6.287   -5.034  1.00 65.37 ? 214 HIS A CD2 1 
ATOM   486  C  CE1 . HIS A 1 75  ? 14.701  5.110   -6.873  1.00 62.86 ? 214 HIS A CE1 1 
ATOM   487  N  NE2 . HIS A 1 75  ? 15.589  5.725   -6.121  1.00 67.19 ? 214 HIS A NE2 1 
ATOM   488  N  N   . ILE A 1 76  ? 10.301  7.415   -2.622  1.00 55.88 ? 215 ILE A N   1 
ATOM   489  C  CA  . ILE A 1 76  ? 8.891   7.739   -2.431  1.00 56.21 ? 215 ILE A CA  1 
ATOM   490  C  C   . ILE A 1 76  ? 8.483   7.987   -0.964  1.00 55.27 ? 215 ILE A C   1 
ATOM   491  O  O   . ILE A 1 76  ? 7.301   7.916   -0.613  1.00 53.76 ? 215 ILE A O   1 
ATOM   492  C  CB  . ILE A 1 76  ? 7.976   6.649   -3.042  1.00 56.69 ? 215 ILE A CB  1 
ATOM   493  C  CG1 . ILE A 1 76  ? 8.539   6.150   -4.372  1.00 58.71 ? 215 ILE A CG1 1 
ATOM   494  C  CG2 . ILE A 1 76  ? 6.617   7.231   -3.341  1.00 57.58 ? 215 ILE A CG2 1 
ATOM   495  C  CD1 . ILE A 1 76  ? 8.568   7.198   -5.462  1.00 59.37 ? 215 ILE A CD1 1 
ATOM   496  N  N   . ILE A 1 77  ? 9.453   8.296   -0.108  1.00 53.79 ? 216 ILE A N   1 
ATOM   497  C  CA  . ILE A 1 77  ? 9.143   8.562   1.295   1.00 50.96 ? 216 ILE A CA  1 
ATOM   498  C  C   . ILE A 1 77  ? 8.523   9.955   1.351   1.00 50.93 ? 216 ILE A C   1 
ATOM   499  O  O   . ILE A 1 77  ? 9.035   10.888  0.727   1.00 50.90 ? 216 ILE A O   1 
ATOM   500  C  CB  . ILE A 1 77  ? 10.409  8.522   2.184   1.00 48.98 ? 216 ILE A CB  1 
ATOM   501  C  CG1 . ILE A 1 77  ? 11.103  7.170   2.053   1.00 48.18 ? 216 ILE A CG1 1 
ATOM   502  C  CG2 . ILE A 1 77  ? 10.041  8.725   3.646   1.00 51.78 ? 216 ILE A CG2 1 
ATOM   503  C  CD1 . ILE A 1 77  ? 10.235  6.011   2.485   1.00 47.84 ? 216 ILE A CD1 1 
ATOM   504  N  N   . GLY A 1 78  ? 7.377   10.065  2.017   1.00 51.79 ? 217 GLY A N   1 
ATOM   505  C  CA  . GLY A 1 78  ? 6.689   11.343  2.138   1.00 53.71 ? 217 GLY A CA  1 
ATOM   506  C  C   . GLY A 1 78  ? 6.133   11.920  0.837   1.00 53.69 ? 217 GLY A C   1 
ATOM   507  O  O   . GLY A 1 78  ? 5.556   13.007  0.834   1.00 55.23 ? 217 GLY A O   1 
ATOM   508  N  N   . ILE A 1 79  ? 6.307   11.199  -0.265  1.00 53.05 ? 218 ILE A N   1 
ATOM   509  C  CA  . ILE A 1 79  ? 5.831   11.643  -1.571  1.00 52.94 ? 218 ILE A CA  1 
ATOM   510  C  C   . ILE A 1 79  ? 4.644   10.773  -1.955  1.00 51.58 ? 218 ILE A C   1 
ATOM   511  O  O   . ILE A 1 79  ? 4.791   9.564   -2.161  1.00 55.61 ? 218 ILE A O   1 
ATOM   512  C  CB  . ILE A 1 79  ? 6.934   11.493  -2.665  1.00 53.14 ? 218 ILE A CB  1 
ATOM   513  C  CG1 . ILE A 1 79  ? 8.161   12.348  -2.318  1.00 55.48 ? 218 ILE A CG1 1 
ATOM   514  C  CG2 . ILE A 1 79  ? 6.392   11.896  -4.027  1.00 52.96 ? 218 ILE A CG2 1 
ATOM   515  C  CD1 . ILE A 1 79  ? 9.320   12.196  -3.305  1.00 54.60 ? 218 ILE A CD1 1 
ATOM   516  N  N   . GLY A 1 80  ? 3.465   11.371  -2.033  1.00 45.60 ? 219 GLY A N   1 
ATOM   517  C  CA  . GLY A 1 80  ? 2.297   10.596  -2.393  1.00 42.10 ? 219 GLY A CA  1 
ATOM   518  C  C   . GLY A 1 80  ? 2.254   10.325  -3.881  1.00 38.95 ? 219 GLY A C   1 
ATOM   519  O  O   . GLY A 1 80  ? 2.543   11.218  -4.667  1.00 43.78 ? 219 GLY A O   1 
ATOM   520  N  N   . ARG A 1 81  ? 1.900   9.106   -4.273  1.00 35.59 ? 220 ARG A N   1 
ATOM   521  C  CA  . ARG A 1 81  ? 1.805   8.740   -5.685  1.00 31.42 ? 220 ARG A CA  1 
ATOM   522  C  C   . ARG A 1 81  ? 0.578   7.865   -5.925  1.00 25.72 ? 220 ARG A C   1 
ATOM   523  O  O   . ARG A 1 81  ? 0.051   7.256   -5.006  1.00 28.62 ? 220 ARG A O   1 
ATOM   524  C  CB  . ARG A 1 81  ? 3.063   7.999   -6.152  1.00 36.31 ? 220 ARG A CB  1 
ATOM   525  C  CG  . ARG A 1 81  ? 4.320   8.830   -6.092  1.00 44.96 ? 220 ARG A CG  1 
ATOM   526  C  CD  . ARG A 1 81  ? 5.138   8.655   -7.360  1.00 55.31 ? 220 ARG A CD  1 
ATOM   527  N  NE  . ARG A 1 81  ? 6.343   9.488   -7.359  1.00 59.75 ? 220 ARG A NE  1 
ATOM   528  C  CZ  . ARG A 1 81  ? 7.134   9.662   -8.414  1.00 62.75 ? 220 ARG A CZ  1 
ATOM   529  N  NH1 . ARG A 1 81  ? 6.849   9.071   -9.569  1.00 64.07 ? 220 ARG A NH1 1 
ATOM   530  N  NH2 . ARG A 1 81  ? 8.222   10.418  -8.310  1.00 64.70 ? 220 ARG A NH2 1 
ATOM   531  N  N   . ILE A 1 82  ? 0.097   7.840   -7.155  1.00 22.92 ? 221 ILE A N   1 
ATOM   532  C  CA  . ILE A 1 82  ? -1.059  7.034   -7.505  1.00 19.83 ? 221 ILE A CA  1 
ATOM   533  C  C   . ILE A 1 82  ? -0.614  5.666   -8.038  1.00 18.67 ? 221 ILE A C   1 
ATOM   534  O  O   . ILE A 1 82  ? 0.267   5.559   -8.920  1.00 12.79 ? 221 ILE A O   1 
ATOM   535  C  CB  . ILE A 1 82  ? -1.983  7.773   -8.504  1.00 18.44 ? 221 ILE A CB  1 
ATOM   536  C  CG1 . ILE A 1 82  ? -2.458  9.094   -7.870  1.00 20.10 ? 221 ILE A CG1 1 
ATOM   537  C  CG2 . ILE A 1 82  ? -3.168  6.885   -8.887  1.00 15.80 ? 221 ILE A CG2 1 
ATOM   538  C  CD1 . ILE A 1 82  ? -3.538  9.846   -8.676  1.00 21.12 ? 221 ILE A CD1 1 
ATOM   539  N  N   . VAL A 1 83  ? -1.161  4.619   -7.429  1.00 17.13 ? 222 VAL A N   1 
ATOM   540  C  CA  . VAL A 1 83  ? -0.802  3.261   -7.812  1.00 17.06 ? 222 VAL A CA  1 
ATOM   541  C  C   . VAL A 1 83  ? -2.033  2.382   -7.946  1.00 14.79 ? 222 VAL A C   1 
ATOM   542  O  O   . VAL A 1 83  ? -3.141  2.779   -7.599  1.00 10.93 ? 222 VAL A O   1 
ATOM   543  C  CB  . VAL A 1 83  ? 0.198   2.593   -6.766  1.00 11.26 ? 222 VAL A CB  1 
ATOM   544  C  CG1 . VAL A 1 83  ? 1.490   3.385   -6.630  1.00 10.93 ? 222 VAL A CG1 1 
ATOM   545  C  CG2 . VAL A 1 83  ? -0.449  2.483   -5.421  1.00 12.71 ? 222 VAL A CG2 1 
ATOM   546  N  N   . THR A 1 84  ? -1.820  1.210   -8.516  1.00 16.04 ? 223 THR A N   1 
ATOM   547  C  CA  . THR A 1 84  ? -2.868  0.218   -8.662  1.00 20.71 ? 223 THR A CA  1 
ATOM   548  C  C   . THR A 1 84  ? -2.765  -0.773  -7.480  1.00 18.12 ? 223 THR A C   1 
ATOM   549  O  O   . THR A 1 84  ? -1.707  -1.373  -7.259  1.00 18.71 ? 223 THR A O   1 
ATOM   550  C  CB  . THR A 1 84  ? -2.679  -0.577  -9.989  1.00 22.90 ? 223 THR A CB  1 
ATOM   551  O  OG1 . THR A 1 84  ? -2.613  0.346   -11.083 1.00 27.84 ? 223 THR A OG1 1 
ATOM   552  C  CG2 . THR A 1 84  ? -3.832  -1.539  -10.215 1.00 16.28 ? 223 THR A CG2 1 
ATOM   553  N  N   . GLY A 1 85  ? -3.829  -0.875  -6.696  1.00 14.67 ? 224 GLY A N   1 
ATOM   554  C  CA  . GLY A 1 85  ? -3.877  -1.810  -5.592  1.00 15.80 ? 224 GLY A CA  1 
ATOM   555  C  C   . GLY A 1 85  ? -4.704  -3.025  -6.005  1.00 24.11 ? 224 GLY A C   1 
ATOM   556  O  O   . GLY A 1 85  ? -5.361  -3.019  -7.065  1.00 24.85 ? 224 GLY A O   1 
ATOM   557  N  N   . LYS A 1 86  ? -4.710  -4.057  -5.165  1.00 25.67 ? 225 LYS A N   1 
ATOM   558  C  CA  . LYS A 1 86  ? -5.444  -5.274  -5.458  1.00 25.33 ? 225 LYS A CA  1 
ATOM   559  C  C   . LYS A 1 86  ? -6.252  -5.687  -4.244  1.00 26.44 ? 225 LYS A C   1 
ATOM   560  O  O   . LYS A 1 86  ? -5.799  -5.554  -3.112  1.00 29.20 ? 225 LYS A O   1 
ATOM   561  C  CB  . LYS A 1 86  ? -4.484  -6.383  -5.894  1.00 27.16 ? 225 LYS A CB  1 
ATOM   562  C  CG  . LYS A 1 86  ? -5.138  -7.617  -6.536  1.00 31.76 ? 225 LYS A CG  1 
ATOM   563  C  CD  . LYS A 1 86  ? -4.059  -8.641  -6.900  1.00 33.85 ? 225 LYS A CD  1 
ATOM   564  C  CE  . LYS A 1 86  ? -4.581  -9.779  -7.777  1.00 38.32 ? 225 LYS A CE  1 
ATOM   565  N  NZ  . LYS A 1 86  ? -3.517  -10.483 -8.611  1.00 33.00 ? 225 LYS A NZ  1 
ATOM   566  N  N   . ARG A 1 87  ? -7.501  -6.064  -4.487  1.00 28.19 ? 226 ARG A N   1 
ATOM   567  C  CA  . ARG A 1 87  ? -8.392  -6.489  -3.436  1.00 27.55 ? 226 ARG A CA  1 
ATOM   568  C  C   . ARG A 1 87  ? -8.253  -7.994  -3.299  1.00 30.07 ? 226 ARG A C   1 
ATOM   569  O  O   . ARG A 1 87  ? -7.704  -8.666  -4.178  1.00 26.81 ? 226 ARG A O   1 
ATOM   570  C  CB  . ARG A 1 87  ? -9.835  -6.145  -3.787  1.00 29.64 ? 226 ARG A CB  1 
ATOM   571  C  CG  . ARG A 1 87  ? -10.145 -4.664  -3.892  1.00 31.90 ? 226 ARG A CG  1 
ATOM   572  C  CD  . ARG A 1 87  ? -11.636 -4.445  -4.139  1.00 31.16 ? 226 ARG A CD  1 
ATOM   573  N  NE  . ARG A 1 87  ? -11.856 -3.416  -5.153  1.00 28.70 ? 226 ARG A NE  1 
ATOM   574  C  CZ  . ARG A 1 87  ? -12.091 -2.146  -4.863  1.00 35.38 ? 226 ARG A CZ  1 
ATOM   575  N  NH1 . ARG A 1 87  ? -12.158 -1.768  -3.584  1.00 39.16 ? 226 ARG A NH1 1 
ATOM   576  N  NH2 . ARG A 1 87  ? -12.185 -1.246  -5.835  1.00 33.67 ? 226 ARG A NH2 1 
ATOM   577  N  N   . ARG A 1 88  ? -8.824  -8.535  -2.235  1.00 32.69 ? 227 ARG A N   1 
ATOM   578  C  CA  . ARG A 1 88  ? -8.753  -9.959  -2.001  1.00 36.36 ? 227 ARG A CA  1 
ATOM   579  C  C   . ARG A 1 88  ? -9.334  -10.782 -3.153  1.00 40.07 ? 227 ARG A C   1 
ATOM   580  O  O   . ARG A 1 88  ? -8.780  -11.842 -3.504  1.00 38.05 ? 227 ARG A O   1 
ATOM   581  C  CB  . ARG A 1 88  ? -9.473  -10.316 -0.720  1.00 38.05 ? 227 ARG A CB  1 
ATOM   582  C  CG  . ARG A 1 88  ? -9.269  -11.758 -0.354  1.00 42.66 ? 227 ARG A CG  1 
ATOM   583  C  CD  . ARG A 1 88  ? -9.667  -12.016 1.071   1.00 44.50 ? 227 ARG A CD  1 
ATOM   584  N  NE  . ARG A 1 88  ? -9.304  -13.375 1.432   1.00 44.38 ? 227 ARG A NE  1 
ATOM   585  C  CZ  . ARG A 1 88  ? -9.695  -13.976 2.546   1.00 46.17 ? 227 ARG A CZ  1 
ATOM   586  N  NH1 . ARG A 1 88  ? -10.460 -13.326 3.419   1.00 44.99 ? 227 ARG A NH1 1 
ATOM   587  N  NH2 . ARG A 1 88  ? -9.340  -15.233 2.768   1.00 42.07 ? 227 ARG A NH2 1 
ATOM   588  N  N   . ASP A 1 89  ? -10.423 -10.282 -3.758  1.00 38.24 ? 228 ASP A N   1 
ATOM   589  C  CA  . ASP A 1 89  ? -11.096 -10.985 -4.850  1.00 34.64 ? 228 ASP A CA  1 
ATOM   590  C  C   . ASP A 1 89  ? -10.426 -10.890 -6.218  1.00 34.83 ? 228 ASP A C   1 
ATOM   591  O  O   . ASP A 1 89  ? -11.039 -11.224 -7.233  1.00 39.54 ? 228 ASP A O   1 
ATOM   592  C  CB  . ASP A 1 89  ? -12.587 -10.581 -4.953  1.00 34.74 ? 228 ASP A CB  1 
ATOM   593  C  CG  . ASP A 1 89  ? -12.802 -9.094  -5.250  1.00 36.41 ? 228 ASP A CG  1 
ATOM   594  O  OD1 . ASP A 1 89  ? -13.871 -8.557  -4.871  1.00 33.26 ? 228 ASP A OD1 1 
ATOM   595  O  OD2 . ASP A 1 89  ? -11.917 -8.457  -5.857  1.00 39.10 ? 228 ASP A OD2 1 
ATOM   596  N  N   . GLY A 1 90  ? -9.205  -10.369 -6.250  1.00 32.87 ? 229 GLY A N   1 
ATOM   597  C  CA  . GLY A 1 90  ? -8.477  -10.248 -7.500  1.00 25.76 ? 229 GLY A CA  1 
ATOM   598  C  C   . GLY A 1 90  ? -8.658  -8.948  -8.261  1.00 28.83 ? 229 GLY A C   1 
ATOM   599  O  O   . GLY A 1 90  ? -7.880  -8.668  -9.183  1.00 24.99 ? 229 GLY A O   1 
ATOM   600  N  N   . THR A 1 91  ? -9.689  -8.167  -7.930  1.00 29.34 ? 230 THR A N   1 
ATOM   601  C  CA  . THR A 1 91  ? -9.918  -6.897  -8.632  1.00 33.92 ? 230 THR A CA  1 
ATOM   602  C  C   . THR A 1 91  ? -8.839  -5.870  -8.281  1.00 35.16 ? 230 THR A C   1 
ATOM   603  O  O   . THR A 1 91  ? -8.313  -5.868  -7.171  1.00 37.72 ? 230 THR A O   1 
ATOM   604  C  CB  . THR A 1 91  ? -11.300 -6.265  -8.319  1.00 35.94 ? 230 THR A CB  1 
ATOM   605  O  OG1 . THR A 1 91  ? -11.390 -5.935  -6.927  1.00 33.18 ? 230 THR A OG1 1 
ATOM   606  C  CG2 . THR A 1 91  ? -12.442 -7.213  -8.721  1.00 37.91 ? 230 THR A CG2 1 
ATOM   607  N  N   . THR A 1 92  ? -8.521  -5.001  -9.229  1.00 33.42 ? 231 THR A N   1 
ATOM   608  C  CA  . THR A 1 92  ? -7.507  -3.989  -9.022  1.00 34.25 ? 231 THR A CA  1 
ATOM   609  C  C   . THR A 1 92  ? -8.166  -2.610  -9.046  1.00 32.72 ? 231 THR A C   1 
ATOM   610  O  O   . THR A 1 92  ? -9.215  -2.438  -9.654  1.00 35.14 ? 231 THR A O   1 
ATOM   611  C  CB  . THR A 1 92  ? -6.413  -4.079  -10.107 1.00 33.11 ? 231 THR A CB  1 
ATOM   612  O  OG1 . THR A 1 92  ? -7.023  -3.969  -11.391 1.00 38.20 ? 231 THR A OG1 1 
ATOM   613  C  CG2 . THR A 1 92  ? -5.688  -5.416  -10.035 1.00 32.56 ? 231 THR A CG2 1 
ATOM   614  N  N   . PHE A 1 93  ? -7.535  -1.631  -8.407  1.00 30.10 ? 232 PHE A N   1 
ATOM   615  C  CA  . PHE A 1 93  ? -8.077  -0.288  -8.348  1.00 27.66 ? 232 PHE A CA  1 
ATOM   616  C  C   . PHE A 1 93  ? -6.999  0.777   -8.106  1.00 27.60 ? 232 PHE A C   1 
ATOM   617  O  O   . PHE A 1 93  ? -6.016  0.525   -7.424  1.00 23.74 ? 232 PHE A O   1 
ATOM   618  C  CB  . PHE A 1 93  ? -9.115  -0.206  -7.225  1.00 26.98 ? 232 PHE A CB  1 
ATOM   619  C  CG  . PHE A 1 93  ? -8.535  -0.338  -5.843  1.00 29.69 ? 232 PHE A CG  1 
ATOM   620  C  CD1 . PHE A 1 93  ? -8.457  0.769   -4.999  1.00 30.50 ? 232 PHE A CD1 1 
ATOM   621  C  CD2 . PHE A 1 93  ? -8.120  -1.579  -5.360  1.00 35.48 ? 232 PHE A CD2 1 
ATOM   622  C  CE1 . PHE A 1 93  ? -7.984  0.648   -3.693  1.00 27.88 ? 232 PHE A CE1 1 
ATOM   623  C  CE2 . PHE A 1 93  ? -7.645  -1.714  -4.050  1.00 35.15 ? 232 PHE A CE2 1 
ATOM   624  C  CZ  . PHE A 1 93  ? -7.579  -0.597  -3.219  1.00 34.85 ? 232 PHE A CZ  1 
ATOM   625  N  N   . PRO A 1 94  ? -7.185  1.989   -8.664  1.00 26.92 ? 233 PRO A N   1 
ATOM   626  C  CA  . PRO A 1 94  ? -6.189  3.041   -8.454  1.00 23.08 ? 233 PRO A CA  1 
ATOM   627  C  C   . PRO A 1 94  ? -6.425  3.625   -7.068  1.00 22.68 ? 233 PRO A C   1 
ATOM   628  O  O   . PRO A 1 94  ? -7.574  3.740   -6.614  1.00 20.97 ? 233 PRO A O   1 
ATOM   629  C  CB  . PRO A 1 94  ? -6.509  4.035   -9.571  1.00 23.08 ? 233 PRO A CB  1 
ATOM   630  C  CG  . PRO A 1 94  ? -7.996  3.941   -9.680  1.00 24.59 ? 233 PRO A CG  1 
ATOM   631  C  CD  . PRO A 1 94  ? -8.268  2.447   -9.559  1.00 26.51 ? 233 PRO A CD  1 
ATOM   632  N  N   . MET A 1 95  ? -5.341  3.985   -6.394  1.00 24.20 ? 234 MET A N   1 
ATOM   633  C  CA  . MET A 1 95  ? -5.418  4.538   -5.046  1.00 24.09 ? 234 MET A CA  1 
ATOM   634  C  C   . MET A 1 95  ? -4.260  5.506   -4.848  1.00 23.45 ? 234 MET A C   1 
ATOM   635  O  O   . MET A 1 95  ? -3.206  5.358   -5.471  1.00 22.06 ? 234 MET A O   1 
ATOM   636  C  CB  . MET A 1 95  ? -5.287  3.393   -4.033  1.00 27.71 ? 234 MET A CB  1 
ATOM   637  C  CG  . MET A 1 95  ? -4.096  2.467   -4.351  1.00 29.50 ? 234 MET A CG  1 
ATOM   638  S  SD  . MET A 1 95  ? -3.780  1.169   -3.170  1.00 29.41 ? 234 MET A SD  1 
ATOM   639  C  CE  . MET A 1 95  ? -2.234  1.798   -2.359  1.00 24.31 ? 234 MET A CE  1 
ATOM   640  N  N   . HIS A 1 96  ? -4.473  6.528   -4.031  1.00 22.95 ? 235 HIS A N   1 
ATOM   641  C  CA  . HIS A 1 96  ? -3.409  7.483   -3.734  1.00 22.77 ? 235 HIS A CA  1 
ATOM   642  C  C   . HIS A 1 96  ? -2.691  6.916   -2.515  1.00 21.24 ? 235 HIS A C   1 
ATOM   643  O  O   . HIS A 1 96  ? -3.334  6.502   -1.536  1.00 20.64 ? 235 HIS A O   1 
ATOM   644  C  CB  . HIS A 1 96  ? -3.968  8.883   -3.420  1.00 25.98 ? 235 HIS A CB  1 
ATOM   645  C  CG  . HIS A 1 96  ? -2.902  9.888   -3.122  1.00 27.27 ? 235 HIS A CG  1 
ATOM   646  N  ND1 . HIS A 1 96  ? -2.509  10.187  -1.833  1.00 30.34 ? 235 HIS A ND1 1 
ATOM   647  C  CD2 . HIS A 1 96  ? -2.052  10.553  -3.938  1.00 27.79 ? 235 HIS A CD2 1 
ATOM   648  C  CE1 . HIS A 1 96  ? -1.449  10.986  -1.871  1.00 25.19 ? 235 HIS A CE1 1 
ATOM   649  N  NE2 . HIS A 1 96  ? -1.157  11.220  -3.137  1.00 29.36 ? 235 HIS A NE2 1 
ATOM   650  N  N   . LEU A 1 97  ? -1.364  6.914   -2.555  1.00 19.98 ? 236 LEU A N   1 
ATOM   651  C  CA  . LEU A 1 97  ? -0.600  6.356   -1.447  1.00 18.41 ? 236 LEU A CA  1 
ATOM   652  C  C   . LEU A 1 97  ? 0.549   7.235   -0.973  1.00 17.01 ? 236 LEU A C   1 
ATOM   653  O  O   . LEU A 1 97  ? 1.314   7.735   -1.781  1.00 17.67 ? 236 LEU A O   1 
ATOM   654  C  CB  . LEU A 1 97  ? -0.081  4.968   -1.845  1.00 18.34 ? 236 LEU A CB  1 
ATOM   655  C  CG  . LEU A 1 97  ? 0.948   4.269   -0.940  1.00 26.29 ? 236 LEU A CG  1 
ATOM   656  C  CD1 . LEU A 1 97  ? 0.412   4.029   0.472   1.00 20.64 ? 236 LEU A CD1 1 
ATOM   657  C  CD2 . LEU A 1 97  ? 1.353   2.977   -1.572  1.00 23.01 ? 236 LEU A CD2 1 
ATOM   658  N  N   . SER A 1 98  ? 0.637   7.441   0.340   1.00 19.69 ? 237 SER A N   1 
ATOM   659  C  CA  . SER A 1 98  ? 1.714   8.222   0.967   1.00 21.17 ? 237 SER A CA  1 
ATOM   660  C  C   . SER A 1 98  ? 2.243   7.378   2.122   1.00 21.99 ? 237 SER A C   1 
ATOM   661  O  O   . SER A 1 98  ? 1.453   6.820   2.904   1.00 22.97 ? 237 SER A O   1 
ATOM   662  C  CB  . SER A 1 98  ? 1.192   9.534   1.571   1.00 23.61 ? 237 SER A CB  1 
ATOM   663  O  OG  . SER A 1 98  ? 0.346   10.229  0.672   1.00 36.98 ? 237 SER A OG  1 
ATOM   664  N  N   . ILE A 1 99  ? 3.560   7.263   2.230   1.00 20.15 ? 238 ILE A N   1 
ATOM   665  C  CA  . ILE A 1 99  ? 4.133   6.505   3.331   1.00 21.33 ? 238 ILE A CA  1 
ATOM   666  C  C   . ILE A 1 99  ? 5.026   7.406   4.178   1.00 20.03 ? 238 ILE A C   1 
ATOM   667  O  O   . ILE A 1 99  ? 5.717   8.274   3.655   1.00 18.74 ? 238 ILE A O   1 
ATOM   668  C  CB  . ILE A 1 99  ? 4.968   5.230   2.868   1.00 20.63 ? 238 ILE A CB  1 
ATOM   669  C  CG1 . ILE A 1 99  ? 6.087   5.617   1.922   1.00 17.07 ? 238 ILE A CG1 1 
ATOM   670  C  CG2 . ILE A 1 99  ? 4.082   4.195   2.180   1.00 19.90 ? 238 ILE A CG2 1 
ATOM   671  C  CD1 . ILE A 1 99  ? 7.189   4.567   1.848   1.00 19.08 ? 238 ILE A CD1 1 
ATOM   672  N  N   . GLY A 1 100 ? 4.982   7.200   5.492   1.00 16.89 ? 239 GLY A N   1 
ATOM   673  C  CA  . GLY A 1 100 ? 5.820   7.952   6.396   1.00 15.71 ? 239 GLY A CA  1 
ATOM   674  C  C   . GLY A 1 100 ? 6.760   6.952   7.034   1.00 18.83 ? 239 GLY A C   1 
ATOM   675  O  O   . GLY A 1 100 ? 6.373   5.805   7.252   1.00 22.00 ? 239 GLY A O   1 
ATOM   676  N  N   . GLU A 1 101 ? 8.000   7.342   7.280   1.00 20.82 ? 240 GLU A N   1 
ATOM   677  C  CA  . GLU A 1 101 ? 8.938   6.438   7.928   1.00 24.13 ? 240 GLU A CA  1 
ATOM   678  C  C   . GLU A 1 101 ? 8.947   6.729   9.416   1.00 21.90 ? 240 GLU A C   1 
ATOM   679  O  O   . GLU A 1 101 ? 8.857   7.875   9.837   1.00 27.67 ? 240 GLU A O   1 
ATOM   680  C  CB  . GLU A 1 101 ? 10.349  6.595   7.369   1.00 27.41 ? 240 GLU A CB  1 
ATOM   681  C  CG  . GLU A 1 101 ? 11.300  5.512   7.883   1.00 32.97 ? 240 GLU A CG  1 
ATOM   682  C  CD  . GLU A 1 101 ? 12.658  5.580   7.230   1.00 36.21 ? 240 GLU A CD  1 
ATOM   683  O  OE1 . GLU A 1 101 ? 12.835  6.444   6.357   1.00 35.10 ? 240 GLU A OE1 1 
ATOM   684  O  OE2 . GLU A 1 101 ? 13.550  4.778   7.592   1.00 41.63 ? 240 GLU A OE2 1 
ATOM   685  N  N   . MET A 1 102 ? 9.019   5.693   10.222  1.00 23.39 ? 241 MET A N   1 
ATOM   686  C  CA  . MET A 1 102 ? 9.012   5.868   11.665  1.00 27.52 ? 241 MET A CA  1 
ATOM   687  C  C   . MET A 1 102 ? 9.911   4.818   12.279  1.00 27.39 ? 241 MET A C   1 
ATOM   688  O  O   . MET A 1 102 ? 10.135  3.774   11.691  1.00 28.37 ? 241 MET A O   1 
ATOM   689  C  CB  . MET A 1 102 ? 7.604   5.704   12.222  1.00 24.62 ? 241 MET A CB  1 
ATOM   690  C  CG  . MET A 1 102 ? 6.564   6.518   11.515  1.00 31.96 ? 241 MET A CG  1 
ATOM   691  S  SD  . MET A 1 102 ? 4.929   6.185   12.126  1.00 32.77 ? 241 MET A SD  1 
ATOM   692  C  CE  . MET A 1 102 ? 4.953   4.440   12.119  1.00 35.52 ? 241 MET A CE  1 
ATOM   693  N  N   . GLN A 1 103 ? 10.453  5.124   13.442  1.00 30.41 ? 242 GLN A N   1 
ATOM   694  C  CA  . GLN A 1 103 ? 11.332  4.221   14.156  1.00 34.26 ? 242 GLN A CA  1 
ATOM   695  C  C   . GLN A 1 103 ? 10.645  3.804   15.422  1.00 32.95 ? 242 GLN A C   1 
ATOM   696  O  O   . GLN A 1 103 ? 9.963   4.597   16.049  1.00 36.86 ? 242 GLN A O   1 
ATOM   697  C  CB  . GLN A 1 103 ? 12.631  4.925   14.522  1.00 38.45 ? 242 GLN A CB  1 
ATOM   698  C  CG  . GLN A 1 103 ? 13.569  5.151   13.351  1.00 44.02 ? 242 GLN A CG  1 
ATOM   699  C  CD  . GLN A 1 103 ? 14.239  3.877   12.916  1.00 47.92 ? 242 GLN A CD  1 
ATOM   700  O  OE1 . GLN A 1 103 ? 14.692  3.086   13.743  1.00 53.76 ? 242 GLN A OE1 1 
ATOM   701  N  NE2 . GLN A 1 103 ? 14.293  3.655   11.621  1.00 47.89 ? 242 GLN A NE2 1 
ATOM   702  N  N   . SER A 1 104 ? 10.775  2.538   15.758  1.00 33.62 ? 243 SER A N   1 
ATOM   703  C  CA  . SER A 1 104 ? 10.205  2.016   16.982  1.00 34.28 ? 243 SER A CA  1 
ATOM   704  C  C   . SER A 1 104 ? 11.054  0.814   17.352  1.00 32.23 ? 243 SER A C   1 
ATOM   705  O  O   . SER A 1 104 ? 11.595  0.147   16.467  1.00 32.00 ? 243 SER A O   1 
ATOM   706  C  CB  . SER A 1 104 ? 8.739   1.631   16.800  1.00 34.10 ? 243 SER A CB  1 
ATOM   707  O  OG  . SER A 1 104 ? 8.206   1.135   18.016  1.00 34.04 ? 243 SER A OG  1 
ATOM   708  N  N   . GLY A 1 105 ? 11.272  0.628   18.655  1.00 33.66 ? 244 GLY A N   1 
ATOM   709  C  CA  . GLY A 1 105 ? 12.071  -0.490  19.150  1.00 30.49 ? 244 GLY A CA  1 
ATOM   710  C  C   . GLY A 1 105 ? 13.386  -0.718  18.424  1.00 27.77 ? 244 GLY A C   1 
ATOM   711  O  O   . GLY A 1 105 ? 13.836  -1.847  18.339  1.00 27.52 ? 244 GLY A O   1 
ATOM   712  N  N   . GLY A 1 106 ? 13.977  0.340   17.871  1.00 26.08 ? 245 GLY A N   1 
ATOM   713  C  CA  . GLY A 1 106 ? 15.232  0.207   17.156  1.00 27.29 ? 245 GLY A CA  1 
ATOM   714  C  C   . GLY A 1 106 ? 15.100  -0.088  15.672  1.00 29.82 ? 245 GLY A C   1 
ATOM   715  O  O   . GLY A 1 106 ? 16.004  0.209   14.887  1.00 30.82 ? 245 GLY A O   1 
ATOM   716  N  N   . GLU A 1 107 ? 13.990  -0.691  15.267  1.00 33.53 ? 246 GLU A N   1 
ATOM   717  C  CA  . GLU A 1 107 ? 13.808  -0.997  13.849  1.00 33.31 ? 246 GLU A CA  1 
ATOM   718  C  C   . GLU A 1 107 ? 12.888  0.020   13.156  1.00 29.87 ? 246 GLU A C   1 
ATOM   719  O  O   . GLU A 1 107 ? 12.091  0.707   13.804  1.00 26.03 ? 246 GLU A O   1 
ATOM   720  C  CB  . GLU A 1 107 ? 13.322  -2.452  13.659  1.00 34.46 ? 246 GLU A CB  1 
ATOM   721  C  CG  . GLU A 1 107 ? 12.093  -2.818  14.477  1.00 40.90 ? 246 GLU A CG  1 
ATOM   722  C  CD  . GLU A 1 107 ? 11.663  -4.280  14.307  1.00 42.46 ? 246 GLU A CD  1 
ATOM   723  O  OE1 . GLU A 1 107 ? 11.109  -4.652  13.228  1.00 34.13 ? 246 GLU A OE1 1 
ATOM   724  O  OE2 . GLU A 1 107 ? 11.857  -5.044  15.283  1.00 42.14 ? 246 GLU A OE2 1 
ATOM   725  N  N   . PRO A 1 108 ? 13.034  0.165   11.830  1.00 28.32 ? 247 PRO A N   1 
ATOM   726  C  CA  . PRO A 1 108 ? 12.245  1.083   10.996  1.00 25.95 ? 247 PRO A CA  1 
ATOM   727  C  C   . PRO A 1 108 ? 10.875  0.469   10.683  1.00 23.78 ? 247 PRO A C   1 
ATOM   728  O  O   . PRO A 1 108 ? 10.754  -0.748  10.562  1.00 26.15 ? 247 PRO A O   1 
ATOM   729  C  CB  . PRO A 1 108 ? 13.080  1.161   9.722   1.00 28.53 ? 247 PRO A CB  1 
ATOM   730  C  CG  . PRO A 1 108 ? 13.535  -0.280  9.578   1.00 29.41 ? 247 PRO A CG  1 
ATOM   731  C  CD  . PRO A 1 108 ? 13.974  -0.615  11.002  1.00 28.17 ? 247 PRO A CD  1 
ATOM   732  N  N   . TYR A 1 109 ? 9.863   1.318   10.577  1.00 19.98 ? 248 TYR A N   1 
ATOM   733  C  CA  . TYR A 1 109 ? 8.492   0.940   10.264  1.00 18.21 ? 248 TYR A CA  1 
ATOM   734  C  C   . TYR A 1 109 ? 7.996   1.958   9.212   1.00 15.00 ? 248 TYR A C   1 
ATOM   735  O  O   . TYR A 1 109 ? 8.511   3.067   9.140   1.00 12.52 ? 248 TYR A O   1 
ATOM   736  C  CB  . TYR A 1 109 ? 7.614   1.020   11.516  1.00 17.38 ? 248 TYR A CB  1 
ATOM   737  C  CG  . TYR A 1 109 ? 7.775   -0.145  12.442  1.00 19.52 ? 248 TYR A CG  1 
ATOM   738  C  CD1 . TYR A 1 109 ? 8.849   -0.202  13.344  1.00 23.82 ? 248 TYR A CD1 1 
ATOM   739  C  CD2 . TYR A 1 109 ? 6.890   -1.231  12.391  1.00 15.03 ? 248 TYR A CD2 1 
ATOM   740  C  CE1 . TYR A 1 109 ? 9.053   -1.327  14.173  1.00 19.37 ? 248 TYR A CE1 1 
ATOM   741  C  CE2 . TYR A 1 109 ? 7.079   -2.355  13.213  1.00 19.68 ? 248 TYR A CE2 1 
ATOM   742  C  CZ  . TYR A 1 109 ? 8.173   -2.389  14.095  1.00 21.55 ? 248 TYR A CZ  1 
ATOM   743  O  OH  . TYR A 1 109 ? 8.430   -3.499  14.848  1.00 25.48 ? 248 TYR A OH  1 
ATOM   744  N  N   . PHE A 1 110 ? 7.042   1.567   8.378   1.00 9.58  ? 249 PHE A N   1 
ATOM   745  C  CA  . PHE A 1 110 ? 6.536   2.464   7.346   1.00 10.27 ? 249 PHE A CA  1 
ATOM   746  C  C   . PHE A 1 110 ? 5.046   2.464   7.457   1.00 7.37  ? 249 PHE A C   1 
ATOM   747  O  O   . PHE A 1 110 ? 4.436   1.400   7.562   1.00 10.86 ? 249 PHE A O   1 
ATOM   748  C  CB  . PHE A 1 110 ? 6.961   2.011   5.931   1.00 6.05  ? 249 PHE A CB  1 
ATOM   749  C  CG  . PHE A 1 110 ? 8.431   2.034   5.716   1.00 6.11  ? 249 PHE A CG  1 
ATOM   750  C  CD1 . PHE A 1 110 ? 9.191   0.888   5.924   1.00 12.06 ? 249 PHE A CD1 1 
ATOM   751  C  CD2 . PHE A 1 110 ? 9.087   3.232   5.402   1.00 12.29 ? 249 PHE A CD2 1 
ATOM   752  C  CE1 . PHE A 1 110 ? 10.605  0.932   5.847   1.00 13.54 ? 249 PHE A CE1 1 
ATOM   753  C  CE2 . PHE A 1 110 ? 10.492  3.296   5.315   1.00 9.92  ? 249 PHE A CE2 1 
ATOM   754  C  CZ  . PHE A 1 110 ? 11.255  2.150   5.545   1.00 8.62  ? 249 PHE A CZ  1 
ATOM   755  N  N   . THR A 1 111 ? 4.476   3.657   7.529   1.00 9.97  ? 250 THR A N   1 
ATOM   756  C  CA  . THR A 1 111 ? 3.027   3.821   7.640   1.00 12.61 ? 250 THR A CA  1 
ATOM   757  C  C   . THR A 1 111 ? 2.516   4.397   6.351   1.00 9.97  ? 250 THR A C   1 
ATOM   758  O  O   . THR A 1 111 ? 3.028   5.413   5.892   1.00 10.06 ? 250 THR A O   1 
ATOM   759  C  CB  . THR A 1 111 ? 2.653   4.746   8.820   1.00 11.77 ? 250 THR A CB  1 
ATOM   760  O  OG1 . THR A 1 111 ? 3.166   4.167   10.024  1.00 11.65 ? 250 THR A OG1 1 
ATOM   761  C  CG2 . THR A 1 111 ? 1.146   4.855   8.968   1.00 9.49  ? 250 THR A CG2 1 
ATOM   762  N  N   . GLY A 1 112 ? 1.558   3.702   5.743   1.00 10.29 ? 251 GLY A N   1 
ATOM   763  C  CA  . GLY A 1 112 ? 0.976   4.134   4.484   1.00 9.60  ? 251 GLY A CA  1 
ATOM   764  C  C   . GLY A 1 112 ? -0.477  4.539   4.619   1.00 10.95 ? 251 GLY A C   1 
ATOM   765  O  O   . GLY A 1 112 ? -1.238  3.932   5.397   1.00 12.28 ? 251 GLY A O   1 
ATOM   766  N  N   . PHE A 1 113 ? -0.852  5.618   3.933   1.00 13.97 ? 252 PHE A N   1 
ATOM   767  C  CA  . PHE A 1 113 ? -2.234  6.099   3.962   1.00 12.69 ? 252 PHE A CA  1 
ATOM   768  C  C   . PHE A 1 113 ? -2.770  5.959   2.575   1.00 13.71 ? 252 PHE A C   1 
ATOM   769  O  O   . PHE A 1 113 ? -2.171  6.425   1.600   1.00 16.03 ? 252 PHE A O   1 
ATOM   770  C  CB  . PHE A 1 113 ? -2.319  7.534   4.471   1.00 11.28 ? 252 PHE A CB  1 
ATOM   771  C  CG  . PHE A 1 113 ? -1.898  7.670   5.889   1.00 16.03 ? 252 PHE A CG  1 
ATOM   772  C  CD1 . PHE A 1 113 ? -0.589  8.003   6.204   1.00 22.53 ? 252 PHE A CD1 1 
ATOM   773  C  CD2 . PHE A 1 113 ? -2.787  7.399   6.919   1.00 22.31 ? 252 PHE A CD2 1 
ATOM   774  C  CE1 . PHE A 1 113 ? -0.171  8.076   7.522   1.00 24.55 ? 252 PHE A CE1 1 
ATOM   775  C  CE2 . PHE A 1 113 ? -2.369  7.469   8.250   1.00 27.04 ? 252 PHE A CE2 1 
ATOM   776  C  CZ  . PHE A 1 113 ? -1.052  7.806   8.542   1.00 21.64 ? 252 PHE A CZ  1 
ATOM   777  N  N   . VAL A 1 114 ? -3.886  5.260   2.485   1.00 14.50 ? 253 VAL A N   1 
ATOM   778  C  CA  . VAL A 1 114 ? -4.473  4.983   1.199   1.00 14.98 ? 253 VAL A CA  1 
ATOM   779  C  C   . VAL A 1 114 ? -5.788  5.695   0.970   1.00 16.94 ? 253 VAL A C   1 
ATOM   780  O  O   . VAL A 1 114 ? -6.670  5.649   1.823   1.00 19.31 ? 253 VAL A O   1 
ATOM   781  C  CB  . VAL A 1 114 ? -4.676  3.472   1.030   1.00 8.39  ? 253 VAL A CB  1 
ATOM   782  C  CG1 . VAL A 1 114 ? -5.503  3.194   -0.238  1.00 9.92  ? 253 VAL A CG1 1 
ATOM   783  C  CG2 . VAL A 1 114 ? -3.327  2.803   0.971   1.00 2.20  ? 253 VAL A CG2 1 
ATOM   784  N  N   . ARG A 1 115 ? -5.911  6.353   -0.179  1.00 14.84 ? 254 ARG A N   1 
ATOM   785  C  CA  . ARG A 1 115 ? -7.138  7.048   -0.528  1.00 14.12 ? 254 ARG A CA  1 
ATOM   786  C  C   . ARG A 1 115 ? -7.609  6.392   -1.799  1.00 14.26 ? 254 ARG A C   1 
ATOM   787  O  O   . ARG A 1 115 ? -6.890  6.353   -2.792  1.00 13.42 ? 254 ARG A O   1 
ATOM   788  C  CB  . ARG A 1 115 ? -6.879  8.529   -0.743  1.00 22.54 ? 254 ARG A CB  1 
ATOM   789  N  N   . ASP A 1 116 ? -8.758  5.740   -1.700  1.00 15.87 ? 255 ASP A N   1 
ATOM   790  C  CA  . ASP A 1 116 ? -9.376  5.034   -2.812  1.00 16.98 ? 255 ASP A CA  1 
ATOM   791  C  C   . ASP A 1 116 ? -9.715  6.075   -3.898  1.00 19.84 ? 255 ASP A C   1 
ATOM   792  O  O   . ASP A 1 116 ? -10.290 7.135   -3.600  1.00 24.07 ? 255 ASP A O   1 
ATOM   793  C  CB  . ASP A 1 116 ? -10.649 4.328   -2.307  1.00 13.02 ? 255 ASP A CB  1 
ATOM   794  C  CG  . ASP A 1 116 ? -11.247 3.374   -3.336  1.00 15.74 ? 255 ASP A CG  1 
ATOM   795  O  OD1 . ASP A 1 116 ? -10.621 3.123   -4.403  1.00 9.17  ? 255 ASP A OD1 1 
ATOM   796  O  OD2 . ASP A 1 116 ? -12.343 2.850   -3.054  1.00 18.01 ? 255 ASP A OD2 1 
ATOM   797  N  N   . LEU A 1 117 ? -9.419  5.753   -5.149  1.00 18.56 ? 256 LEU A N   1 
ATOM   798  C  CA  . LEU A 1 117 ? -9.660  6.685   -6.244  1.00 23.50 ? 256 LEU A CA  1 
ATOM   799  C  C   . LEU A 1 117 ? -10.541 6.119   -7.362  1.00 24.86 ? 256 LEU A C   1 
ATOM   800  O  O   . LEU A 1 117 ? -10.667 6.735   -8.427  1.00 27.82 ? 256 LEU A O   1 
ATOM   801  C  CB  . LEU A 1 117 ? -8.308  7.141   -6.835  1.00 24.09 ? 256 LEU A CB  1 
ATOM   802  C  CG  . LEU A 1 117 ? -7.682  8.482   -6.433  1.00 20.45 ? 256 LEU A CG  1 
ATOM   803  C  CD1 . LEU A 1 117 ? -8.104  8.897   -5.052  1.00 17.69 ? 256 LEU A CD1 1 
ATOM   804  C  CD2 . LEU A 1 117 ? -6.165  8.390   -6.547  1.00 22.52 ? 256 LEU A CD2 1 
ATOM   805  N  N   . THR A 1 118 ? -11.136 4.958   -7.123  1.00 25.19 ? 257 THR A N   1 
ATOM   806  C  CA  . THR A 1 118 ? -11.994 4.291   -8.098  1.00 28.03 ? 257 THR A CA  1 
ATOM   807  C  C   . THR A 1 118 ? -13.137 5.207   -8.581  1.00 27.05 ? 257 THR A C   1 
ATOM   808  O  O   . THR A 1 118 ? -13.398 5.334   -9.784  1.00 24.06 ? 257 THR A O   1 
ATOM   809  C  CB  . THR A 1 118 ? -12.639 3.019   -7.488  1.00 31.75 ? 257 THR A CB  1 
ATOM   810  O  OG1 . THR A 1 118 ? -11.687 2.325   -6.688  1.00 37.38 ? 257 THR A OG1 1 
ATOM   811  C  CG2 . THR A 1 118 ? -13.080 2.069   -8.589  1.00 37.76 ? 257 THR A CG2 1 
ATOM   812  N  N   . GLU A 1 119 ? -13.833 5.805   -7.626  1.00 25.32 ? 258 GLU A N   1 
ATOM   813  C  CA  . GLU A 1 119 ? -14.941 6.694   -7.913  1.00 28.24 ? 258 GLU A CA  1 
ATOM   814  C  C   . GLU A 1 119 ? -14.499 7.859   -8.785  1.00 28.44 ? 258 GLU A C   1 
ATOM   815  O  O   . GLU A 1 119 ? -15.216 8.279   -9.685  1.00 33.70 ? 258 GLU A O   1 
ATOM   816  C  CB  . GLU A 1 119 ? -15.532 7.196   -6.605  1.00 32.07 ? 258 GLU A CB  1 
ATOM   817  C  CG  . GLU A 1 119 ? -16.738 8.068   -6.767  1.00 36.42 ? 258 GLU A CG  1 
ATOM   818  C  CD  . GLU A 1 119 ? -17.414 8.324   -5.454  1.00 44.63 ? 258 GLU A CD  1 
ATOM   819  O  OE1 . GLU A 1 119 ? -16.702 8.666   -4.479  1.00 45.01 ? 258 GLU A OE1 1 
ATOM   820  O  OE2 . GLU A 1 119 ? -18.659 8.174   -5.396  1.00 49.43 ? 258 GLU A OE2 1 
ATOM   821  N  N   . HIS A 1 120 ? -13.288 8.342   -8.553  1.00 29.63 ? 259 HIS A N   1 
ATOM   822  C  CA  . HIS A 1 120 ? -12.734 9.426   -9.345  1.00 28.09 ? 259 HIS A CA  1 
ATOM   823  C  C   . HIS A 1 120 ? -12.442 8.908   -10.737 1.00 26.31 ? 259 HIS A C   1 
ATOM   824  O  O   . HIS A 1 120 ? -12.774 9.563   -11.718 1.00 25.74 ? 259 HIS A O   1 
ATOM   825  C  CB  . HIS A 1 120 ? -11.450 9.961   -8.710  1.00 31.05 ? 259 HIS A CB  1 
ATOM   826  C  CG  . HIS A 1 120 ? -11.661 10.583  -7.374  1.00 38.56 ? 259 HIS A CG  1 
ATOM   827  N  ND1 . HIS A 1 120 ? -11.913 11.937  -7.207  1.00 43.11 ? 259 HIS A ND1 1 
ATOM   828  C  CD2 . HIS A 1 120 ? -11.684 10.051  -6.127  1.00 40.95 ? 259 HIS A CD2 1 
ATOM   829  C  CE1 . HIS A 1 120 ? -12.081 12.200  -5.930  1.00 44.83 ? 259 HIS A CE1 1 
ATOM   830  N  NE2 . HIS A 1 120 ? -11.949 11.071  -5.248  1.00 48.12 ? 259 HIS A NE2 1 
ATOM   831  N  N   . GLN A 1 121 ? -11.831 7.728   -10.816 1.00 25.32 ? 260 GLN A N   1 
ATOM   832  C  CA  . GLN A 1 121 ? -11.493 7.131   -12.104 1.00 23.64 ? 260 GLN A CA  1 
ATOM   833  C  C   . GLN A 1 121 ? -12.750 6.852   -12.940 1.00 25.99 ? 260 GLN A C   1 
ATOM   834  O  O   . GLN A 1 121 ? -12.751 7.051   -14.155 1.00 23.22 ? 260 GLN A O   1 
ATOM   835  C  CB  . GLN A 1 121 ? -10.677 5.850   -11.910 1.00 20.72 ? 260 GLN A CB  1 
ATOM   836  C  CG  . GLN A 1 121 ? -10.061 5.281   -13.201 1.00 22.52 ? 260 GLN A CG  1 
ATOM   837  C  CD  . GLN A 1 121 ? -9.314  3.961   -12.981 1.00 25.62 ? 260 GLN A CD  1 
ATOM   838  O  OE1 . GLN A 1 121 ? -9.860  2.998   -12.429 1.00 26.72 ? 260 GLN A OE1 1 
ATOM   839  N  NE2 . GLN A 1 121 ? -8.076  3.898   -13.448 1.00 23.29 ? 260 GLN A NE2 1 
ATOM   840  N  N   . GLN A 1 122 ? -13.832 6.430   -12.286 1.00 28.71 ? 261 GLN A N   1 
ATOM   841  C  CA  . GLN A 1 122 ? -15.073 6.146   -12.997 1.00 31.57 ? 261 GLN A CA  1 
ATOM   842  C  C   . GLN A 1 122 ? -15.698 7.431   -13.503 1.00 32.08 ? 261 GLN A C   1 
ATOM   843  O  O   . GLN A 1 122 ? -16.017 7.554   -14.691 1.00 32.78 ? 261 GLN A O   1 
ATOM   844  C  CB  . GLN A 1 122 ? -16.041 5.376   -12.108 1.00 36.80 ? 261 GLN A CB  1 
ATOM   845  C  CG  . GLN A 1 122 ? -15.477 4.025   -11.677 1.00 39.91 ? 261 GLN A CG  1 
ATOM   846  C  CD  . GLN A 1 122 ? -16.375 3.269   -10.732 1.00 47.31 ? 261 GLN A CD  1 
ATOM   847  O  OE1 . GLN A 1 122 ? -17.074 3.848   -9.878  1.00 47.34 ? 261 GLN A OE1 1 
ATOM   848  N  NE2 . GLN A 1 122 ? -16.340 1.953   -10.851 1.00 54.20 ? 261 GLN A NE2 1 
ATOM   849  N  N   . THR A 1 123 ? -15.817 8.410   -12.618 1.00 28.34 ? 262 THR A N   1 
ATOM   850  C  CA  . THR A 1 123 ? -16.374 9.694   -12.995 1.00 26.23 ? 262 THR A CA  1 
ATOM   851  C  C   . THR A 1 123 ? -15.643 10.291  -14.195 1.00 28.51 ? 262 THR A C   1 
ATOM   852  O  O   . THR A 1 123 ? -16.277 10.834  -15.093 1.00 33.18 ? 262 THR A O   1 
ATOM   853  C  CB  . THR A 1 123 ? -16.294 10.667  -11.818 1.00 25.67 ? 262 THR A CB  1 
ATOM   854  O  OG1 . THR A 1 123 ? -17.094 10.159  -10.743 1.00 19.32 ? 262 THR A OG1 1 
ATOM   855  C  CG2 . THR A 1 123 ? -16.767 12.059  -12.219 1.00 22.04 ? 262 THR A CG2 1 
ATOM   856  N  N   . GLN A 1 124 ? -14.316 10.162  -14.215 1.00 30.84 ? 263 GLN A N   1 
ATOM   857  C  CA  . GLN A 1 124 ? -13.475 10.697  -15.290 1.00 29.88 ? 263 GLN A CA  1 
ATOM   858  C  C   . GLN A 1 124 ? -13.615 9.888   -16.576 1.00 29.43 ? 263 GLN A C   1 
ATOM   859  O  O   . GLN A 1 124 ? -13.692 10.449  -17.664 1.00 34.09 ? 263 GLN A O   1 
ATOM   860  C  CB  . GLN A 1 124 ? -12.013 10.784  -14.813 1.00 30.66 ? 263 GLN A CB  1 
ATOM   861  C  CG  . GLN A 1 124 ? -10.936 11.048  -15.885 1.00 26.96 ? 263 GLN A CG  1 
ATOM   862  C  CD  . GLN A 1 124 ? -9.520  10.909  -15.328 1.00 32.05 ? 263 GLN A CD  1 
ATOM   863  O  OE1 . GLN A 1 124 ? -8.632  10.303  -15.958 1.00 23.67 ? 263 GLN A OE1 1 
ATOM   864  N  NE2 . GLN A 1 124 ? -9.302  11.475  -14.130 1.00 30.15 ? 263 GLN A NE2 1 
ATOM   865  N  N   . ALA A 1 125 ? -13.671 8.571   -16.451 1.00 28.44 ? 264 ALA A N   1 
ATOM   866  C  CA  . ALA A 1 125 ? -13.842 7.695   -17.605 1.00 26.53 ? 264 ALA A CA  1 
ATOM   867  C  C   . ALA A 1 125 ? -15.199 7.999   -18.242 1.00 28.84 ? 264 ALA A C   1 
ATOM   868  O  O   . ALA A 1 125 ? -15.310 8.205   -19.452 1.00 27.89 ? 264 ALA A O   1 
ATOM   869  C  CB  . ALA A 1 125 ? -13.802 6.242   -17.156 1.00 18.15 ? 264 ALA A CB  1 
ATOM   870  N  N   . ARG A 1 126 ? -16.229 8.060   -17.401 1.00 32.40 ? 265 ARG A N   1 
ATOM   871  C  CA  . ARG A 1 126 ? -17.594 8.330   -17.844 1.00 33.52 ? 265 ARG A CA  1 
ATOM   872  C  C   . ARG A 1 126 ? -17.721 9.688   -18.533 1.00 31.29 ? 265 ARG A C   1 
ATOM   873  O  O   . ARG A 1 126 ? -18.312 9.775   -19.610 1.00 30.14 ? 265 ARG A O   1 
ATOM   874  C  CB  . ARG A 1 126 ? -18.546 8.249   -16.657 1.00 37.13 ? 265 ARG A CB  1 
ATOM   875  C  CG  . ARG A 1 126 ? -19.987 8.485   -17.006 1.00 39.98 ? 265 ARG A CG  1 
ATOM   876  C  CD  . ARG A 1 126 ? -20.532 7.341   -17.811 1.00 42.50 ? 265 ARG A CD  1 
ATOM   877  N  NE  . ARG A 1 126 ? -21.989 7.391   -17.845 1.00 42.98 ? 265 ARG A NE  1 
ATOM   878  C  CZ  . ARG A 1 126 ? -22.750 6.722   -18.702 1.00 42.14 ? 265 ARG A CZ  1 
ATOM   879  N  NH1 . ARG A 1 126 ? -22.198 5.935   -19.618 1.00 41.14 ? 265 ARG A NH1 1 
ATOM   880  N  NH2 . ARG A 1 126 ? -24.065 6.880   -18.658 1.00 36.82 ? 265 ARG A NH2 1 
ATOM   881  N  N   . LEU A 1 127 ? -17.183 10.743  -17.918 1.00 27.09 ? 266 LEU A N   1 
ATOM   882  C  CA  . LEU A 1 127 ? -17.240 12.075  -18.527 1.00 27.53 ? 266 LEU A CA  1 
ATOM   883  C  C   . LEU A 1 127 ? -16.574 12.061  -19.895 1.00 29.69 ? 266 LEU A C   1 
ATOM   884  O  O   . LEU A 1 127 ? -16.949 12.818  -20.777 1.00 32.38 ? 266 LEU A O   1 
ATOM   885  C  CB  . LEU A 1 127 ? -16.554 13.132  -17.653 1.00 24.77 ? 266 LEU A CB  1 
ATOM   886  C  CG  . LEU A 1 127 ? -17.293 13.670  -16.428 1.00 20.45 ? 266 LEU A CG  1 
ATOM   887  C  CD1 . LEU A 1 127 ? -16.472 14.713  -15.681 1.00 17.21 ? 266 LEU A CD1 1 
ATOM   888  C  CD2 . LEU A 1 127 ? -18.613 14.246  -16.910 1.00 23.01 ? 266 LEU A CD2 1 
ATOM   889  N  N   . GLN A 1 128 ? -15.574 11.207  -20.062 1.00 31.73 ? 267 GLN A N   1 
ATOM   890  C  CA  . GLN A 1 128 ? -14.864 11.125  -21.325 1.00 34.90 ? 267 GLN A CA  1 
ATOM   891  C  C   . GLN A 1 128 ? -15.671 10.399  -22.385 1.00 35.25 ? 267 GLN A C   1 
ATOM   892  O  O   . GLN A 1 128 ? -15.628 10.744  -23.561 1.00 36.22 ? 267 GLN A O   1 
ATOM   893  C  CB  . GLN A 1 128 ? -13.523 10.428  -21.127 1.00 38.31 ? 267 GLN A CB  1 
ATOM   894  C  CG  . GLN A 1 128 ? -12.896 10.008  -22.432 1.00 42.54 ? 267 GLN A CG  1 
ATOM   895  C  CD  . GLN A 1 128 ? -11.407 10.067  -22.393 1.00 45.81 ? 267 GLN A CD  1 
ATOM   896  O  OE1 . GLN A 1 128 ? -10.767 9.432   -21.551 1.00 50.70 ? 267 GLN A OE1 1 
ATOM   897  N  NE2 . GLN A 1 128 ? -10.827 10.814  -23.323 1.00 48.96 ? 267 GLN A NE2 1 
ATOM   898  N  N   . GLU A 1 129 ? -16.347 9.347   -21.955 1.00 36.46 ? 268 GLU A N   1 
ATOM   899  C  CA  . GLU A 1 129 ? -17.172 8.540   -22.823 1.00 36.80 ? 268 GLU A CA  1 
ATOM   900  C  C   . GLU A 1 129 ? -18.372 9.330   -23.357 1.00 38.45 ? 268 GLU A C   1 
ATOM   901  O  O   . GLU A 1 129 ? -18.762 9.155   -24.513 1.00 41.75 ? 268 GLU A O   1 
ATOM   902  C  CB  . GLU A 1 129 ? -17.650 7.303   -22.052 1.00 38.51 ? 268 GLU A CB  1 
ATOM   903  C  CG  . GLU A 1 129 ? -18.690 6.485   -22.779 1.00 43.10 ? 268 GLU A CG  1 
ATOM   904  C  CD  . GLU A 1 129 ? -19.313 5.387   -21.927 1.00 48.14 ? 268 GLU A CD  1 
ATOM   905  O  OE1 . GLU A 1 129 ? -20.031 4.546   -22.521 1.00 51.37 ? 268 GLU A OE1 1 
ATOM   906  O  OE2 . GLU A 1 129 ? -19.103 5.362   -20.683 1.00 44.77 ? 268 GLU A OE2 1 
ATOM   907  N  N   . LEU A 1 130 ? -18.965 10.179  -22.518 1.00 36.67 ? 269 LEU A N   1 
ATOM   908  C  CA  . LEU A 1 130 ? -20.123 10.974  -22.923 1.00 37.09 ? 269 LEU A CA  1 
ATOM   909  C  C   . LEU A 1 130 ? -19.770 12.140  -23.857 1.00 38.78 ? 269 LEU A C   1 
ATOM   910  O  O   . LEU A 1 130 ? -18.656 12.679  -23.828 1.00 41.35 ? 269 LEU A O   1 
ATOM   911  C  CB  . LEU A 1 130 ? -20.888 11.493  -21.696 1.00 34.84 ? 269 LEU A CB  1 
ATOM   912  C  CG  . LEU A 1 130 ? -21.455 10.465  -20.698 1.00 35.99 ? 269 LEU A CG  1 
ATOM   913  C  CD1 . LEU A 1 130 ? -22.282 11.149  -19.631 1.00 29.13 ? 269 LEU A CD1 1 
ATOM   914  C  CD2 . LEU A 1 130 ? -22.280 9.407   -21.408 1.00 32.92 ? 269 LEU A CD2 1 
HETATM 915  C  CHA . HEM B 2 .   ? 8.399   1.422   -2.729  1.00 9.57  ? 719 HEM A CHA 1 
HETATM 916  C  CHB . HEM B 2 .   ? 4.492   0.079   -5.246  1.00 10.44 ? 719 HEM A CHB 1 
HETATM 917  C  CHC . HEM B 2 .   ? 2.034   -0.200  -1.120  1.00 4.32  ? 719 HEM A CHC 1 
HETATM 918  C  CHD . HEM B 2 .   ? 6.044   0.555   1.364   1.00 10.38 ? 719 HEM A CHD 1 
HETATM 919  C  C1A . HEM B 2 .   ? 7.562   1.146   -3.798  1.00 15.09 ? 719 HEM A C1A 1 
HETATM 920  C  C2A . HEM B 2 .   ? 7.904   1.239   -5.216  1.00 16.81 ? 719 HEM A C2A 1 
HETATM 921  C  C3A . HEM B 2 .   ? 6.814   0.904   -5.910  1.00 14.34 ? 719 HEM A C3A 1 
HETATM 922  C  C4A . HEM B 2 .   ? 5.764   0.548   -4.964  1.00 14.65 ? 719 HEM A C4A 1 
HETATM 923  C  CMA . HEM B 2 .   ? 6.657   0.862   -7.420  1.00 11.33 ? 719 HEM A CMA 1 
HETATM 924  C  CAA . HEM B 2 .   ? 9.236   1.800   -5.743  1.00 22.25 ? 719 HEM A CAA 1 
HETATM 925  C  CBA . HEM B 2 .   ? 9.057   3.032   -6.610  1.00 32.84 ? 719 HEM A CBA 1 
HETATM 926  C  CGA . HEM B 2 .   ? 10.361  3.760   -6.908  1.00 39.19 ? 719 HEM A CGA 1 
HETATM 927  O  O1A . HEM B 2 .   ? 11.366  3.014   -7.209  1.00 43.57 ? 719 HEM A O1A 1 
HETATM 928  O  O2A . HEM B 2 .   ? 10.384  4.978   -6.817  1.00 42.12 ? 719 HEM A O2A 1 
HETATM 929  C  C1B . HEM B 2 .   ? 3.504   -0.165  -4.332  1.00 5.26  ? 719 HEM A C1B 1 
HETATM 930  C  C2B . HEM B 2 .   ? 2.188   -0.570  -4.685  1.00 2.00  ? 719 HEM A C2B 1 
HETATM 931  C  C3B . HEM B 2 .   ? 1.457   -0.628  -3.551  1.00 3.83  ? 719 HEM A C3B 1 
HETATM 932  C  C4B . HEM B 2 .   ? 2.364   -0.358  -2.442  1.00 2.00  ? 719 HEM A C4B 1 
HETATM 933  C  CMB . HEM B 2 .   ? 1.707   -0.772  -6.111  1.00 5.86  ? 719 HEM A CMB 1 
HETATM 934  C  CAB . HEM B 2 .   ? -0.065  -0.939  -3.461  1.00 8.38  ? 719 HEM A CAB 1 
HETATM 935  C  CBB . HEM B 2 .   ? -0.568  -1.700  -2.230  1.00 2.00  ? 719 HEM A CBB 1 
HETATM 936  C  C1C . HEM B 2 .   ? 2.931   0.007   -0.085  1.00 6.98  ? 719 HEM A C1C 1 
HETATM 937  C  C2C . HEM B 2 .   ? 2.541   0.174   1.354   1.00 4.98  ? 719 HEM A C2C 1 
HETATM 938  C  C3C . HEM B 2 .   ? 3.659   0.426   2.027   1.00 5.92  ? 719 HEM A C3C 1 
HETATM 939  C  C4C . HEM B 2 .   ? 4.738   0.410   1.063   1.00 5.31  ? 719 HEM A C4C 1 
HETATM 940  C  CMC . HEM B 2 .   ? 1.101   0.110   1.873   1.00 2.00  ? 719 HEM A CMC 1 
HETATM 941  C  CAC . HEM B 2 .   ? 3.871   0.905   3.479   1.00 5.41  ? 719 HEM A CAC 1 
HETATM 942  C  CBC . HEM B 2 .   ? 2.963   0.263   4.532   1.00 7.52  ? 719 HEM A CBC 1 
HETATM 943  C  C1D . HEM B 2 .   ? 7.031   0.860   0.481   1.00 16.15 ? 719 HEM A C1D 1 
HETATM 944  C  C2D . HEM B 2 .   ? 8.364   1.194   0.838   1.00 13.47 ? 719 HEM A C2D 1 
HETATM 945  C  C3D . HEM B 2 .   ? 9.039   1.400   -0.304  1.00 17.91 ? 719 HEM A C3D 1 
HETATM 946  C  C4D . HEM B 2 .   ? 8.116   1.203   -1.402  1.00 10.93 ? 719 HEM A C4D 1 
HETATM 947  C  CMD . HEM B 2 .   ? 8.905   1.169   2.254   1.00 13.34 ? 719 HEM A CMD 1 
HETATM 948  C  CAD . HEM B 2 .   ? 10.479  1.821   -0.453  1.00 19.19 ? 719 HEM A CAD 1 
HETATM 949  C  CBD . HEM B 2 .   ? 10.591  3.369   -0.426  1.00 26.55 ? 719 HEM A CBD 1 
HETATM 950  C  CGD . HEM B 2 .   ? 11.726  3.885   -1.252  1.00 35.17 ? 719 HEM A CGD 1 
HETATM 951  O  O1D . HEM B 2 .   ? 11.923  5.114   -1.293  1.00 35.72 ? 719 HEM A O1D 1 
HETATM 952  O  O2D . HEM B 2 .   ? 12.385  3.012   -1.880  1.00 39.76 ? 719 HEM A O2D 1 
HETATM 953  N  NA  . HEM B 2 .   ? 6.263   0.715   -3.682  1.00 8.16  ? 719 HEM A NA  1 
HETATM 954  N  NB  . HEM B 2 .   ? 3.620   -0.069  -2.940  1.00 2.00  ? 719 HEM A NB  1 
HETATM 955  N  NC  . HEM B 2 .   ? 4.282   0.182   -0.227  1.00 2.00  ? 719 HEM A NC  1 
HETATM 956  N  ND  . HEM B 2 .   ? 6.881   0.864   -0.928  1.00 6.73  ? 719 HEM A ND  1 
HETATM 957  FE FE  . HEM B 2 .   ? 5.283   0.383   -1.952  1.00 14.89 ? 719 HEM A FE  1 
HETATM 958  N  N1  . 1MZ C 3 .   ? 4.365   4.328   -2.908  1.00 21.43 ? 111 1MZ A N1  1 
HETATM 959  C  C2  . 1MZ C 3 .   ? 4.595   3.055   -3.180  1.00 19.21 ? 111 1MZ A C2  1 
HETATM 960  N  N3  . 1MZ C 3 .   ? 4.865   2.372   -2.048  1.00 21.12 ? 111 1MZ A N3  1 
HETATM 961  C  C4  . 1MZ C 3 .   ? 4.800   3.234   -0.976  1.00 18.01 ? 111 1MZ A C4  1 
HETATM 962  C  C5  . 1MZ C 3 .   ? 4.489   4.449   -1.510  1.00 19.99 ? 111 1MZ A C5  1 
HETATM 963  C  CM1 . 1MZ C 3 .   ? 4.016   5.477   -3.950  1.00 19.52 ? 111 1MZ A CM1 1 
HETATM 964  O  O   . HOH D 4 .   ? -4.072  -4.207  12.782  1.00 7.92  ? 1   HOH A O   1 
HETATM 965  O  O   . HOH D 4 .   ? 8.185   -8.484  -3.025  1.00 11.85 ? 2   HOH A O   1 
HETATM 966  O  O   . HOH D 4 .   ? 7.035   -6.172  0.065   1.00 26.89 ? 3   HOH A O   1 
HETATM 967  O  O   . HOH D 4 .   ? -18.904 6.868   -10.636 1.00 39.32 ? 4   HOH A O   1 
HETATM 968  O  O   . HOH D 4 .   ? -1.655  -13.934 8.643   1.00 2.00  ? 5   HOH A O   1 
HETATM 969  O  O   . HOH D 4 .   ? -12.060 -8.763  -2.357  1.00 30.21 ? 6   HOH A O   1 
HETATM 970  O  O   . HOH D 4 .   ? 2.628   -12.828 2.652   1.00 14.07 ? 7   HOH A O   1 
HETATM 971  O  O   . HOH D 4 .   ? 9.091   -6.795  12.742  1.00 19.86 ? 9   HOH A O   1 
HETATM 972  O  O   . HOH D 4 .   ? 6.451   -9.825  -11.032 1.00 50.40 ? 10  HOH A O   1 
HETATM 973  O  O   . HOH D 4 .   ? -9.787  5.818   2.632   1.00 54.55 ? 11  HOH A O   1 
HETATM 974  O  O   . HOH D 4 .   ? -8.567  11.273  9.590   1.00 54.55 ? 12  HOH A O   1 
HETATM 975  O  O   . HOH D 4 .   ? -9.107  2.026   12.303  1.00 37.92 ? 13  HOH A O   1 
HETATM 976  O  O   . HOH D 4 .   ? 11.778  -8.009  -4.876  1.00 41.17 ? 14  HOH A O   1 
HETATM 977  O  O   . HOH D 4 .   ? 15.997  1.949   6.633   1.00 30.33 ? 15  HOH A O   1 
HETATM 978  O  O   . HOH D 4 .   ? -5.033  -8.258  -1.895  1.00 5.34  ? 16  HOH A O   1 
HETATM 979  O  O   . HOH D 4 .   ? 0.722   9.814   -9.029  1.00 17.90 ? 17  HOH A O   1 
HETATM 980  O  O   . HOH D 4 .   ? 13.097  -3.239  -11.617 1.00 52.58 ? 18  HOH A O   1 
HETATM 981  O  O   . HOH D 4 .   ? -7.522  4.013   8.339   1.00 12.29 ? 19  HOH A O   1 
HETATM 982  O  O   . HOH D 4 .   ? 15.117  -5.652  3.297   1.00 48.26 ? 20  HOH A O   1 
HETATM 983  O  O   . HOH D 4 .   ? 1.391   1.053   -9.627  1.00 31.53 ? 21  HOH A O   1 
HETATM 984  O  O   . HOH D 4 .   ? -8.297  -2.897  12.409  1.00 33.97 ? 22  HOH A O   1 
HETATM 985  O  O   . HOH D 4 .   ? -1.059  -9.801  -10.416 1.00 21.43 ? 24  HOH A O   1 
HETATM 986  O  O   . HOH D 4 .   ? -3.122  9.095   0.638   1.00 26.18 ? 25  HOH A O   1 
HETATM 987  O  O   . HOH D 4 .   ? 8.714   10.136  7.228   1.00 23.39 ? 26  HOH A O   1 
HETATM 988  O  O   . HOH D 4 .   ? 10.064  10.327  10.737  1.00 42.26 ? 27  HOH A O   1 
HETATM 989  O  O   . HOH D 4 .   ? 14.431  3.742   17.182  1.00 29.47 ? 28  HOH A O   1 
HETATM 990  O  O   . HOH D 4 .   ? 9.964   -9.521  -11.222 1.00 38.30 ? 29  HOH A O   1 
HETATM 991  O  O   . HOH D 4 .   ? -20.101 5.198   -28.114 1.00 55.73 ? 30  HOH A O   1 
HETATM 992  O  O   . HOH D 4 .   ? 12.460  -8.614  -8.268  1.00 33.50 ? 31  HOH A O   1 
HETATM 993  O  O   . HOH D 4 .   ? 21.173  10.785  -5.008  1.00 42.72 ? 32  HOH A O   1 
HETATM 994  O  O   . HOH D 4 .   ? -9.146  -8.695  15.163  1.00 32.82 ? 33  HOH A O   1 
HETATM 995  O  O   . HOH D 4 .   ? 13.111  5.555   10.155  1.00 41.06 ? 34  HOH A O   1 
HETATM 996  O  O   . HOH D 4 .   ? 11.911  5.139   18.974  1.00 28.42 ? 35  HOH A O   1 
HETATM 997  O  O   . HOH D 4 .   ? 11.447  -2.989  11.091  1.00 42.67 ? 37  HOH A O   1 
HETATM 998  O  O   . HOH D 4 .   ? 1.268   -2.126  -9.060  1.00 37.44 ? 41  HOH A O   1 
HETATM 999  O  O   . HOH D 4 .   ? 8.553   -7.830  16.658  1.00 41.85 ? 42  HOH A O   1 
HETATM 1000 O  O   . HOH D 4 .   ? -9.261  13.611  3.233   1.00 53.01 ? 45  HOH A O   1 
HETATM 1001 O  O   . HOH D 4 .   ? -5.836  0.689   -10.832 1.00 51.25 ? 47  HOH A O   1 
HETATM 1002 O  O   . HOH D 4 .   ? -10.840 -11.985 11.286  1.00 34.94 ? 49  HOH A O   1 
HETATM 1003 O  O   . HOH D 4 .   ? -9.600  -9.698  12.779  1.00 26.64 ? 51  HOH A O   1 
HETATM 1004 O  O   . HOH D 4 .   ? 7.281   -12.158 3.027   1.00 31.78 ? 52  HOH A O   1 
HETATM 1005 O  O   . HOH D 4 .   ? 17.219  9.310   4.581   1.00 54.11 ? 53  HOH A O   1 
HETATM 1006 O  O   . HOH D 4 .   ? 4.543   7.576   -0.669  1.00 39.59 ? 54  HOH A O   1 
# 
